data_4APB
#
_entry.id   4APB
#
_cell.length_a   97.997
_cell.length_b   98.736
_cell.length_c   188.171
_cell.angle_alpha   90.00
_cell.angle_beta   90.00
_cell.angle_gamma   90.00
#
_symmetry.space_group_name_H-M   'P 21 21 21'
#
loop_
_entity.id
_entity.type
_entity.pdbx_description
1 polymer 'FUMARATE HYDRATASE CLASS II'
2 non-polymer 'FUMARIC ACID'
3 non-polymer 'CALCIUM ION'
4 water water
#
_entity_poly.entity_id   1
_entity_poly.type   'polypeptide(L)'
_entity_poly.pdbx_seq_one_letter_code
;GAVDADSANYRIEHDTMGEVRVPAKALWRAQTQRAVENFPISGRGLERTQIRALGLLKGACAQVNSDLGLLAPEKADAII
AAAAEIADGQHDDQFPIDVFQTGSGTSSNMNTNEVIASIAAKGGVTLHPNDDVNMSQSSNDTFPTATHIAATEAAVAHLI
PALQQLHDALAAKALDWHTVVKSGRTHLMDAVPVTLGQEFSGYARQIEAGIERVRACLPRLGELAIGGTAVGTGLNAPDD
FGVRVVAVLVAQTGLSELRTAANSFEAQAARDGLVEASGALRTIAVSLTKIANDIRWMGSGPLTGLAEIQLPDLQPGCSI
MPGKVNPVLPEAVTQVAAQVIGNDAAIAWGGANGAFELNVYIPMMARNILESFKLLTNVSRLFAQRCIAGLTANVEHLRR
LAESSPSIVTPLNSAIGYEEAAAVAKQALKERKTIRQTVIDRGLIGDRLSIEDLDRRLDVLAMAKAEQLDSDRL
;
_entity_poly.pdbx_strand_id   A,B,C,D
#
loop_
_chem_comp.id
_chem_comp.type
_chem_comp.name
_chem_comp.formula
CA non-polymer 'CALCIUM ION' 'Ca 2'
FUM non-polymer 'FUMARIC ACID' 'C4 H4 O4'
#
# COMPACT_ATOMS: atom_id res chain seq x y z
N ASN A 9 39.16 -25.75 -0.34
CA ASN A 9 39.93 -25.64 0.89
C ASN A 9 39.20 -24.74 1.90
N TYR A 10 39.19 -25.19 3.17
CA TYR A 10 38.54 -24.50 4.27
C TYR A 10 39.48 -24.33 5.45
N ARG A 11 39.12 -23.45 6.39
CA ARG A 11 39.85 -23.26 7.64
C ARG A 11 38.82 -23.20 8.77
N ILE A 12 39.25 -23.48 10.00
CA ILE A 12 38.36 -23.45 11.15
C ILE A 12 38.42 -22.08 11.81
N GLU A 13 37.26 -21.53 12.11
CA GLU A 13 37.10 -20.31 12.88
C GLU A 13 36.11 -20.68 13.99
N HIS A 14 36.01 -19.86 15.03
CA HIS A 14 35.08 -20.21 16.09
C HIS A 14 34.37 -18.97 16.61
N ASP A 15 33.25 -19.20 17.26
CA ASP A 15 32.48 -18.20 17.95
C ASP A 15 32.00 -18.85 19.25
N THR A 16 31.13 -18.18 20.01
CA THR A 16 30.67 -18.72 21.31
C THR A 16 29.69 -19.90 21.12
N MET A 17 29.30 -20.21 19.88
CA MET A 17 28.39 -21.31 19.57
C MET A 17 29.19 -22.55 19.14
N GLY A 18 30.44 -22.37 18.72
CA GLY A 18 31.30 -23.47 18.35
C GLY A 18 32.18 -23.20 17.15
N GLU A 19 32.72 -24.28 16.56
CA GLU A 19 33.62 -24.23 15.41
C GLU A 19 32.85 -24.21 14.11
N VAL A 20 33.36 -23.44 13.15
CA VAL A 20 32.73 -23.27 11.84
C VAL A 20 33.78 -23.39 10.74
N ARG A 21 33.47 -24.18 9.69
CA ARG A 21 34.35 -24.30 8.53
C ARG A 21 34.09 -23.08 7.62
N VAL A 22 35.14 -22.32 7.34
CA VAL A 22 35.07 -21.08 6.53
C VAL A 22 35.97 -21.24 5.27
N PRO A 23 35.55 -20.79 4.04
CA PRO A 23 36.46 -20.89 2.88
C PRO A 23 37.84 -20.30 3.21
N ALA A 24 38.91 -21.04 2.90
CA ALA A 24 40.31 -20.72 3.24
C ALA A 24 40.70 -19.25 3.00
N LYS A 25 40.34 -18.68 1.83
CA LYS A 25 40.71 -17.32 1.44
C LYS A 25 39.72 -16.23 1.90
N ALA A 26 38.55 -16.59 2.45
CA ALA A 26 37.57 -15.58 2.89
C ALA A 26 38.12 -14.77 4.07
N LEU A 27 37.90 -13.42 4.04
CA LEU A 27 38.37 -12.56 5.15
C LEU A 27 37.35 -12.55 6.28
N TRP A 28 36.13 -13.07 6.03
CA TRP A 28 35.14 -13.16 7.09
C TRP A 28 35.46 -14.38 7.98
N ARG A 29 34.77 -14.51 9.12
CA ARG A 29 35.06 -15.64 10.02
C ARG A 29 33.77 -16.42 10.38
N ALA A 30 33.68 -17.02 11.58
CA ALA A 30 32.62 -17.92 12.01
C ALA A 30 31.19 -17.37 11.88
N GLN A 31 30.92 -16.16 12.41
CA GLN A 31 29.55 -15.63 12.43
C GLN A 31 29.04 -15.24 11.07
N THR A 32 29.93 -14.73 10.21
CA THR A 32 29.51 -14.41 8.83
C THR A 32 29.16 -15.70 8.10
N GLN A 33 29.99 -16.75 8.30
CA GLN A 33 29.76 -18.04 7.63
C GLN A 33 28.43 -18.66 8.08
N ARG A 34 28.09 -18.60 9.38
CA ARG A 34 26.79 -19.11 9.87
C ARG A 34 25.65 -18.36 9.15
N ALA A 35 25.78 -17.03 9.00
CA ALA A 35 24.78 -16.18 8.36
C ALA A 35 24.63 -16.51 6.87
N VAL A 36 25.73 -16.92 6.21
CA VAL A 36 25.70 -17.35 4.79
C VAL A 36 24.79 -18.58 4.67
N GLU A 37 24.88 -19.50 5.64
CA GLU A 37 24.08 -20.74 5.64
C GLU A 37 22.66 -20.52 6.14
N ASN A 38 22.43 -19.56 7.05
CA ASN A 38 21.11 -19.33 7.62
C ASN A 38 20.17 -18.52 6.72
N PHE A 39 20.70 -17.58 5.94
CA PHE A 39 19.82 -16.70 5.17
C PHE A 39 19.99 -16.73 3.63
N PRO A 40 20.11 -17.88 2.90
CA PRO A 40 20.18 -17.80 1.42
C PRO A 40 18.77 -17.53 0.87
N ILE A 41 18.35 -16.26 0.88
CA ILE A 41 16.98 -15.90 0.58
C ILE A 41 16.82 -15.08 -0.69
N SER A 42 17.43 -13.88 -0.75
CA SER A 42 17.32 -13.05 -1.94
C SER A 42 18.51 -13.25 -2.87
N GLY A 43 19.64 -13.70 -2.32
CA GLY A 43 20.87 -13.88 -3.08
C GLY A 43 21.61 -12.55 -3.28
N ARG A 44 21.20 -11.48 -2.58
CA ARG A 44 21.84 -10.17 -2.65
C ARG A 44 22.25 -9.72 -1.28
N GLY A 45 23.46 -9.18 -1.17
CA GLY A 45 23.99 -8.66 0.09
C GLY A 45 23.88 -7.15 0.19
N LEU A 46 24.59 -6.55 1.17
CA LEU A 46 24.58 -5.09 1.34
C LEU A 46 25.14 -4.37 0.10
N GLU A 47 24.62 -3.18 -0.20
CA GLU A 47 25.06 -2.36 -1.34
C GLU A 47 26.35 -1.64 -0.99
N ARG A 48 27.07 -1.17 -2.02
CA ARG A 48 28.32 -0.42 -1.90
C ARG A 48 28.17 0.73 -0.87
N THR A 49 27.07 1.49 -0.94
CA THR A 49 26.80 2.61 -0.04
CA THR A 49 26.79 2.61 -0.03
C THR A 49 26.66 2.15 1.43
N GLN A 50 26.12 0.94 1.65
CA GLN A 50 25.92 0.40 3.00
C GLN A 50 27.24 -0.05 3.60
N ILE A 51 28.05 -0.75 2.81
CA ILE A 51 29.36 -1.25 3.26
C ILE A 51 30.28 -0.04 3.53
N ARG A 52 30.17 1.03 2.71
CA ARG A 52 30.94 2.26 2.92
C ARG A 52 30.62 2.88 4.29
N ALA A 53 29.32 3.04 4.61
CA ALA A 53 28.87 3.65 5.88
C ALA A 53 29.32 2.78 7.07
N LEU A 54 29.29 1.44 6.93
CA LEU A 54 29.75 0.55 8.00
C LEU A 54 31.25 0.70 8.24
N GLY A 55 32.03 0.80 7.16
CA GLY A 55 33.47 1.00 7.24
C GLY A 55 33.81 2.34 7.87
N LEU A 56 33.16 3.40 7.40
CA LEU A 56 33.33 4.77 7.92
C LEU A 56 33.04 4.80 9.43
N LEU A 57 31.91 4.19 9.85
CA LEU A 57 31.49 4.15 11.26
C LEU A 57 32.46 3.35 12.14
N LYS A 58 32.92 2.17 11.67
CA LYS A 58 33.87 1.34 12.43
C LYS A 58 35.17 2.07 12.70
N GLY A 59 35.67 2.80 11.71
CA GLY A 59 36.88 3.61 11.82
C GLY A 59 36.68 4.74 12.83
N ALA A 60 35.53 5.45 12.74
CA ALA A 60 35.23 6.56 13.65
C ALA A 60 35.14 6.06 15.10
N CYS A 61 34.55 4.87 15.33
CA CYS A 61 34.45 4.26 16.65
C CYS A 61 35.84 3.93 17.20
N ALA A 62 36.75 3.38 16.35
CA ALA A 62 38.12 3.06 16.78
C ALA A 62 38.87 4.33 17.13
N GLN A 63 38.67 5.41 16.33
CA GLN A 63 39.32 6.69 16.59
C GLN A 63 38.91 7.23 17.97
N VAL A 64 37.61 7.20 18.29
CA VAL A 64 37.10 7.71 19.56
C VAL A 64 37.60 6.84 20.73
N ASN A 65 37.57 5.49 20.58
CA ASN A 65 38.07 4.60 21.61
C ASN A 65 39.56 4.88 21.89
N SER A 66 40.33 5.19 20.84
CA SER A 66 41.75 5.55 20.92
C SER A 66 41.90 6.88 21.66
N ASP A 67 41.11 7.91 21.26
CA ASP A 67 41.15 9.26 21.87
C ASP A 67 40.86 9.22 23.37
N LEU A 68 39.95 8.31 23.79
CA LEU A 68 39.56 8.19 25.19
C LEU A 68 40.48 7.22 25.98
N GLY A 69 41.52 6.71 25.33
CA GLY A 69 42.50 5.81 25.96
C GLY A 69 41.96 4.44 26.30
N LEU A 70 40.90 4.00 25.61
CA LEU A 70 40.25 2.71 25.84
C LEU A 70 40.83 1.60 24.97
N LEU A 71 41.45 1.99 23.86
CA LEU A 71 42.01 1.06 22.90
C LEU A 71 43.44 1.47 22.58
N ALA A 72 44.37 0.51 22.69
CA ALA A 72 45.79 0.73 22.41
C ALA A 72 45.97 1.35 21.01
N PRO A 73 46.82 2.38 20.87
CA PRO A 73 46.99 3.04 19.55
C PRO A 73 47.31 2.09 18.39
N GLU A 74 48.13 1.03 18.60
CA GLU A 74 48.48 0.06 17.57
C GLU A 74 47.23 -0.67 17.06
N LYS A 75 46.32 -1.06 17.99
CA LYS A 75 45.08 -1.75 17.66
C LYS A 75 44.12 -0.81 16.92
N ALA A 76 43.97 0.44 17.41
CA ALA A 76 43.09 1.45 16.82
C ALA A 76 43.55 1.80 15.41
N ASP A 77 44.87 1.96 15.21
CA ASP A 77 45.45 2.28 13.89
C ASP A 77 45.16 1.16 12.90
N ALA A 78 45.25 -0.12 13.33
CA ALA A 78 44.98 -1.27 12.47
C ALA A 78 43.48 -1.27 12.08
N ILE A 79 42.57 -0.98 13.02
CA ILE A 79 41.12 -0.92 12.73
C ILE A 79 40.85 0.23 11.74
N ILE A 80 41.39 1.44 12.01
CA ILE A 80 41.21 2.63 11.18
C ILE A 80 41.69 2.34 9.74
N ALA A 81 42.88 1.72 9.59
CA ALA A 81 43.41 1.38 8.25
C ALA A 81 42.50 0.36 7.54
N ALA A 82 42.09 -0.73 8.23
CA ALA A 82 41.23 -1.79 7.65
C ALA A 82 39.84 -1.25 7.30
N ALA A 83 39.23 -0.45 8.22
CA ALA A 83 37.92 0.16 8.01
C ALA A 83 37.92 1.09 6.79
N ALA A 84 39.02 1.84 6.57
CA ALA A 84 39.19 2.72 5.40
C ALA A 84 39.20 1.91 4.09
N GLU A 85 39.83 0.71 4.09
CA GLU A 85 39.84 -0.18 2.90
C GLU A 85 38.41 -0.65 2.61
N ILE A 86 37.66 -1.04 3.67
CA ILE A 86 36.26 -1.47 3.56
C ILE A 86 35.42 -0.32 3.01
N ALA A 87 35.54 0.88 3.62
CA ALA A 87 34.77 2.06 3.18
C ALA A 87 35.07 2.42 1.71
N ASP A 88 36.33 2.21 1.26
CA ASP A 88 36.79 2.52 -0.10
C ASP A 88 36.29 1.49 -1.15
N GLY A 89 35.79 0.34 -0.72
CA GLY A 89 35.26 -0.68 -1.64
C GLY A 89 36.19 -1.80 -2.04
N GLN A 90 37.35 -1.93 -1.37
CA GLN A 90 38.34 -2.98 -1.66
C GLN A 90 37.88 -4.39 -1.26
N HIS A 91 36.91 -4.49 -0.35
CA HIS A 91 36.49 -5.76 0.24
C HIS A 91 35.00 -6.04 0.16
N ASP A 92 34.26 -5.48 -0.83
CA ASP A 92 32.81 -5.73 -0.94
C ASP A 92 32.51 -7.23 -1.15
N ASP A 93 33.45 -7.97 -1.78
CA ASP A 93 33.33 -9.40 -2.00
C ASP A 93 33.45 -10.19 -0.66
N GLN A 94 33.83 -9.49 0.44
CA GLN A 94 33.97 -10.12 1.78
C GLN A 94 32.70 -9.91 2.64
N PHE A 95 31.61 -9.39 2.01
CA PHE A 95 30.32 -9.15 2.67
C PHE A 95 29.23 -10.01 1.97
N PRO A 96 29.24 -11.35 2.17
CA PRO A 96 28.30 -12.21 1.40
C PRO A 96 26.91 -12.39 2.02
N ILE A 97 26.67 -11.82 3.20
CA ILE A 97 25.41 -12.02 3.91
C ILE A 97 24.24 -11.35 3.19
N ASP A 98 23.13 -12.09 3.09
CA ASP A 98 21.87 -11.65 2.53
C ASP A 98 21.32 -10.45 3.27
N VAL A 99 20.52 -9.63 2.55
CA VAL A 99 19.75 -8.54 3.15
C VAL A 99 18.80 -9.12 4.20
N PHE A 100 18.17 -10.27 3.89
CA PHE A 100 17.14 -10.86 4.76
C PHE A 100 17.78 -11.71 5.86
N GLN A 101 18.55 -11.03 6.72
CA GLN A 101 19.27 -11.61 7.84
C GLN A 101 18.54 -11.24 9.13
N THR A 102 19.13 -11.52 10.30
CA THR A 102 18.59 -11.10 11.59
C THR A 102 18.29 -9.59 11.52
N GLY A 103 17.11 -9.20 11.99
CA GLY A 103 16.55 -7.85 11.88
C GLY A 103 17.30 -6.69 12.50
N SER A 104 18.29 -6.97 13.34
CA SER A 104 19.12 -5.93 13.95
C SER A 104 20.34 -5.60 13.08
N GLY A 105 20.63 -6.48 12.12
CA GLY A 105 21.85 -6.36 11.32
C GLY A 105 23.05 -6.91 12.09
N THR A 106 22.83 -7.75 13.14
CA THR A 106 23.94 -8.35 13.92
C THR A 106 24.96 -9.04 12.99
N SER A 107 24.47 -9.81 12.04
CA SER A 107 25.31 -10.57 11.11
C SER A 107 26.23 -9.63 10.29
N SER A 108 25.67 -8.56 9.69
CA SER A 108 26.50 -7.61 8.92
C SER A 108 27.44 -6.83 9.83
N ASN A 109 27.04 -6.54 11.10
CA ASN A 109 27.96 -5.90 12.05
C ASN A 109 29.15 -6.84 12.34
N MET A 110 28.86 -8.12 12.61
CA MET A 110 29.92 -9.10 12.88
C MET A 110 30.73 -9.33 11.62
N ASN A 111 30.11 -9.22 10.44
CA ASN A 111 30.82 -9.34 9.16
C ASN A 111 31.92 -8.27 9.09
N THR A 112 31.60 -7.02 9.46
CA THR A 112 32.57 -5.92 9.44
C THR A 112 33.69 -6.18 10.47
N ASN A 113 33.34 -6.60 11.69
CA ASN A 113 34.29 -6.88 12.77
C ASN A 113 35.27 -7.99 12.38
N GLU A 114 34.75 -9.07 11.81
CA GLU A 114 35.56 -10.24 11.42
C GLU A 114 36.51 -9.90 10.26
N VAL A 115 36.02 -9.18 9.24
CA VAL A 115 36.83 -8.81 8.07
C VAL A 115 37.97 -7.86 8.53
N ILE A 116 37.68 -6.90 9.45
CA ILE A 116 38.70 -5.98 9.97
C ILE A 116 39.77 -6.79 10.73
N ALA A 117 39.37 -7.78 11.54
CA ALA A 117 40.32 -8.59 12.29
C ALA A 117 41.22 -9.39 11.34
N SER A 118 40.66 -9.90 10.22
CA SER A 118 41.45 -10.64 9.23
C SER A 118 42.45 -9.72 8.49
N ILE A 119 42.01 -8.49 8.13
CA ILE A 119 42.90 -7.52 7.46
C ILE A 119 44.08 -7.16 8.41
N ALA A 120 43.75 -6.83 9.67
CA ALA A 120 44.74 -6.46 10.69
C ALA A 120 45.76 -7.59 10.93
N ALA A 121 45.29 -8.86 10.91
CA ALA A 121 46.13 -10.04 11.11
C ALA A 121 47.22 -10.12 10.04
N LYS A 122 46.96 -9.61 8.81
CA LYS A 122 47.95 -9.63 7.73
C LYS A 122 49.16 -8.75 8.05
N GLY A 123 48.99 -7.72 8.90
CA GLY A 123 50.08 -6.86 9.34
C GLY A 123 50.63 -7.24 10.70
N GLY A 124 50.18 -8.39 11.20
CA GLY A 124 50.67 -8.89 12.48
C GLY A 124 50.00 -8.24 13.67
N VAL A 125 48.77 -7.69 13.52
CA VAL A 125 48.04 -7.13 14.67
C VAL A 125 46.86 -8.06 14.95
N THR A 126 46.77 -8.59 16.18
CA THR A 126 45.69 -9.46 16.62
C THR A 126 44.58 -8.60 17.21
N LEU A 127 43.40 -8.66 16.61
CA LEU A 127 42.22 -7.96 17.08
C LEU A 127 41.10 -8.93 17.33
N HIS A 128 40.47 -8.86 18.50
CA HIS A 128 39.30 -9.68 18.77
C HIS A 128 38.10 -8.97 18.13
N PRO A 129 37.30 -9.68 17.29
CA PRO A 129 36.16 -9.01 16.61
C PRO A 129 35.17 -8.35 17.57
N ASN A 130 34.98 -8.94 18.77
CA ASN A 130 34.06 -8.36 19.76
C ASN A 130 34.80 -7.36 20.67
N ASP A 131 35.82 -7.84 21.41
CA ASP A 131 36.51 -7.05 22.43
C ASP A 131 37.22 -5.79 21.88
N ASP A 132 37.77 -5.87 20.66
CA ASP A 132 38.50 -4.74 20.08
C ASP A 132 37.73 -3.98 18.99
N VAL A 133 37.36 -4.67 17.91
CA VAL A 133 36.73 -4.03 16.75
C VAL A 133 35.33 -3.52 17.11
N ASN A 134 34.66 -4.20 18.06
CA ASN A 134 33.31 -3.82 18.49
C ASN A 134 33.30 -3.10 19.85
N MET A 135 34.48 -2.66 20.35
CA MET A 135 34.54 -1.95 21.64
C MET A 135 33.59 -0.75 21.67
N SER A 136 32.79 -0.61 22.77
CA SER A 136 31.82 0.47 23.03
C SER A 136 30.62 0.44 22.08
N GLN A 137 30.43 -0.68 21.37
CA GLN A 137 29.38 -0.74 20.35
C GLN A 137 28.43 -1.92 20.49
N SER A 138 27.35 -1.84 19.74
CA SER A 138 26.36 -2.87 19.54
C SER A 138 25.99 -2.84 18.08
N SER A 139 25.35 -3.89 17.58
CA SER A 139 24.80 -3.84 16.22
C SER A 139 23.55 -2.95 16.26
N ASN A 140 22.90 -2.86 17.45
CA ASN A 140 21.64 -2.16 17.66
C ASN A 140 21.74 -0.65 17.54
N ASP A 141 22.94 -0.09 17.73
CA ASP A 141 23.13 1.34 17.48
C ASP A 141 23.97 1.52 16.19
N THR A 142 24.98 0.66 15.93
CA THR A 142 25.79 0.86 14.71
C THR A 142 25.04 0.53 13.40
N PHE A 143 24.23 -0.55 13.34
CA PHE A 143 23.59 -0.87 12.07
C PHE A 143 22.52 0.21 11.70
N PRO A 144 21.64 0.69 12.60
CA PRO A 144 20.77 1.81 12.19
C PRO A 144 21.58 3.09 11.96
N THR A 145 22.72 3.30 12.66
CA THR A 145 23.54 4.49 12.43
C THR A 145 24.09 4.46 11.01
N ALA A 146 24.65 3.32 10.58
CA ALA A 146 25.22 3.19 9.22
C ALA A 146 24.11 3.33 8.18
N THR A 147 22.89 2.85 8.49
CA THR A 147 21.73 2.98 7.60
C THR A 147 21.34 4.47 7.45
N HIS A 148 21.25 5.19 8.57
CA HIS A 148 20.87 6.60 8.56
C HIS A 148 21.98 7.47 7.94
N ILE A 149 23.27 7.10 8.09
CA ILE A 149 24.36 7.83 7.42
C ILE A 149 24.18 7.69 5.90
N ALA A 150 23.98 6.45 5.43
CA ALA A 150 23.82 6.15 4.01
C ALA A 150 22.59 6.85 3.44
N ALA A 151 21.47 6.86 4.20
CA ALA A 151 20.24 7.52 3.76
C ALA A 151 20.42 9.04 3.70
N THR A 152 21.10 9.62 4.72
CA THR A 152 21.34 11.08 4.77
C THR A 152 22.26 11.49 3.62
N GLU A 153 23.32 10.73 3.37
CA GLU A 153 24.24 11.00 2.27
C GLU A 153 23.50 10.90 0.92
N ALA A 154 22.64 9.87 0.73
CA ALA A 154 21.86 9.69 -0.49
C ALA A 154 20.94 10.92 -0.74
N ALA A 155 20.32 11.44 0.34
CA ALA A 155 19.42 12.59 0.24
C ALA A 155 20.15 13.89 -0.11
N VAL A 156 21.20 14.22 0.63
CA VAL A 156 21.91 15.48 0.55
C VAL A 156 22.84 15.55 -0.67
N ALA A 157 23.70 14.54 -0.83
CA ALA A 157 24.72 14.57 -1.86
C ALA A 157 24.24 14.06 -3.22
N HIS A 158 23.14 13.30 -3.28
CA HIS A 158 22.74 12.71 -4.55
C HIS A 158 21.33 13.07 -5.00
N LEU A 159 20.30 12.80 -4.19
CA LEU A 159 18.94 13.07 -4.64
C LEU A 159 18.64 14.56 -4.82
N ILE A 160 18.92 15.39 -3.80
CA ILE A 160 18.63 16.84 -3.88
C ILE A 160 19.34 17.44 -5.14
N PRO A 161 20.64 17.22 -5.42
CA PRO A 161 21.23 17.77 -6.67
C PRO A 161 20.56 17.25 -7.94
N ALA A 162 20.14 15.97 -7.98
CA ALA A 162 19.45 15.38 -9.14
C ALA A 162 18.08 16.05 -9.32
N LEU A 163 17.33 16.27 -8.23
CA LEU A 163 16.04 16.97 -8.33
C LEU A 163 16.26 18.43 -8.72
N GLN A 164 17.33 19.06 -8.22
CA GLN A 164 17.64 20.46 -8.61
C GLN A 164 17.89 20.53 -10.14
N GLN A 165 18.61 19.54 -10.67
CA GLN A 165 18.89 19.44 -12.12
C GLN A 165 17.58 19.32 -12.90
N LEU A 166 16.65 18.45 -12.44
CA LEU A 166 15.36 18.29 -13.09
C LEU A 166 14.54 19.55 -12.98
N HIS A 167 14.50 20.17 -11.79
CA HIS A 167 13.78 21.43 -11.60
C HIS A 167 14.25 22.49 -12.60
N ASP A 168 15.57 22.65 -12.72
CA ASP A 168 16.18 23.67 -13.59
C ASP A 168 15.85 23.42 -15.06
N ALA A 169 15.80 22.13 -15.49
CA ALA A 169 15.42 21.78 -16.86
C ALA A 169 13.94 22.13 -17.11
N LEU A 170 13.07 21.84 -16.13
CA LEU A 170 11.63 22.14 -16.24
C LEU A 170 11.40 23.66 -16.24
N ALA A 171 12.11 24.39 -15.36
CA ALA A 171 12.02 25.86 -15.27
C ALA A 171 12.56 26.53 -16.57
N ALA A 172 13.58 25.93 -17.20
CA ALA A 172 14.12 26.46 -18.46
C ALA A 172 13.05 26.40 -19.56
N LYS A 173 12.26 25.29 -19.59
CA LYS A 173 11.17 25.14 -20.57
C LYS A 173 10.00 26.09 -20.25
N ALA A 174 9.74 26.34 -18.94
CA ALA A 174 8.72 27.30 -18.47
C ALA A 174 9.05 28.70 -18.97
N LEU A 175 10.34 29.06 -18.98
CA LEU A 175 10.80 30.34 -19.51
C LEU A 175 10.70 30.35 -21.04
N ASP A 176 11.30 29.35 -21.74
CA ASP A 176 11.29 29.28 -23.21
C ASP A 176 9.89 29.34 -23.79
N TRP A 177 8.95 28.62 -23.18
CA TRP A 177 7.60 28.49 -23.69
C TRP A 177 6.59 29.34 -22.93
N HIS A 178 7.05 30.43 -22.31
CA HIS A 178 6.21 31.32 -21.52
C HIS A 178 4.98 31.85 -22.28
N THR A 179 5.12 32.12 -23.58
CA THR A 179 4.00 32.67 -24.36
C THR A 179 3.59 31.70 -25.48
N VAL A 180 3.87 30.40 -25.32
CA VAL A 180 3.45 29.39 -26.32
C VAL A 180 2.02 28.93 -25.90
N VAL A 181 0.99 29.59 -26.45
CA VAL A 181 -0.40 29.33 -26.11
C VAL A 181 -0.85 27.95 -26.60
N LYS A 182 -1.72 27.31 -25.79
CA LYS A 182 -2.31 26.02 -26.09
C LYS A 182 -3.63 25.91 -25.39
N SER A 183 -4.40 24.85 -25.64
CA SER A 183 -5.64 24.72 -24.88
C SER A 183 -5.37 23.99 -23.58
N GLY A 184 -5.90 24.53 -22.49
CA GLY A 184 -5.88 23.82 -21.23
C GLY A 184 -6.85 22.66 -21.36
N ARG A 185 -6.68 21.65 -20.52
CA ARG A 185 -7.57 20.49 -20.46
C ARG A 185 -7.87 20.17 -19.01
N THR A 186 -9.16 20.07 -18.66
CA THR A 186 -9.59 19.67 -17.31
C THR A 186 -10.55 18.50 -17.51
N HIS A 187 -10.41 17.42 -16.75
CA HIS A 187 -11.23 16.21 -16.90
C HIS A 187 -10.97 15.55 -18.29
N LEU A 188 -9.84 15.94 -18.97
CA LEU A 188 -9.39 15.54 -20.31
C LEU A 188 -10.22 16.26 -21.40
N MET A 189 -11.04 17.22 -20.99
CA MET A 189 -11.94 17.95 -21.91
C MET A 189 -11.47 19.36 -22.18
N ASP A 190 -11.89 19.91 -23.36
CA ASP A 190 -11.53 21.26 -23.84
C ASP A 190 -11.76 22.30 -22.79
N ALA A 191 -10.68 22.97 -22.34
CA ALA A 191 -10.81 24.02 -21.35
C ALA A 191 -10.31 25.34 -21.94
N VAL A 192 -10.10 26.34 -21.10
CA VAL A 192 -9.63 27.65 -21.56
C VAL A 192 -8.10 27.62 -21.83
N PRO A 193 -7.55 28.62 -22.54
CA PRO A 193 -6.11 28.59 -22.84
C PRO A 193 -5.18 28.68 -21.63
N VAL A 194 -4.02 28.05 -21.78
CA VAL A 194 -2.86 28.08 -20.90
C VAL A 194 -1.68 28.21 -21.81
N THR A 195 -0.49 28.43 -21.28
CA THR A 195 0.68 28.38 -22.14
C THR A 195 1.40 27.13 -21.76
N LEU A 196 2.22 26.61 -22.69
CA LEU A 196 3.04 25.42 -22.39
C LEU A 196 4.00 25.77 -21.25
N GLY A 197 4.52 27.00 -21.23
CA GLY A 197 5.40 27.44 -20.16
C GLY A 197 4.73 27.39 -18.79
N GLN A 198 3.45 27.83 -18.69
CA GLN A 198 2.70 27.79 -17.43
C GLN A 198 2.62 26.36 -16.89
N GLU A 199 2.38 25.37 -17.77
CA GLU A 199 2.31 23.96 -17.33
C GLU A 199 3.67 23.52 -16.77
N PHE A 200 4.78 23.88 -17.47
CA PHE A 200 6.15 23.52 -17.03
C PHE A 200 6.52 24.25 -15.73
N SER A 201 5.93 25.43 -15.48
CA SER A 201 6.14 26.12 -14.21
C SER A 201 5.49 25.29 -13.09
N GLY A 202 4.36 24.61 -13.39
CA GLY A 202 3.68 23.75 -12.43
C GLY A 202 4.51 22.54 -12.12
N TYR A 203 5.10 21.93 -13.18
CA TYR A 203 5.98 20.77 -13.04
C TYR A 203 7.22 21.16 -12.23
N ALA A 204 7.88 22.30 -12.58
CA ALA A 204 9.05 22.80 -11.83
C ALA A 204 8.70 23.00 -10.34
N ARG A 205 7.53 23.56 -10.06
CA ARG A 205 7.13 23.74 -8.65
C ARG A 205 6.96 22.40 -7.94
N GLN A 206 6.42 21.36 -8.62
CA GLN A 206 6.28 20.05 -7.97
C GLN A 206 7.64 19.48 -7.56
N ILE A 207 8.66 19.68 -8.42
CA ILE A 207 10.00 19.19 -8.11
C ILE A 207 10.63 20.07 -7.02
N GLU A 208 10.44 21.39 -7.09
CA GLU A 208 10.94 22.32 -6.06
C GLU A 208 10.34 21.94 -4.69
N ALA A 209 9.03 21.64 -4.66
CA ALA A 209 8.34 21.22 -3.44
C ALA A 209 8.89 19.85 -2.98
N GLY A 210 9.29 18.99 -3.93
CA GLY A 210 9.90 17.70 -3.63
C GLY A 210 11.22 17.88 -2.89
N ILE A 211 12.03 18.86 -3.32
CA ILE A 211 13.30 19.20 -2.65
C ILE A 211 13.00 19.71 -1.22
N GLU A 212 11.99 20.59 -1.07
CA GLU A 212 11.56 21.10 0.24
C GLU A 212 11.14 19.95 1.15
N ARG A 213 10.44 18.93 0.59
CA ARG A 213 9.97 17.75 1.36
C ARG A 213 11.16 16.94 1.86
N VAL A 214 12.17 16.71 1.01
CA VAL A 214 13.38 15.97 1.41
C VAL A 214 14.11 16.77 2.50
N ARG A 215 14.27 18.09 2.29
CA ARG A 215 14.96 18.93 3.28
C ARG A 215 14.23 18.93 4.63
N ALA A 216 12.89 18.94 4.62
CA ALA A 216 12.11 18.96 5.86
C ALA A 216 12.27 17.67 6.70
N CYS A 217 12.67 16.54 6.08
CA CYS A 217 12.81 15.29 6.83
C CYS A 217 14.22 15.13 7.41
N LEU A 218 15.21 15.90 6.89
CA LEU A 218 16.63 15.81 7.30
C LEU A 218 16.87 15.95 8.82
N PRO A 219 16.19 16.84 9.60
CA PRO A 219 16.46 16.89 11.05
C PRO A 219 16.25 15.55 11.75
N ARG A 220 15.36 14.67 11.23
CA ARG A 220 15.10 13.37 11.84
C ARG A 220 15.78 12.23 11.07
N LEU A 221 15.97 12.39 9.73
CA LEU A 221 16.69 11.35 8.98
C LEU A 221 18.16 11.29 9.41
N GLY A 222 18.75 12.45 9.69
CA GLY A 222 20.14 12.55 10.11
C GLY A 222 20.44 12.15 11.54
N GLU A 223 19.40 11.86 12.35
CA GLU A 223 19.59 11.42 13.74
C GLU A 223 20.23 10.04 13.77
N LEU A 224 21.31 9.91 14.56
CA LEU A 224 22.06 8.66 14.68
C LEU A 224 21.94 8.07 16.07
N ALA A 225 21.77 6.76 16.14
CA ALA A 225 21.63 5.99 17.37
C ALA A 225 22.97 5.74 18.08
N ILE A 226 24.11 5.96 17.39
CA ILE A 226 25.46 5.67 17.91
C ILE A 226 25.65 6.16 19.36
N GLY A 227 26.11 5.25 20.22
CA GLY A 227 26.33 5.53 21.62
C GLY A 227 25.30 4.90 22.54
N GLY A 228 24.15 4.53 21.99
CA GLY A 228 23.09 3.91 22.78
C GLY A 228 23.31 2.46 23.11
N THR A 229 24.24 1.82 22.39
CA THR A 229 24.65 0.42 22.48
C THR A 229 23.43 -0.55 22.42
N ALA A 230 23.38 -1.54 23.33
CA ALA A 230 22.41 -2.63 23.32
C ALA A 230 20.93 -2.24 23.31
N VAL A 231 20.52 -1.35 24.21
CA VAL A 231 19.09 -1.02 24.38
C VAL A 231 18.79 0.48 24.40
N GLY A 232 19.82 1.31 24.27
CA GLY A 232 19.70 2.76 24.28
C GLY A 232 20.25 3.42 25.52
N THR A 233 20.65 2.61 26.53
CA THR A 233 21.16 3.10 27.82
C THR A 233 22.62 3.53 27.73
N GLY A 234 23.31 3.11 26.68
CA GLY A 234 24.71 3.45 26.50
C GLY A 234 25.66 2.59 27.31
N LEU A 235 25.14 1.48 27.89
CA LEU A 235 25.92 0.52 28.67
C LEU A 235 27.13 0.03 27.87
N ASN A 236 28.31 -0.02 28.50
CA ASN A 236 29.60 -0.47 27.97
C ASN A 236 30.20 0.56 26.99
N ALA A 237 29.64 1.78 26.93
CA ALA A 237 30.21 2.85 26.13
C ALA A 237 30.44 4.08 27.00
N PRO A 238 31.46 4.91 26.69
CA PRO A 238 31.60 6.19 27.44
C PRO A 238 30.35 7.04 27.27
N ASP A 239 30.00 7.88 28.26
CA ASP A 239 28.79 8.71 28.23
C ASP A 239 28.76 9.68 27.04
N ASP A 240 29.93 10.13 26.56
CA ASP A 240 30.02 11.04 25.42
C ASP A 240 30.46 10.30 24.12
N PHE A 241 30.36 8.95 24.07
CA PHE A 241 30.80 8.19 22.88
C PHE A 241 30.07 8.64 21.62
N GLY A 242 28.76 8.76 21.71
CA GLY A 242 27.90 9.19 20.61
C GLY A 242 28.26 10.54 20.02
N VAL A 243 28.33 11.58 20.87
CA VAL A 243 28.66 12.95 20.45
C VAL A 243 30.08 12.98 19.81
N ARG A 244 31.03 12.22 20.35
CA ARG A 244 32.39 12.16 19.83
C ARG A 244 32.46 11.49 18.47
N VAL A 245 31.75 10.36 18.29
CA VAL A 245 31.72 9.63 17.01
C VAL A 245 31.03 10.52 15.94
N VAL A 246 29.91 11.15 16.29
CA VAL A 246 29.15 12.00 15.35
C VAL A 246 30.08 13.15 14.88
N ALA A 247 30.84 13.78 15.82
CA ALA A 247 31.81 14.83 15.49
C ALA A 247 32.81 14.37 14.40
N VAL A 248 33.35 13.14 14.52
CA VAL A 248 34.26 12.56 13.53
C VAL A 248 33.53 12.29 12.20
N LEU A 249 32.28 11.75 12.26
CA LEU A 249 31.50 11.45 11.05
C LEU A 249 31.20 12.73 10.26
N VAL A 250 30.87 13.84 10.97
CA VAL A 250 30.59 15.15 10.37
C VAL A 250 31.87 15.69 9.70
N ALA A 251 33.03 15.59 10.38
CA ALA A 251 34.32 16.07 9.83
C ALA A 251 34.75 15.27 8.60
N GLN A 252 34.60 13.93 8.64
CA GLN A 252 35.02 13.07 7.54
C GLN A 252 34.05 13.13 6.35
N THR A 253 32.72 13.21 6.57
CA THR A 253 31.75 13.24 5.46
C THR A 253 31.41 14.66 4.98
N GLY A 254 31.48 15.63 5.87
CA GLY A 254 31.05 16.99 5.56
C GLY A 254 29.55 17.14 5.66
N LEU A 255 28.84 16.09 6.12
CA LEU A 255 27.37 16.08 6.29
C LEU A 255 26.99 16.65 7.64
N SER A 256 26.72 17.95 7.70
CA SER A 256 26.32 18.66 8.92
C SER A 256 24.95 18.15 9.42
N GLU A 257 24.17 17.43 8.57
CA GLU A 257 22.84 16.89 8.92
C GLU A 257 22.93 15.72 9.90
N LEU A 258 24.11 15.09 10.04
CA LEU A 258 24.32 13.98 10.97
C LEU A 258 24.32 14.52 12.40
N ARG A 259 23.47 13.92 13.25
CA ARG A 259 23.37 14.38 14.65
C ARG A 259 23.09 13.22 15.58
N THR A 260 23.40 13.38 16.89
CA THR A 260 23.01 12.35 17.85
C THR A 260 21.51 12.42 17.99
N ALA A 261 20.84 11.28 18.18
CA ALA A 261 19.39 11.28 18.31
C ALA A 261 18.92 12.08 19.53
N ALA A 262 17.73 12.71 19.42
CA ALA A 262 17.15 13.47 20.53
C ALA A 262 16.84 12.52 21.70
N ASN A 263 16.38 11.30 21.41
CA ASN A 263 16.10 10.30 22.44
C ASN A 263 16.73 8.97 22.00
N SER A 264 17.60 8.41 22.86
CA SER A 264 18.35 7.20 22.51
C SER A 264 17.49 5.93 22.44
N PHE A 265 16.34 5.90 23.13
CA PHE A 265 15.44 4.75 23.10
C PHE A 265 14.59 4.78 21.81
N GLU A 266 14.05 5.94 21.46
CA GLU A 266 13.29 6.13 20.22
C GLU A 266 14.17 5.77 19.00
N ALA A 267 15.46 6.13 19.06
CA ALA A 267 16.41 5.92 17.97
C ALA A 267 16.73 4.44 17.70
N GLN A 268 16.38 3.54 18.63
CA GLN A 268 16.66 2.11 18.45
C GLN A 268 15.38 1.27 18.45
N ALA A 269 14.39 1.66 19.26
CA ALA A 269 13.10 0.96 19.34
C ALA A 269 12.28 1.19 18.05
N ALA A 270 12.64 2.24 17.31
CA ALA A 270 11.93 2.60 16.10
C ALA A 270 12.88 3.08 15.01
N ARG A 271 12.40 3.04 13.75
CA ARG A 271 13.07 3.53 12.55
C ARG A 271 12.12 4.54 11.87
N ASP A 272 11.39 5.31 12.68
CA ASP A 272 10.39 6.28 12.20
C ASP A 272 10.96 7.32 11.22
N GLY A 273 12.23 7.67 11.37
CA GLY A 273 12.91 8.59 10.45
C GLY A 273 12.98 8.05 9.04
N LEU A 274 13.09 6.72 8.88
CA LEU A 274 13.13 6.08 7.57
C LEU A 274 11.73 6.09 6.95
N VAL A 275 10.69 5.85 7.78
CA VAL A 275 9.28 5.89 7.33
C VAL A 275 8.95 7.32 6.87
N GLU A 276 9.36 8.32 7.64
CA GLU A 276 9.16 9.74 7.32
C GLU A 276 9.82 10.08 5.97
N ALA A 277 11.09 9.75 5.82
CA ALA A 277 11.85 10.02 4.61
C ALA A 277 11.21 9.33 3.40
N SER A 278 10.77 8.06 3.56
CA SER A 278 10.12 7.32 2.46
C SER A 278 8.86 8.07 1.98
N GLY A 279 8.10 8.66 2.92
CA GLY A 279 6.93 9.47 2.59
C GLY A 279 7.26 10.62 1.66
N ALA A 280 8.41 11.30 1.89
CA ALA A 280 8.89 12.38 0.99
C ALA A 280 9.22 11.80 -0.39
N LEU A 281 9.89 10.61 -0.44
CA LEU A 281 10.23 9.97 -1.71
C LEU A 281 8.98 9.53 -2.46
N ARG A 282 7.99 9.03 -1.71
CA ARG A 282 6.71 8.60 -2.24
C ARG A 282 5.98 9.81 -2.85
N THR A 283 6.02 10.99 -2.17
CA THR A 283 5.37 12.20 -2.72
C THR A 283 6.06 12.60 -4.04
N ILE A 284 7.40 12.49 -4.09
CA ILE A 284 8.19 12.80 -5.30
C ILE A 284 7.77 11.83 -6.41
N ALA A 285 7.57 10.52 -6.08
CA ALA A 285 7.12 9.51 -7.07
C ALA A 285 5.76 9.92 -7.64
N VAL A 286 4.87 10.45 -6.77
CA VAL A 286 3.52 10.91 -7.14
C VAL A 286 3.64 12.11 -8.09
N SER A 287 4.50 13.10 -7.75
CA SER A 287 4.74 14.27 -8.59
C SER A 287 5.34 13.86 -9.95
N LEU A 288 6.37 12.99 -9.93
CA LEU A 288 7.02 12.53 -11.15
C LEU A 288 6.07 11.77 -12.06
N THR A 289 5.11 11.01 -11.50
CA THR A 289 4.13 10.27 -12.30
C THR A 289 3.28 11.28 -13.11
N LYS A 290 2.78 12.33 -12.45
CA LYS A 290 1.98 13.37 -13.13
C LYS A 290 2.79 14.03 -14.26
N ILE A 291 4.03 14.44 -13.96
CA ILE A 291 4.88 15.11 -14.95
C ILE A 291 5.17 14.18 -16.14
N ALA A 292 5.64 12.96 -15.87
CA ALA A 292 5.97 12.00 -16.93
C ALA A 292 4.75 11.64 -17.77
N ASN A 293 3.57 11.46 -17.13
CA ASN A 293 2.34 11.14 -17.85
C ASN A 293 1.91 12.28 -18.75
N ASP A 294 1.97 13.52 -18.26
CA ASP A 294 1.63 14.68 -19.11
C ASP A 294 2.59 14.77 -20.32
N ILE A 295 3.87 14.54 -20.09
CA ILE A 295 4.86 14.68 -21.14
C ILE A 295 4.65 13.61 -22.22
N ARG A 296 4.41 12.34 -21.84
CA ARG A 296 4.19 11.31 -22.88
C ARG A 296 2.83 11.54 -23.59
N TRP A 297 1.80 12.09 -22.88
CA TRP A 297 0.52 12.40 -23.54
C TRP A 297 0.72 13.58 -24.50
N MET A 298 1.54 14.58 -24.13
CA MET A 298 1.81 15.70 -25.04
C MET A 298 2.59 15.24 -26.27
N GLY A 299 3.46 14.24 -26.09
CA GLY A 299 4.22 13.67 -27.21
C GLY A 299 3.49 12.57 -27.96
N SER A 300 2.25 12.24 -27.55
CA SER A 300 1.47 11.12 -28.12
C SER A 300 1.18 11.28 -29.60
N GLY A 301 1.09 10.12 -30.24
CA GLY A 301 0.76 10.02 -31.65
C GLY A 301 1.95 9.64 -32.49
N PRO A 302 2.40 10.54 -33.38
CA PRO A 302 1.92 11.93 -33.57
C PRO A 302 0.55 12.04 -34.23
N LEU A 303 0.30 11.23 -35.26
CA LEU A 303 -0.94 11.34 -36.03
C LEU A 303 -2.20 10.90 -35.31
N THR A 304 -2.13 10.01 -34.30
CA THR A 304 -3.37 9.57 -33.65
C THR A 304 -3.49 10.10 -32.21
N GLY A 305 -2.59 11.00 -31.83
CA GLY A 305 -2.56 11.53 -30.46
C GLY A 305 -2.65 13.04 -30.41
N LEU A 306 -2.07 13.64 -29.37
CA LEU A 306 -2.16 15.08 -29.16
C LEU A 306 -1.10 15.84 -29.94
N ALA A 307 0.10 15.21 -30.16
CA ALA A 307 1.20 15.76 -30.98
C ALA A 307 1.52 17.24 -30.63
N GLU A 308 1.56 17.53 -29.33
CA GLU A 308 1.83 18.88 -28.82
C GLU A 308 3.30 19.20 -28.80
N ILE A 309 4.12 18.20 -28.46
CA ILE A 309 5.57 18.37 -28.36
C ILE A 309 6.26 17.18 -28.96
N GLN A 310 7.57 17.30 -29.19
CA GLN A 310 8.38 16.20 -29.68
C GLN A 310 9.43 15.84 -28.62
N LEU A 311 9.44 14.58 -28.20
CA LEU A 311 10.45 14.08 -27.28
C LEU A 311 11.69 13.68 -28.07
N PRO A 312 12.91 13.88 -27.53
CA PRO A 312 14.11 13.38 -28.25
C PRO A 312 14.03 11.87 -28.46
N ASP A 313 14.38 11.39 -29.66
CA ASP A 313 14.45 9.96 -29.99
C ASP A 313 15.62 9.36 -29.25
N LEU A 314 15.40 8.29 -28.49
CA LEU A 314 16.53 7.68 -27.74
C LEU A 314 16.92 6.30 -28.26
N GLN A 315 15.98 5.60 -28.94
CA GLN A 315 16.19 4.26 -29.46
C GLN A 315 15.04 3.86 -30.36
N PRO A 316 15.23 2.91 -31.32
CA PRO A 316 14.09 2.44 -32.12
C PRO A 316 12.98 1.93 -31.20
N GLY A 317 11.75 2.31 -31.51
CA GLY A 317 10.66 1.98 -30.62
C GLY A 317 10.16 0.56 -30.60
N CYS A 318 10.19 -0.12 -31.74
CA CYS A 318 9.44 -1.36 -31.85
C CYS A 318 10.06 -2.42 -32.76
N SER A 319 10.08 -3.66 -32.29
CA SER A 319 10.67 -4.80 -33.04
C SER A 319 9.83 -5.19 -34.27
N ILE A 320 8.54 -4.82 -34.29
CA ILE A 320 7.62 -5.20 -35.38
C ILE A 320 7.10 -3.98 -36.19
N MET A 321 6.77 -2.87 -35.53
CA MET A 321 6.26 -1.67 -36.19
C MET A 321 7.43 -0.74 -36.49
N PRO A 322 7.86 -0.67 -37.76
CA PRO A 322 9.06 0.12 -38.09
C PRO A 322 8.80 1.61 -38.05
N GLY A 323 9.82 2.40 -37.70
CA GLY A 323 9.73 3.86 -37.68
C GLY A 323 9.25 4.46 -36.36
N LYS A 324 8.32 3.79 -35.71
CA LYS A 324 7.74 4.17 -34.42
C LYS A 324 8.83 4.40 -33.34
N VAL A 325 8.76 5.53 -32.61
CA VAL A 325 9.66 5.88 -31.50
C VAL A 325 8.79 6.09 -30.26
N ASN A 326 9.16 5.47 -29.13
CA ASN A 326 8.33 5.50 -27.92
C ASN A 326 8.87 6.41 -26.81
N PRO A 327 7.97 6.93 -25.93
CA PRO A 327 8.44 7.78 -24.81
C PRO A 327 9.06 6.93 -23.69
N VAL A 328 10.23 6.36 -23.97
CA VAL A 328 10.92 5.44 -23.06
C VAL A 328 11.36 6.10 -21.73
N LEU A 329 11.76 7.38 -21.73
CA LEU A 329 12.17 8.00 -20.47
C LEU A 329 10.94 8.22 -19.56
N PRO A 330 9.80 8.79 -20.02
CA PRO A 330 8.61 8.83 -19.14
C PRO A 330 8.19 7.43 -18.64
N GLU A 331 8.38 6.35 -19.45
CA GLU A 331 8.05 4.98 -19.01
C GLU A 331 8.99 4.52 -17.90
N ALA A 332 10.28 4.84 -18.01
CA ALA A 332 11.24 4.46 -16.96
C ALA A 332 10.89 5.23 -15.67
N VAL A 333 10.50 6.52 -15.80
CA VAL A 333 10.11 7.35 -14.65
C VAL A 333 8.87 6.77 -13.94
N THR A 334 7.79 6.46 -14.69
CA THR A 334 6.55 5.96 -14.10
C THR A 334 6.76 4.59 -13.49
N GLN A 335 7.65 3.74 -14.05
CA GLN A 335 7.95 2.42 -13.45
C GLN A 335 8.78 2.60 -12.17
N VAL A 336 9.75 3.54 -12.17
CA VAL A 336 10.51 3.85 -10.96
C VAL A 336 9.54 4.32 -9.87
N ALA A 337 8.58 5.22 -10.21
CA ALA A 337 7.60 5.72 -9.25
C ALA A 337 6.81 4.58 -8.64
N ALA A 338 6.38 3.60 -9.47
CA ALA A 338 5.65 2.40 -8.99
C ALA A 338 6.52 1.64 -7.97
N GLN A 339 7.82 1.51 -8.26
CA GLN A 339 8.75 0.80 -7.34
C GLN A 339 8.90 1.53 -6.01
N VAL A 340 9.00 2.87 -6.06
CA VAL A 340 9.14 3.73 -4.87
C VAL A 340 7.88 3.56 -3.98
N ILE A 341 6.67 3.51 -4.57
CA ILE A 341 5.38 3.29 -3.87
C ILE A 341 5.42 1.94 -3.15
N GLY A 342 5.87 0.90 -3.86
CA GLY A 342 5.96 -0.44 -3.29
C GLY A 342 6.95 -0.48 -2.15
N ASN A 343 8.16 0.07 -2.39
CA ASN A 343 9.22 0.13 -1.37
C ASN A 343 8.73 0.88 -0.12
N ASP A 344 7.95 1.94 -0.34
CA ASP A 344 7.36 2.76 0.72
C ASP A 344 6.43 1.94 1.61
N ALA A 345 5.62 1.05 1.00
CA ALA A 345 4.72 0.18 1.77
C ALA A 345 5.53 -0.82 2.61
N ALA A 346 6.63 -1.37 2.05
CA ALA A 346 7.48 -2.31 2.78
C ALA A 346 8.16 -1.60 3.98
N ILE A 347 8.63 -0.35 3.79
CA ILE A 347 9.33 0.43 4.84
C ILE A 347 8.37 0.67 6.01
N ALA A 348 7.14 1.17 5.73
CA ALA A 348 6.15 1.44 6.78
C ALA A 348 5.77 0.18 7.55
N TRP A 349 5.63 -0.96 6.84
CA TRP A 349 5.27 -2.24 7.44
C TRP A 349 6.35 -2.65 8.47
N GLY A 350 7.62 -2.56 8.07
CA GLY A 350 8.73 -2.87 8.96
C GLY A 350 8.79 -1.87 10.14
N GLY A 351 8.59 -0.60 9.84
CA GLY A 351 8.65 0.47 10.83
C GLY A 351 7.67 0.34 11.98
N ALA A 352 6.47 -0.15 11.69
CA ALA A 352 5.41 -0.28 12.69
C ALA A 352 5.58 -1.47 13.60
N ASN A 353 6.41 -2.45 13.19
CA ASN A 353 6.49 -3.71 13.93
C ASN A 353 7.69 -3.90 14.84
N GLY A 354 8.19 -2.82 15.41
CA GLY A 354 9.23 -2.94 16.43
C GLY A 354 8.65 -3.49 17.71
N ALA A 355 9.51 -3.97 18.62
CA ALA A 355 9.05 -4.49 19.90
C ALA A 355 10.02 -4.07 20.98
N PHE A 356 9.51 -3.43 22.03
CA PHE A 356 10.29 -2.99 23.18
C PHE A 356 11.52 -2.16 22.76
N GLU A 357 12.75 -2.60 23.09
CA GLU A 357 13.95 -1.82 22.88
C GLU A 357 14.51 -1.86 21.47
N LEU A 358 13.92 -2.64 20.55
CA LEU A 358 14.52 -2.73 19.22
C LEU A 358 13.55 -3.02 18.12
N ASN A 359 13.66 -2.26 17.03
CA ASN A 359 12.91 -2.57 15.82
C ASN A 359 13.81 -3.49 15.01
N VAL A 360 13.36 -4.74 14.75
CA VAL A 360 14.19 -5.72 14.05
C VAL A 360 13.74 -5.92 12.58
N TYR A 361 13.61 -4.81 11.84
CA TYR A 361 13.30 -4.83 10.41
C TYR A 361 14.31 -3.96 9.66
N ILE A 362 15.44 -3.61 10.31
CA ILE A 362 16.41 -2.66 9.76
C ILE A 362 16.99 -3.10 8.40
N PRO A 363 17.54 -4.33 8.19
CA PRO A 363 18.11 -4.63 6.86
C PRO A 363 17.10 -4.48 5.72
N MET A 364 15.84 -4.91 5.94
CA MET A 364 14.79 -4.77 4.93
C MET A 364 14.45 -3.28 4.71
N MET A 365 14.29 -2.52 5.80
CA MET A 365 13.95 -1.09 5.66
C MET A 365 15.08 -0.35 4.94
N ALA A 366 16.35 -0.67 5.29
CA ALA A 366 17.54 -0.10 4.68
C ALA A 366 17.56 -0.40 3.19
N ARG A 367 17.32 -1.68 2.80
CA ARG A 367 17.32 -2.04 1.38
C ARG A 367 16.33 -1.15 0.57
N ASN A 368 15.11 -1.06 1.06
CA ASN A 368 14.04 -0.34 0.36
C ASN A 368 14.26 1.17 0.30
N ILE A 369 14.64 1.82 1.42
CA ILE A 369 14.81 3.29 1.42
C ILE A 369 16.01 3.68 0.53
N LEU A 370 17.12 2.95 0.64
CA LEU A 370 18.30 3.27 -0.16
C LEU A 370 18.04 3.00 -1.63
N GLU A 371 17.28 1.95 -1.95
CA GLU A 371 16.94 1.72 -3.36
C GLU A 371 16.06 2.88 -3.89
N SER A 372 15.04 3.30 -3.10
CA SER A 372 14.16 4.41 -3.52
C SER A 372 14.99 5.67 -3.78
N PHE A 373 15.96 6.00 -2.91
CA PHE A 373 16.86 7.17 -3.13
C PHE A 373 17.62 7.02 -4.45
N LYS A 374 18.25 5.85 -4.68
CA LYS A 374 19.04 5.55 -5.88
C LYS A 374 18.20 5.68 -7.17
N LEU A 375 17.05 4.99 -7.23
CA LEU A 375 16.19 4.99 -8.42
C LEU A 375 15.74 6.40 -8.77
N LEU A 376 15.28 7.17 -7.76
CA LEU A 376 14.79 8.55 -7.98
C LEU A 376 15.92 9.45 -8.44
N THR A 377 17.12 9.30 -7.85
CA THR A 377 18.28 10.10 -8.25
C THR A 377 18.63 9.84 -9.70
N ASN A 378 18.83 8.56 -10.06
CA ASN A 378 19.29 8.19 -11.41
C ASN A 378 18.23 8.50 -12.47
N VAL A 379 16.95 8.22 -12.19
CA VAL A 379 15.93 8.47 -13.21
C VAL A 379 15.65 9.98 -13.35
N SER A 380 15.79 10.79 -12.27
CA SER A 380 15.55 12.24 -12.37
C SER A 380 16.59 12.90 -13.30
N ARG A 381 17.89 12.51 -13.18
CA ARG A 381 18.96 13.05 -14.02
CA ARG A 381 18.94 13.07 -14.04
C ARG A 381 18.73 12.63 -15.48
N LEU A 382 18.39 11.34 -15.71
CA LEU A 382 18.15 10.84 -17.07
C LEU A 382 16.95 11.54 -17.69
N PHE A 383 15.90 11.74 -16.89
CA PHE A 383 14.69 12.44 -17.34
C PHE A 383 15.02 13.89 -17.73
N ALA A 384 15.81 14.58 -16.90
CA ALA A 384 16.20 15.95 -17.19
C ALA A 384 17.08 16.05 -18.46
N GLN A 385 18.11 15.22 -18.55
CA GLN A 385 19.11 15.25 -19.65
C GLN A 385 18.67 14.63 -20.96
N ARG A 386 18.04 13.44 -20.91
CA ARG A 386 17.70 12.70 -22.12
C ARG A 386 16.28 12.94 -22.58
N CYS A 387 15.49 13.71 -21.82
CA CYS A 387 14.13 13.95 -22.22
C CYS A 387 13.77 15.44 -22.16
N ILE A 388 13.67 16.05 -20.96
CA ILE A 388 13.23 17.46 -20.78
C ILE A 388 14.09 18.44 -21.59
N ALA A 389 15.42 18.41 -21.44
CA ALA A 389 16.34 19.35 -22.11
C ALA A 389 16.11 19.45 -23.63
N GLY A 390 15.82 18.33 -24.29
CA GLY A 390 15.66 18.26 -25.74
C GLY A 390 14.25 18.36 -26.30
N LEU A 391 13.23 18.56 -25.44
CA LEU A 391 11.85 18.69 -25.93
C LEU A 391 11.71 19.85 -26.88
N THR A 392 10.87 19.71 -27.92
CA THR A 392 10.57 20.84 -28.85
C THR A 392 9.06 20.97 -28.90
N ALA A 393 8.56 22.20 -29.02
CA ALA A 393 7.14 22.47 -29.06
C ALA A 393 6.62 22.57 -30.50
N ASN A 394 5.41 22.06 -30.77
CA ASN A 394 4.77 22.18 -32.08
C ASN A 394 3.87 23.42 -31.97
N VAL A 395 4.51 24.60 -32.00
CA VAL A 395 3.91 25.91 -31.74
C VAL A 395 2.60 26.18 -32.53
N GLU A 396 2.58 25.94 -33.85
CA GLU A 396 1.39 26.24 -34.63
C GLU A 396 0.23 25.33 -34.27
N HIS A 397 0.48 24.02 -34.09
CA HIS A 397 -0.55 23.05 -33.70
C HIS A 397 -1.14 23.43 -32.33
N LEU A 398 -0.26 23.84 -31.39
CA LEU A 398 -0.67 24.27 -30.05
C LEU A 398 -1.59 25.50 -30.11
N ARG A 399 -1.26 26.50 -30.96
CA ARG A 399 -2.10 27.69 -31.09
C ARG A 399 -3.46 27.31 -31.71
N ARG A 400 -3.49 26.40 -32.69
CA ARG A 400 -4.77 25.97 -33.31
C ARG A 400 -5.63 25.21 -32.29
N LEU A 401 -4.99 24.40 -31.42
CA LEU A 401 -5.72 23.72 -30.35
C LEU A 401 -6.36 24.74 -29.39
N ALA A 402 -5.58 25.78 -28.96
CA ALA A 402 -6.11 26.87 -28.10
C ALA A 402 -7.37 27.55 -28.72
N GLU A 403 -7.31 27.91 -30.00
CA GLU A 403 -8.39 28.63 -30.74
C GLU A 403 -9.59 27.73 -31.03
N SER A 404 -9.40 26.41 -31.07
CA SER A 404 -10.48 25.46 -31.38
C SER A 404 -11.35 25.13 -30.16
N SER A 405 -10.87 25.38 -28.94
CA SER A 405 -11.64 25.01 -27.75
C SER A 405 -12.95 25.84 -27.63
N PRO A 406 -14.13 25.19 -27.58
CA PRO A 406 -15.38 25.97 -27.39
C PRO A 406 -15.43 26.69 -26.05
N SER A 407 -14.58 26.23 -25.06
CA SER A 407 -14.53 26.87 -23.73
C SER A 407 -13.94 28.29 -23.80
N ILE A 408 -13.43 28.74 -24.98
CA ILE A 408 -12.96 30.13 -25.13
C ILE A 408 -14.15 31.12 -25.04
N VAL A 409 -15.40 30.61 -24.92
CA VAL A 409 -16.58 31.48 -24.71
C VAL A 409 -16.57 32.03 -23.25
N THR A 410 -15.82 31.37 -22.34
CA THR A 410 -15.77 31.67 -20.89
C THR A 410 -15.57 33.16 -20.54
N PRO A 411 -14.63 33.93 -21.14
CA PRO A 411 -14.49 35.36 -20.72
C PRO A 411 -15.69 36.23 -21.06
N LEU A 412 -16.70 35.69 -21.74
CA LEU A 412 -17.91 36.47 -22.05
C LEU A 412 -18.95 36.40 -20.92
N ASN A 413 -18.71 35.53 -19.90
CA ASN A 413 -19.63 35.35 -18.78
C ASN A 413 -20.09 36.68 -18.16
N SER A 414 -19.14 37.61 -17.90
CA SER A 414 -19.49 38.89 -17.25
C SER A 414 -20.35 39.79 -18.14
N ALA A 415 -20.31 39.59 -19.46
CA ALA A 415 -21.08 40.42 -20.39
C ALA A 415 -22.47 39.82 -20.71
N ILE A 416 -22.54 38.50 -20.98
CA ILE A 416 -23.79 37.87 -21.43
C ILE A 416 -24.37 36.86 -20.40
N GLY A 417 -23.60 36.51 -19.37
CA GLY A 417 -24.06 35.53 -18.38
C GLY A 417 -23.72 34.11 -18.80
N TYR A 418 -23.53 33.23 -17.82
CA TYR A 418 -23.17 31.82 -18.02
C TYR A 418 -24.17 31.08 -18.94
N GLU A 419 -25.49 31.24 -18.70
CA GLU A 419 -26.52 30.53 -19.47
C GLU A 419 -26.46 30.89 -20.96
N GLU A 420 -26.31 32.18 -21.29
CA GLU A 420 -26.23 32.61 -22.68
C GLU A 420 -24.91 32.16 -23.30
N ALA A 421 -23.81 32.16 -22.50
CA ALA A 421 -22.51 31.69 -22.98
C ALA A 421 -22.59 30.20 -23.34
N ALA A 422 -23.37 29.42 -22.55
CA ALA A 422 -23.57 27.99 -22.83
C ALA A 422 -24.36 27.78 -24.13
N ALA A 423 -25.35 28.66 -24.41
CA ALA A 423 -26.19 28.62 -25.60
C ALA A 423 -25.34 28.90 -26.85
N VAL A 424 -24.31 29.77 -26.69
CA VAL A 424 -23.33 30.14 -27.73
C VAL A 424 -22.43 28.93 -28.01
N ALA A 425 -21.85 28.32 -26.97
CA ALA A 425 -20.97 27.16 -27.07
C ALA A 425 -21.69 25.96 -27.73
N LYS A 426 -23.01 25.81 -27.46
CA LYS A 426 -23.87 24.74 -27.98
C LYS A 426 -24.06 24.89 -29.48
N GLN A 427 -24.55 26.06 -29.91
CA GLN A 427 -24.80 26.42 -31.30
C GLN A 427 -23.51 26.34 -32.14
N ALA A 428 -22.39 26.88 -31.63
CA ALA A 428 -21.09 26.85 -32.31
C ALA A 428 -20.60 25.43 -32.56
N LEU A 429 -20.70 24.53 -31.53
CA LEU A 429 -20.24 23.13 -31.64
C LEU A 429 -21.15 22.34 -32.58
N LYS A 430 -22.46 22.63 -32.55
CA LYS A 430 -23.46 21.96 -33.38
C LYS A 430 -23.38 22.41 -34.84
N GLU A 431 -23.12 23.70 -35.09
CA GLU A 431 -23.04 24.27 -36.45
C GLU A 431 -21.60 24.29 -36.99
N ARG A 432 -20.60 23.82 -36.19
CA ARG A 432 -19.16 23.78 -36.52
C ARG A 432 -18.63 25.21 -36.81
N LYS A 433 -19.36 26.24 -36.32
CA LYS A 433 -19.06 27.67 -36.48
C LYS A 433 -18.22 28.16 -35.29
N THR A 434 -17.54 29.32 -35.45
CA THR A 434 -16.69 29.92 -34.41
C THR A 434 -17.54 30.54 -33.29
N ILE A 435 -16.93 30.75 -32.12
CA ILE A 435 -17.59 31.40 -30.98
C ILE A 435 -17.97 32.83 -31.41
N ARG A 436 -17.02 33.54 -32.04
CA ARG A 436 -17.18 34.91 -32.53
C ARG A 436 -18.41 35.06 -33.43
N GLN A 437 -18.53 34.22 -34.47
CA GLN A 437 -19.66 34.29 -35.40
C GLN A 437 -20.98 33.89 -34.73
N THR A 438 -20.93 32.95 -33.76
CA THR A 438 -22.16 32.53 -33.07
C THR A 438 -22.69 33.71 -32.22
N VAL A 439 -21.78 34.43 -31.52
CA VAL A 439 -22.13 35.59 -30.68
C VAL A 439 -22.84 36.65 -31.56
N ILE A 440 -22.25 36.98 -32.72
CA ILE A 440 -22.82 37.96 -33.66
C ILE A 440 -24.19 37.46 -34.19
N ASP A 441 -24.26 36.17 -34.62
CA ASP A 441 -25.45 35.51 -35.16
C ASP A 441 -26.60 35.43 -34.15
N ARG A 442 -26.30 35.43 -32.85
CA ARG A 442 -27.32 35.38 -31.81
C ARG A 442 -27.77 36.79 -31.40
N GLY A 443 -27.27 37.79 -32.13
CA GLY A 443 -27.58 39.20 -31.93
C GLY A 443 -27.14 39.75 -30.58
N LEU A 444 -26.01 39.23 -30.06
CA LEU A 444 -25.53 39.63 -28.73
C LEU A 444 -24.70 40.92 -28.72
N ILE A 445 -24.27 41.40 -29.91
CA ILE A 445 -23.54 42.67 -30.01
C ILE A 445 -24.51 43.82 -29.68
N GLY A 446 -24.15 44.63 -28.69
CA GLY A 446 -24.93 45.77 -28.22
C GLY A 446 -24.29 46.49 -27.06
N ASP A 447 -25.12 47.04 -26.17
CA ASP A 447 -24.70 47.80 -24.98
C ASP A 447 -23.83 46.98 -24.02
N ARG A 448 -24.15 45.68 -23.83
CA ARG A 448 -23.39 44.78 -22.95
C ARG A 448 -22.10 44.28 -23.59
N LEU A 449 -22.02 44.23 -24.93
CA LEU A 449 -20.84 43.70 -25.61
C LEU A 449 -20.64 44.34 -26.99
N SER A 450 -19.54 45.11 -27.16
CA SER A 450 -19.15 45.71 -28.44
C SER A 450 -18.29 44.71 -29.20
N ILE A 451 -18.22 44.83 -30.54
CA ILE A 451 -17.41 43.94 -31.38
C ILE A 451 -15.91 44.00 -30.96
N GLU A 452 -15.41 45.20 -30.55
CA GLU A 452 -14.04 45.43 -30.12
C GLU A 452 -13.78 44.69 -28.80
N ASP A 453 -14.75 44.73 -27.85
CA ASP A 453 -14.68 44.05 -26.56
C ASP A 453 -14.71 42.54 -26.79
N LEU A 454 -15.56 42.06 -27.71
CA LEU A 454 -15.64 40.63 -28.05
C LEU A 454 -14.28 40.11 -28.59
N ASP A 455 -13.64 40.85 -29.52
CA ASP A 455 -12.37 40.42 -30.11
C ASP A 455 -11.22 40.42 -29.09
N ARG A 456 -11.22 41.39 -28.14
CA ARG A 456 -10.20 41.46 -27.09
C ARG A 456 -10.32 40.27 -26.16
N ARG A 457 -11.57 39.95 -25.78
CA ARG A 457 -11.86 38.85 -24.87
C ARG A 457 -11.57 37.49 -25.48
N LEU A 458 -11.72 37.33 -26.81
CA LEU A 458 -11.53 36.02 -27.46
C LEU A 458 -10.06 35.74 -27.84
N ASP A 459 -9.15 36.73 -27.67
CA ASP A 459 -7.73 36.53 -27.97
C ASP A 459 -7.15 35.46 -27.03
N VAL A 460 -6.79 34.28 -27.56
CA VAL A 460 -6.38 33.12 -26.77
C VAL A 460 -5.13 33.37 -25.94
N LEU A 461 -4.10 34.06 -26.48
CA LEU A 461 -2.89 34.31 -25.70
C LEU A 461 -3.20 35.25 -24.54
N ALA A 462 -3.98 36.31 -24.78
CA ALA A 462 -4.38 37.23 -23.71
C ALA A 462 -5.21 36.48 -22.66
N MET A 463 -6.01 35.49 -23.11
CA MET A 463 -6.86 34.67 -22.24
C MET A 463 -6.04 33.80 -21.27
N ALA A 464 -4.81 33.44 -21.64
CA ALA A 464 -3.92 32.62 -20.80
C ALA A 464 -3.33 33.45 -19.65
N LYS A 465 -3.42 34.80 -19.75
CA LYS A 465 -2.95 35.74 -18.72
C LYS A 465 -1.52 35.40 -18.23
N ALA A 466 -0.59 35.24 -19.19
CA ALA A 466 0.79 34.95 -18.86
C ALA A 466 1.41 36.19 -18.22
N GLU A 467 2.13 36.05 -17.11
CA GLU A 467 2.76 37.19 -16.41
C GLU A 467 3.72 37.95 -17.34
N GLN A 468 3.73 39.30 -17.24
CA GLN A 468 4.58 40.17 -18.06
C GLN A 468 6.04 40.05 -17.60
N ASN B 9 -45.06 17.56 -4.10
CA ASN B 9 -43.94 16.70 -3.72
C ASN B 9 -42.66 17.04 -4.49
N TYR B 10 -42.78 17.54 -5.73
CA TYR B 10 -41.65 17.93 -6.56
C TYR B 10 -41.84 19.28 -7.23
N ARG B 11 -40.74 19.95 -7.59
CA ARG B 11 -40.79 21.20 -8.34
C ARG B 11 -39.79 21.12 -9.48
N ILE B 12 -39.97 21.92 -10.51
CA ILE B 12 -39.08 21.93 -11.66
C ILE B 12 -38.01 22.98 -11.47
N GLU B 13 -36.77 22.57 -11.72
CA GLU B 13 -35.62 23.46 -11.77
C GLU B 13 -34.99 23.20 -13.12
N HIS B 14 -34.10 24.08 -13.57
CA HIS B 14 -33.43 23.80 -14.85
C HIS B 14 -32.00 24.22 -14.77
N ASP B 15 -31.19 23.67 -15.68
CA ASP B 15 -29.79 24.03 -15.89
C ASP B 15 -29.60 24.07 -17.39
N THR B 16 -28.36 24.22 -17.87
CA THR B 16 -28.10 24.32 -19.33
C THR B 16 -28.30 22.97 -20.04
N MET B 17 -28.52 21.89 -19.29
CA MET B 17 -28.74 20.56 -19.87
C MET B 17 -30.25 20.27 -19.97
N GLY B 18 -31.08 20.98 -19.23
CA GLY B 18 -32.52 20.79 -19.30
C GLY B 18 -33.23 20.90 -17.98
N GLU B 19 -34.47 20.40 -17.94
CA GLU B 19 -35.36 20.43 -16.78
C GLU B 19 -35.12 19.25 -15.87
N VAL B 20 -35.17 19.51 -14.55
CA VAL B 20 -34.93 18.49 -13.53
C VAL B 20 -35.99 18.58 -12.44
N ARG B 21 -36.60 17.44 -12.08
CA ARG B 21 -37.58 17.38 -11.00
C ARG B 21 -36.80 17.30 -9.68
N VAL B 22 -37.05 18.25 -8.78
CA VAL B 22 -36.34 18.37 -7.49
C VAL B 22 -37.36 18.23 -6.32
N PRO B 23 -37.07 17.54 -5.19
CA PRO B 23 -38.05 17.49 -4.08
C PRO B 23 -38.49 18.91 -3.70
N ALA B 24 -39.82 19.11 -3.56
CA ALA B 24 -40.45 20.42 -3.32
C ALA B 24 -39.76 21.28 -2.26
N LYS B 25 -39.38 20.69 -1.11
CA LYS B 25 -38.79 21.43 0.00
C LYS B 25 -37.26 21.49 -0.05
N ALA B 26 -36.61 20.80 -1.01
CA ALA B 26 -35.16 20.82 -1.10
C ALA B 26 -34.63 22.25 -1.41
N LEU B 27 -33.53 22.65 -0.76
CA LEU B 27 -32.94 23.98 -1.07
C LEU B 27 -31.96 23.88 -2.24
N TRP B 28 -31.58 22.64 -2.62
CA TRP B 28 -30.70 22.46 -3.76
C TRP B 28 -31.53 22.58 -5.04
N ARG B 29 -30.87 22.65 -6.21
CA ARG B 29 -31.61 22.82 -7.47
C ARG B 29 -31.21 21.74 -8.49
N ALA B 30 -31.26 22.06 -9.79
CA ALA B 30 -31.08 21.11 -10.88
C ALA B 30 -29.77 20.29 -10.84
N GLN B 31 -28.61 20.95 -10.68
CA GLN B 31 -27.32 20.24 -10.79
C GLN B 31 -27.05 19.33 -9.60
N THR B 32 -27.49 19.74 -8.41
CA THR B 32 -27.35 18.86 -7.24
C THR B 32 -28.23 17.60 -7.45
N GLN B 33 -29.46 17.80 -7.95
CA GLN B 33 -30.38 16.67 -8.15
C GLN B 33 -29.82 15.67 -9.20
N ARG B 34 -29.21 16.17 -10.29
CA ARG B 34 -28.58 15.28 -11.28
C ARG B 34 -27.48 14.45 -10.59
N ALA B 35 -26.67 15.09 -9.74
CA ALA B 35 -25.57 14.43 -9.01
C ALA B 35 -26.10 13.38 -8.02
N VAL B 36 -27.30 13.61 -7.45
CA VAL B 36 -27.94 12.62 -6.55
C VAL B 36 -28.23 11.34 -7.34
N GLU B 37 -28.69 11.48 -8.59
CA GLU B 37 -29.02 10.33 -9.45
C GLU B 37 -27.79 9.70 -10.11
N ASN B 38 -26.75 10.49 -10.36
CA ASN B 38 -25.53 9.98 -11.04
C ASN B 38 -24.60 9.23 -10.11
N PHE B 39 -24.51 9.61 -8.84
CA PHE B 39 -23.49 8.99 -7.96
C PHE B 39 -24.04 8.26 -6.70
N PRO B 40 -25.10 7.41 -6.72
CA PRO B 40 -25.49 6.71 -5.48
C PRO B 40 -24.53 5.55 -5.25
N ILE B 41 -23.35 5.87 -4.69
CA ILE B 41 -22.26 4.87 -4.58
C ILE B 41 -21.94 4.47 -3.15
N SER B 42 -21.52 5.42 -2.31
CA SER B 42 -21.17 5.09 -0.93
C SER B 42 -22.32 5.32 0.03
N GLY B 43 -23.25 6.18 -0.37
CA GLY B 43 -24.38 6.54 0.47
C GLY B 43 -24.01 7.61 1.49
N ARG B 44 -22.80 8.19 1.39
CA ARG B 44 -22.37 9.23 2.33
C ARG B 44 -21.95 10.48 1.57
N GLY B 45 -22.36 11.64 2.09
CA GLY B 45 -22.01 12.94 1.51
C GLY B 45 -20.87 13.61 2.23
N LEU B 46 -20.64 14.90 1.96
CA LEU B 46 -19.57 15.65 2.61
C LEU B 46 -19.77 15.71 4.14
N GLU B 47 -18.68 15.75 4.89
CA GLU B 47 -18.71 15.83 6.36
C GLU B 47 -18.99 17.26 6.79
N ARG B 48 -19.40 17.41 8.06
CA ARG B 48 -19.68 18.71 8.68
C ARG B 48 -18.52 19.71 8.43
N THR B 49 -17.28 19.26 8.66
CA THR B 49 -16.07 20.06 8.48
CA THR B 49 -16.05 20.05 8.47
C THR B 49 -15.88 20.53 7.02
N GLN B 50 -16.27 19.70 6.03
CA GLN B 50 -16.15 20.03 4.62
C GLN B 50 -17.18 21.08 4.21
N ILE B 51 -18.43 20.92 4.67
CA ILE B 51 -19.53 21.87 4.40
C ILE B 51 -19.19 23.22 5.06
N ARG B 52 -18.61 23.19 6.27
CA ARG B 52 -18.21 24.42 6.95
C ARG B 52 -17.21 25.21 6.06
N ALA B 53 -16.14 24.53 5.59
CA ALA B 53 -15.09 25.16 4.77
C ALA B 53 -15.66 25.73 3.46
N LEU B 54 -16.60 25.01 2.82
CA LEU B 54 -17.26 25.47 1.58
C LEU B 54 -18.10 26.73 1.83
N GLY B 55 -18.86 26.73 2.94
CA GLY B 55 -19.67 27.88 3.30
C GLY B 55 -18.80 29.07 3.64
N LEU B 56 -17.72 28.81 4.39
CA LEU B 56 -16.75 29.81 4.80
C LEU B 56 -16.14 30.50 3.58
N LEU B 57 -15.68 29.67 2.62
CA LEU B 57 -15.05 30.12 1.38
C LEU B 57 -16.03 30.92 0.49
N LYS B 58 -17.28 30.45 0.34
CA LYS B 58 -18.27 31.16 -0.49
C LYS B 58 -18.54 32.56 0.02
N GLY B 59 -18.63 32.69 1.34
CA GLY B 59 -18.84 34.00 1.99
C GLY B 59 -17.65 34.92 1.76
N ALA B 60 -16.41 34.37 1.92
CA ALA B 60 -15.19 35.15 1.73
C ALA B 60 -15.09 35.65 0.28
N CYS B 61 -15.49 34.82 -0.69
CA CYS B 61 -15.47 35.19 -2.12
C CYS B 61 -16.47 36.32 -2.38
N ALA B 62 -17.68 36.26 -1.77
CA ALA B 62 -18.69 37.32 -1.93
C ALA B 62 -18.19 38.60 -1.32
N GLN B 63 -17.52 38.53 -0.17
CA GLN B 63 -16.98 39.72 0.48
C GLN B 63 -15.96 40.41 -0.42
N VAL B 64 -15.03 39.64 -1.01
CA VAL B 64 -13.99 40.21 -1.89
C VAL B 64 -14.62 40.79 -3.17
N ASN B 65 -15.59 40.08 -3.78
CA ASN B 65 -16.28 40.59 -4.98
C ASN B 65 -16.99 41.92 -4.66
N SER B 66 -17.56 42.03 -3.45
CA SER B 66 -18.22 43.25 -2.98
C SER B 66 -17.18 44.36 -2.80
N ASP B 67 -16.06 44.07 -2.11
CA ASP B 67 -14.97 45.05 -1.87
C ASP B 67 -14.41 45.62 -3.17
N LEU B 68 -14.36 44.79 -4.21
CA LEU B 68 -13.79 45.21 -5.50
C LEU B 68 -14.86 45.86 -6.43
N GLY B 69 -16.09 46.00 -5.93
CA GLY B 69 -17.20 46.61 -6.68
C GLY B 69 -17.70 45.77 -7.84
N LEU B 70 -17.48 44.45 -7.79
CA LEU B 70 -17.89 43.52 -8.85
C LEU B 70 -19.28 42.96 -8.60
N LEU B 71 -19.73 42.98 -7.35
CA LEU B 71 -21.00 42.43 -6.94
C LEU B 71 -21.73 43.45 -6.10
N ALA B 72 -23.00 43.75 -6.46
CA ALA B 72 -23.84 44.71 -5.76
C ALA B 72 -23.91 44.37 -4.27
N PRO B 73 -23.76 45.36 -3.36
CA PRO B 73 -23.75 45.06 -1.91
C PRO B 73 -24.95 44.23 -1.41
N GLU B 74 -26.17 44.47 -1.93
CA GLU B 74 -27.38 43.72 -1.54
C GLU B 74 -27.21 42.22 -1.86
N LYS B 75 -26.67 41.90 -3.05
CA LYS B 75 -26.40 40.53 -3.49
C LYS B 75 -25.33 39.88 -2.63
N ALA B 76 -24.21 40.60 -2.38
CA ALA B 76 -23.08 40.11 -1.58
C ALA B 76 -23.51 39.84 -0.14
N ASP B 77 -24.31 40.74 0.46
CA ASP B 77 -24.83 40.59 1.82
C ASP B 77 -25.70 39.33 1.92
N ALA B 78 -26.55 39.06 0.90
CA ALA B 78 -27.39 37.87 0.90
C ALA B 78 -26.54 36.59 0.82
N ILE B 79 -25.46 36.59 -0.03
CA ILE B 79 -24.56 35.43 -0.12
C ILE B 79 -23.85 35.22 1.22
N ILE B 80 -23.29 36.32 1.82
CA ILE B 80 -22.55 36.27 3.08
C ILE B 80 -23.43 35.69 4.19
N ALA B 81 -24.71 36.14 4.27
CA ALA B 81 -25.65 35.66 5.30
C ALA B 81 -25.98 34.17 5.08
N ALA B 82 -26.28 33.76 3.81
CA ALA B 82 -26.62 32.37 3.48
C ALA B 82 -25.41 31.44 3.69
N ALA B 83 -24.22 31.86 3.22
CA ALA B 83 -23.00 31.08 3.35
C ALA B 83 -22.66 30.84 4.83
N ALA B 84 -22.90 31.85 5.71
CA ALA B 84 -22.64 31.74 7.15
C ALA B 84 -23.56 30.69 7.77
N GLU B 85 -24.83 30.62 7.35
CA GLU B 85 -25.77 29.59 7.82
C GLU B 85 -25.27 28.21 7.42
N ILE B 86 -24.79 28.05 6.17
CA ILE B 86 -24.24 26.78 5.68
C ILE B 86 -23.00 26.41 6.50
N ALA B 87 -22.09 27.37 6.69
CA ALA B 87 -20.84 27.14 7.43
C ALA B 87 -21.15 26.66 8.86
N ASP B 88 -22.19 27.26 9.48
CA ASP B 88 -22.62 26.93 10.82
C ASP B 88 -23.58 25.71 10.89
N GLY B 89 -23.52 24.82 9.91
CA GLY B 89 -24.32 23.59 9.90
C GLY B 89 -25.83 23.72 10.02
N GLN B 90 -26.41 24.77 9.44
CA GLN B 90 -27.86 24.93 9.49
C GLN B 90 -28.54 24.24 8.31
N HIS B 91 -27.76 23.79 7.32
CA HIS B 91 -28.30 23.22 6.08
C HIS B 91 -27.55 21.94 5.62
N ASP B 92 -26.94 21.17 6.54
CA ASP B 92 -26.18 19.96 6.13
C ASP B 92 -27.09 18.95 5.39
N ASP B 93 -28.41 18.94 5.70
CA ASP B 93 -29.37 18.06 5.03
CA ASP B 93 -29.32 18.02 5.02
C ASP B 93 -29.60 18.49 3.58
N GLN B 94 -29.07 19.68 3.19
CA GLN B 94 -29.23 20.21 1.82
C GLN B 94 -28.00 19.87 0.95
N PHE B 95 -27.09 19.01 1.45
CA PHE B 95 -25.87 18.56 0.76
C PHE B 95 -25.93 17.02 0.60
N PRO B 96 -26.81 16.51 -0.29
CA PRO B 96 -26.98 15.04 -0.38
C PRO B 96 -26.02 14.32 -1.34
N ILE B 97 -25.12 15.06 -2.00
CA ILE B 97 -24.27 14.45 -3.01
C ILE B 97 -23.23 13.51 -2.38
N ASP B 98 -23.03 12.36 -3.01
CA ASP B 98 -22.04 11.38 -2.61
C ASP B 98 -20.63 11.95 -2.69
N VAL B 99 -19.73 11.39 -1.88
CA VAL B 99 -18.29 11.67 -1.95
C VAL B 99 -17.79 11.29 -3.35
N PHE B 100 -18.24 10.14 -3.89
CA PHE B 100 -17.75 9.61 -5.16
C PHE B 100 -18.48 10.25 -6.33
N GLN B 101 -18.30 11.57 -6.45
CA GLN B 101 -18.88 12.42 -7.51
C GLN B 101 -17.79 12.75 -8.54
N THR B 102 -18.09 13.64 -9.49
CA THR B 102 -17.09 14.15 -10.45
C THR B 102 -15.86 14.63 -9.64
N GLY B 103 -14.67 14.22 -10.10
CA GLY B 103 -13.40 14.41 -9.39
C GLY B 103 -12.91 15.80 -9.08
N SER B 104 -13.53 16.82 -9.65
CA SER B 104 -13.18 18.22 -9.37
C SER B 104 -13.99 18.76 -8.19
N GLY B 105 -15.05 18.05 -7.83
CA GLY B 105 -15.99 18.54 -6.82
C GLY B 105 -16.95 19.55 -7.42
N THR B 106 -17.12 19.58 -8.77
CA THR B 106 -18.08 20.49 -9.43
C THR B 106 -19.48 20.40 -8.80
N SER B 107 -19.95 19.15 -8.58
CA SER B 107 -21.28 18.91 -8.04
C SER B 107 -21.44 19.55 -6.64
N SER B 108 -20.48 19.35 -5.71
CA SER B 108 -20.58 19.95 -4.38
C SER B 108 -20.43 21.47 -4.45
N ASN B 109 -19.63 21.99 -5.41
CA ASN B 109 -19.53 23.44 -5.60
C ASN B 109 -20.89 24.00 -6.05
N MET B 110 -21.53 23.34 -7.04
CA MET B 110 -22.85 23.78 -7.51
C MET B 110 -23.90 23.57 -6.43
N ASN B 111 -23.72 22.55 -5.57
CA ASN B 111 -24.61 22.30 -4.42
C ASN B 111 -24.60 23.53 -3.52
N THR B 112 -23.42 24.09 -3.22
CA THR B 112 -23.30 25.28 -2.36
C THR B 112 -23.93 26.49 -3.03
N ASN B 113 -23.66 26.70 -4.33
CA ASN B 113 -24.22 27.83 -5.10
C ASN B 113 -25.74 27.81 -5.16
N GLU B 114 -26.32 26.62 -5.40
CA GLU B 114 -27.77 26.45 -5.53
C GLU B 114 -28.47 26.65 -4.19
N VAL B 115 -27.92 26.06 -3.10
CA VAL B 115 -28.50 26.19 -1.76
C VAL B 115 -28.45 27.68 -1.31
N ILE B 116 -27.34 28.41 -1.62
CA ILE B 116 -27.23 29.85 -1.27
C ILE B 116 -28.30 30.63 -2.05
N ALA B 117 -28.48 30.32 -3.34
CA ALA B 117 -29.48 31.01 -4.15
C ALA B 117 -30.88 30.82 -3.55
N SER B 118 -31.22 29.57 -3.12
CA SER B 118 -32.53 29.26 -2.54
C SER B 118 -32.72 29.98 -1.19
N ILE B 119 -31.66 30.01 -0.33
CA ILE B 119 -31.74 30.71 0.96
C ILE B 119 -31.97 32.22 0.72
N ALA B 120 -31.19 32.84 -0.20
CA ALA B 120 -31.28 34.25 -0.53
C ALA B 120 -32.67 34.62 -1.04
N ALA B 121 -33.31 33.73 -1.82
CA ALA B 121 -34.67 33.91 -2.37
C ALA B 121 -35.69 34.05 -1.23
N LYS B 122 -35.50 33.32 -0.10
CA LYS B 122 -36.38 33.42 1.07
C LYS B 122 -36.26 34.79 1.75
N GLY B 123 -35.10 35.43 1.55
CA GLY B 123 -34.80 36.76 2.05
C GLY B 123 -35.11 37.86 1.06
N GLY B 124 -35.78 37.51 -0.04
CA GLY B 124 -36.18 38.46 -1.08
C GLY B 124 -35.08 38.92 -2.02
N VAL B 125 -33.97 38.16 -2.12
CA VAL B 125 -32.89 38.54 -3.03
C VAL B 125 -32.74 37.44 -4.09
N THR B 126 -32.77 37.82 -5.37
CA THR B 126 -32.60 36.88 -6.48
C THR B 126 -31.10 36.81 -6.87
N LEU B 127 -30.52 35.60 -6.74
CA LEU B 127 -29.13 35.34 -7.11
C LEU B 127 -29.02 34.25 -8.12
N HIS B 128 -28.17 34.44 -9.13
CA HIS B 128 -27.90 33.38 -10.08
C HIS B 128 -26.79 32.50 -9.49
N PRO B 129 -26.99 31.16 -9.40
CA PRO B 129 -25.95 30.28 -8.80
C PRO B 129 -24.57 30.40 -9.47
N ASN B 130 -24.55 30.65 -10.79
CA ASN B 130 -23.27 30.80 -11.51
C ASN B 130 -22.81 32.25 -11.51
N ASP B 131 -23.60 33.16 -12.10
CA ASP B 131 -23.21 34.55 -12.31
C ASP B 131 -22.95 35.33 -11.02
N ASP B 132 -23.69 35.04 -9.94
CA ASP B 132 -23.54 35.78 -8.68
C ASP B 132 -22.78 35.00 -7.61
N VAL B 133 -23.31 33.83 -7.20
CA VAL B 133 -22.76 33.04 -6.09
C VAL B 133 -21.37 32.49 -6.48
N ASN B 134 -21.16 32.20 -7.77
CA ASN B 134 -19.89 31.65 -8.24
C ASN B 134 -19.02 32.71 -8.94
N MET B 135 -19.35 34.02 -8.79
CA MET B 135 -18.55 35.08 -9.45
C MET B 135 -17.08 34.98 -9.06
N SER B 136 -16.16 35.05 -10.07
CA SER B 136 -14.69 35.02 -9.94
C SER B 136 -14.19 33.65 -9.49
N GLN B 137 -15.03 32.61 -9.57
CA GLN B 137 -14.65 31.29 -9.08
C GLN B 137 -14.82 30.18 -10.08
N SER B 138 -14.24 29.05 -9.70
CA SER B 138 -14.40 27.77 -10.39
C SER B 138 -14.51 26.74 -9.30
N SER B 139 -15.00 25.54 -9.63
CA SER B 139 -14.93 24.46 -8.65
C SER B 139 -13.45 24.05 -8.49
N ASN B 140 -12.65 24.23 -9.57
CA ASN B 140 -11.26 23.76 -9.69
C ASN B 140 -10.30 24.45 -8.74
N ASP B 141 -10.65 25.65 -8.27
CA ASP B 141 -9.84 26.29 -7.26
C ASP B 141 -10.61 26.28 -5.93
N THR B 142 -11.95 26.40 -5.95
CA THR B 142 -12.74 26.44 -4.70
C THR B 142 -12.78 25.11 -3.96
N PHE B 143 -13.00 23.98 -4.68
CA PHE B 143 -13.12 22.69 -4.00
C PHE B 143 -11.76 22.25 -3.39
N PRO B 144 -10.59 22.31 -4.09
CA PRO B 144 -9.34 22.01 -3.38
C PRO B 144 -9.03 23.04 -2.29
N THR B 145 -9.45 24.32 -2.45
CA THR B 145 -9.24 25.32 -1.40
C THR B 145 -9.98 24.92 -0.14
N ALA B 146 -11.28 24.58 -0.26
CA ALA B 146 -12.10 24.17 0.88
C ALA B 146 -11.53 22.88 1.50
N THR B 147 -10.97 21.99 0.67
CA THR B 147 -10.35 20.74 1.17
C THR B 147 -9.09 21.06 2.01
N HIS B 148 -8.24 21.94 1.46
CA HIS B 148 -6.99 22.32 2.14
C HIS B 148 -7.28 23.15 3.40
N ILE B 149 -8.36 23.96 3.42
CA ILE B 149 -8.76 24.69 4.63
C ILE B 149 -9.13 23.68 5.73
N ALA B 150 -9.97 22.70 5.36
CA ALA B 150 -10.44 21.69 6.30
C ALA B 150 -9.28 20.85 6.82
N ALA B 151 -8.34 20.48 5.94
CA ALA B 151 -7.17 19.70 6.33
C ALA B 151 -6.24 20.49 7.24
N THR B 152 -6.02 21.77 6.93
CA THR B 152 -5.14 22.63 7.73
C THR B 152 -5.76 22.84 9.11
N GLU B 153 -7.07 23.10 9.15
CA GLU B 153 -7.78 23.29 10.44
C GLU B 153 -7.71 21.99 11.28
N ALA B 154 -7.90 20.82 10.65
CA ALA B 154 -7.82 19.52 11.34
C ALA B 154 -6.42 19.32 11.94
N ALA B 155 -5.35 19.70 11.20
CA ALA B 155 -3.97 19.55 11.66
C ALA B 155 -3.65 20.48 12.84
N VAL B 156 -3.90 21.78 12.66
CA VAL B 156 -3.52 22.82 13.63
C VAL B 156 -4.41 22.83 14.87
N ALA B 157 -5.72 22.91 14.69
CA ALA B 157 -6.64 23.08 15.79
C ALA B 157 -7.03 21.78 16.49
N HIS B 158 -6.84 20.61 15.84
CA HIS B 158 -7.32 19.37 16.45
C HIS B 158 -6.24 18.31 16.63
N LEU B 159 -5.54 17.91 15.57
CA LEU B 159 -4.56 16.83 15.72
C LEU B 159 -3.37 17.22 16.60
N ILE B 160 -2.70 18.36 16.30
CA ILE B 160 -1.52 18.78 17.07
C ILE B 160 -1.87 18.88 18.59
N PRO B 161 -2.98 19.54 19.03
CA PRO B 161 -3.30 19.55 20.48
C PRO B 161 -3.54 18.15 21.06
N ALA B 162 -4.17 17.22 20.29
CA ALA B 162 -4.42 15.84 20.72
C ALA B 162 -3.09 15.10 20.89
N LEU B 163 -2.16 15.25 19.93
CA LEU B 163 -0.84 14.64 20.04
C LEU B 163 -0.06 15.25 21.20
N GLN B 164 -0.18 16.57 21.43
CA GLN B 164 0.49 17.22 22.56
C GLN B 164 0.00 16.62 23.89
N GLN B 165 -1.32 16.38 23.99
CA GLN B 165 -1.92 15.75 25.17
C GLN B 165 -1.36 14.34 25.38
N LEU B 166 -1.24 13.54 24.29
CA LEU B 166 -0.69 12.20 24.39
C LEU B 166 0.78 12.26 24.78
N HIS B 167 1.55 13.17 24.16
CA HIS B 167 2.96 13.34 24.48
C HIS B 167 3.13 13.63 25.99
N ASP B 168 2.35 14.58 26.52
CA ASP B 168 2.43 14.99 27.91
C ASP B 168 2.08 13.85 28.88
N ALA B 169 1.10 12.99 28.52
CA ALA B 169 0.74 11.82 29.33
C ALA B 169 1.89 10.79 29.33
N LEU B 170 2.52 10.58 28.16
CA LEU B 170 3.66 9.65 28.05
C LEU B 170 4.86 10.20 28.83
N ALA B 171 5.13 11.52 28.72
CA ALA B 171 6.25 12.18 29.42
C ALA B 171 6.02 12.19 30.94
N ALA B 172 4.75 12.28 31.40
CA ALA B 172 4.44 12.23 32.83
C ALA B 172 4.82 10.86 33.41
N LYS B 173 4.55 9.76 32.65
CA LYS B 173 4.87 8.40 33.05
C LYS B 173 6.39 8.16 32.99
N ALA B 174 7.08 8.79 32.02
CA ALA B 174 8.54 8.72 31.89
C ALA B 174 9.18 9.27 33.14
N LEU B 175 8.64 10.39 33.64
CA LEU B 175 9.13 11.03 34.87
C LEU B 175 8.79 10.20 36.12
N ASP B 176 7.51 9.78 36.27
CA ASP B 176 7.06 8.96 37.41
C ASP B 176 7.81 7.62 37.50
N TRP B 177 8.11 6.99 36.36
CA TRP B 177 8.77 5.68 36.36
C TRP B 177 10.26 5.76 36.01
N HIS B 178 10.89 6.94 36.18
CA HIS B 178 12.30 7.19 35.82
C HIS B 178 13.28 6.17 36.40
N THR B 179 13.03 5.67 37.62
CA THR B 179 13.95 4.71 38.23
C THR B 179 13.26 3.35 38.51
N VAL B 180 12.20 3.01 37.75
CA VAL B 180 11.50 1.74 37.87
C VAL B 180 12.24 0.75 36.95
N VAL B 181 13.24 0.03 37.51
CA VAL B 181 14.07 -0.88 36.72
C VAL B 181 13.26 -2.11 36.23
N LYS B 182 13.62 -2.58 35.04
CA LYS B 182 13.04 -3.75 34.40
C LYS B 182 14.05 -4.33 33.45
N SER B 183 13.76 -5.48 32.86
CA SER B 183 14.67 -6.01 31.87
C SER B 183 14.30 -5.48 30.51
N GLY B 184 15.30 -5.02 29.79
CA GLY B 184 15.11 -4.64 28.40
C GLY B 184 14.91 -5.93 27.62
N ARG B 185 14.34 -5.82 26.43
CA ARG B 185 14.12 -6.96 25.52
C ARG B 185 14.47 -6.54 24.12
N THR B 186 15.33 -7.32 23.44
CA THR B 186 15.69 -7.08 22.04
C THR B 186 15.46 -8.40 21.35
N HIS B 187 14.78 -8.38 20.18
CA HIS B 187 14.43 -9.60 19.42
C HIS B 187 13.45 -10.46 20.25
N LEU B 188 12.80 -9.87 21.29
CA LEU B 188 11.90 -10.51 22.27
C LEU B 188 12.67 -11.33 23.31
N MET B 189 14.01 -11.22 23.31
CA MET B 189 14.86 -12.00 24.20
C MET B 189 15.45 -11.16 25.32
N ASP B 190 15.85 -11.82 26.43
CA ASP B 190 16.42 -11.20 27.63
C ASP B 190 17.57 -10.28 27.29
N ALA B 191 17.41 -8.99 27.58
CA ALA B 191 18.48 -8.03 27.32
C ALA B 191 18.94 -7.37 28.64
N VAL B 192 19.70 -6.30 28.55
CA VAL B 192 20.21 -5.60 29.73
C VAL B 192 19.12 -4.70 30.33
N PRO B 193 19.27 -4.22 31.57
CA PRO B 193 18.21 -3.41 32.18
C PRO B 193 17.97 -2.06 31.51
N VAL B 194 16.71 -1.64 31.60
CA VAL B 194 16.18 -0.35 31.20
C VAL B 194 15.27 0.06 32.34
N THR B 195 14.79 1.29 32.35
CA THR B 195 13.76 1.65 33.30
C THR B 195 12.49 1.76 32.48
N LEU B 196 11.33 1.54 33.12
CA LEU B 196 10.06 1.68 32.43
C LEU B 196 9.93 3.15 31.96
N GLY B 197 10.52 4.08 32.72
CA GLY B 197 10.53 5.51 32.40
C GLY B 197 11.29 5.83 31.13
N GLN B 198 12.41 5.12 30.89
CA GLN B 198 13.19 5.29 29.67
C GLN B 198 12.38 4.88 28.44
N GLU B 199 11.63 3.76 28.54
CA GLU B 199 10.80 3.29 27.42
C GLU B 199 9.74 4.33 27.06
N PHE B 200 9.07 4.89 28.10
CA PHE B 200 8.03 5.90 27.96
C PHE B 200 8.59 7.22 27.42
N SER B 201 9.89 7.51 27.65
CA SER B 201 10.58 8.68 27.10
C SER B 201 10.78 8.47 25.58
N GLY B 202 10.96 7.21 25.17
CA GLY B 202 11.05 6.83 23.77
C GLY B 202 9.71 7.05 23.08
N TYR B 203 8.61 6.58 23.73
CA TYR B 203 7.24 6.76 23.19
C TYR B 203 6.92 8.23 23.09
N ALA B 204 7.27 8.99 24.16
CA ALA B 204 7.03 10.44 24.20
C ALA B 204 7.75 11.12 23.01
N ARG B 205 9.01 10.77 22.75
CA ARG B 205 9.74 11.32 21.61
C ARG B 205 9.08 10.97 20.27
N GLN B 206 8.52 9.74 20.13
CA GLN B 206 7.85 9.37 18.87
C GLN B 206 6.67 10.29 18.60
N ILE B 207 5.92 10.66 19.66
CA ILE B 207 4.77 11.54 19.50
C ILE B 207 5.24 12.97 19.25
N GLU B 208 6.29 13.41 19.98
CA GLU B 208 6.87 14.76 19.78
C GLU B 208 7.36 14.89 18.32
N ALA B 209 8.03 13.84 17.79
CA ALA B 209 8.50 13.82 16.41
C ALA B 209 7.29 13.82 15.44
N GLY B 210 6.20 13.18 15.83
CA GLY B 210 4.95 13.18 15.06
C GLY B 210 4.40 14.59 14.91
N ILE B 211 4.45 15.39 15.99
CA ILE B 211 4.02 16.80 15.98
C ILE B 211 4.93 17.59 15.02
N GLU B 212 6.26 17.38 15.12
CA GLU B 212 7.24 18.01 14.23
C GLU B 212 6.94 17.68 12.76
N ARG B 213 6.55 16.41 12.47
CA ARG B 213 6.23 15.96 11.11
C ARG B 213 4.99 16.68 10.57
N VAL B 214 3.95 16.82 11.39
CA VAL B 214 2.73 17.55 11.00
C VAL B 214 3.09 19.02 10.76
N ARG B 215 3.82 19.63 11.68
CA ARG B 215 4.20 21.04 11.53
C ARG B 215 5.03 21.28 10.25
N ALA B 216 5.95 20.35 9.92
CA ALA B 216 6.81 20.49 8.74
C ALA B 216 6.04 20.44 7.41
N CYS B 217 4.84 19.84 7.37
CA CYS B 217 4.02 19.76 6.16
C CYS B 217 3.12 21.00 5.98
N LEU B 218 2.86 21.75 7.08
CA LEU B 218 1.95 22.92 7.05
C LEU B 218 2.29 24.00 5.98
N PRO B 219 3.56 24.36 5.68
CA PRO B 219 3.79 25.36 4.61
C PRO B 219 3.18 24.96 3.26
N ARG B 220 3.03 23.64 2.98
CA ARG B 220 2.46 23.19 1.69
C ARG B 220 1.00 22.72 1.88
N LEU B 221 0.63 22.20 3.07
CA LEU B 221 -0.76 21.81 3.29
C LEU B 221 -1.68 23.04 3.31
N GLY B 222 -1.17 24.15 3.87
CA GLY B 222 -1.91 25.40 3.97
C GLY B 222 -2.04 26.20 2.68
N GLU B 223 -1.35 25.78 1.61
CA GLU B 223 -1.43 26.44 0.30
C GLU B 223 -2.82 26.27 -0.30
N LEU B 224 -3.42 27.37 -0.72
CA LEU B 224 -4.75 27.37 -1.31
C LEU B 224 -4.72 27.79 -2.77
N ALA B 225 -5.51 27.12 -3.59
CA ALA B 225 -5.63 27.33 -5.03
C ALA B 225 -6.49 28.54 -5.39
N ILE B 226 -7.27 29.07 -4.42
CA ILE B 226 -8.25 30.17 -4.65
C ILE B 226 -7.62 31.32 -5.49
N GLY B 227 -8.32 31.68 -6.54
CA GLY B 227 -7.90 32.72 -7.46
C GLY B 227 -7.42 32.21 -8.80
N GLY B 228 -7.08 30.91 -8.86
CA GLY B 228 -6.59 30.31 -10.10
C GLY B 228 -7.68 29.99 -11.10
N THR B 229 -8.95 29.97 -10.64
CA THR B 229 -10.17 29.66 -11.37
C THR B 229 -10.06 28.34 -12.16
N ALA B 230 -10.48 28.32 -13.44
CA ALA B 230 -10.63 27.12 -14.27
C ALA B 230 -9.35 26.26 -14.43
N VAL B 231 -8.21 26.89 -14.77
CA VAL B 231 -6.99 26.13 -15.11
C VAL B 231 -5.73 26.60 -14.38
N GLY B 232 -5.87 27.64 -13.56
CA GLY B 232 -4.77 28.23 -12.80
C GLY B 232 -4.35 29.60 -13.30
N THR B 233 -4.89 30.04 -14.44
CA THR B 233 -4.56 31.33 -15.07
C THR B 233 -5.27 32.53 -14.39
N GLY B 234 -6.28 32.25 -13.58
CA GLY B 234 -7.02 33.28 -12.89
C GLY B 234 -8.02 34.00 -13.77
N LEU B 235 -8.33 33.42 -14.96
CA LEU B 235 -9.29 33.97 -15.91
C LEU B 235 -10.65 34.15 -15.22
N ASN B 236 -11.28 35.32 -15.45
CA ASN B 236 -12.60 35.70 -14.92
C ASN B 236 -12.54 36.06 -13.43
N ALA B 237 -11.34 36.22 -12.88
CA ALA B 237 -11.16 36.68 -11.51
C ALA B 237 -10.23 37.87 -11.49
N PRO B 238 -10.37 38.78 -10.52
CA PRO B 238 -9.36 39.86 -10.40
C PRO B 238 -7.98 39.25 -10.11
N ASP B 239 -6.91 39.92 -10.54
CA ASP B 239 -5.52 39.44 -10.37
C ASP B 239 -5.16 39.21 -8.90
N ASP B 240 -5.71 40.01 -7.97
CA ASP B 240 -5.44 39.87 -6.53
C ASP B 240 -6.60 39.14 -5.77
N PHE B 241 -7.49 38.43 -6.50
CA PHE B 241 -8.63 37.76 -5.85
C PHE B 241 -8.17 36.78 -4.77
N GLY B 242 -7.19 35.94 -5.11
CA GLY B 242 -6.62 34.94 -4.22
C GLY B 242 -6.09 35.52 -2.91
N VAL B 243 -5.19 36.52 -3.00
CA VAL B 243 -4.58 37.15 -1.81
C VAL B 243 -5.67 37.79 -0.95
N ARG B 244 -6.68 38.42 -1.57
CA ARG B 244 -7.75 39.09 -0.83
C ARG B 244 -8.65 38.08 -0.09
N VAL B 245 -9.00 36.96 -0.75
CA VAL B 245 -9.84 35.92 -0.14
C VAL B 245 -9.09 35.27 1.02
N VAL B 246 -7.80 34.94 0.82
CA VAL B 246 -6.97 34.31 1.85
C VAL B 246 -6.94 35.24 3.09
N ALA B 247 -6.80 36.59 2.89
CA ALA B 247 -6.80 37.51 4.03
C ALA B 247 -8.15 37.46 4.79
N VAL B 248 -9.29 37.34 4.08
CA VAL B 248 -10.61 37.24 4.73
C VAL B 248 -10.69 35.90 5.51
N LEU B 249 -10.29 34.78 4.90
CA LEU B 249 -10.29 33.48 5.55
C LEU B 249 -9.45 33.44 6.82
N VAL B 250 -8.22 33.97 6.76
CA VAL B 250 -7.29 33.96 7.90
C VAL B 250 -7.93 34.75 9.07
N ALA B 251 -8.51 35.93 8.81
CA ALA B 251 -9.17 36.74 9.83
C ALA B 251 -10.46 36.08 10.37
N GLN B 252 -11.19 35.35 9.51
CA GLN B 252 -12.45 34.70 9.90
C GLN B 252 -12.23 33.40 10.66
N THR B 253 -11.07 32.76 10.53
CA THR B 253 -10.80 31.47 11.18
C THR B 253 -9.71 31.48 12.23
N GLY B 254 -8.83 32.49 12.21
CA GLY B 254 -7.67 32.53 13.08
C GLY B 254 -6.62 31.51 12.66
N LEU B 255 -6.78 30.92 11.47
CA LEU B 255 -5.88 29.89 10.94
C LEU B 255 -4.81 30.55 10.07
N SER B 256 -3.73 31.01 10.72
CA SER B 256 -2.63 31.78 10.12
C SER B 256 -1.82 30.97 9.08
N GLU B 257 -1.90 29.64 9.09
CA GLU B 257 -1.15 28.76 8.18
C GLU B 257 -1.72 28.81 6.74
N LEU B 258 -2.92 29.38 6.56
CA LEU B 258 -3.53 29.48 5.23
C LEU B 258 -2.77 30.47 4.41
N ARG B 259 -2.52 30.12 3.15
CA ARG B 259 -1.76 31.02 2.25
C ARG B 259 -2.09 30.74 0.81
N THR B 260 -1.81 31.71 -0.08
CA THR B 260 -1.97 31.49 -1.53
C THR B 260 -0.90 30.56 -1.99
N ALA B 261 -1.21 29.67 -2.96
CA ALA B 261 -0.21 28.73 -3.45
C ALA B 261 0.95 29.43 -4.11
N ALA B 262 2.16 28.84 -4.00
CA ALA B 262 3.38 29.40 -4.63
C ALA B 262 3.22 29.39 -6.15
N ASN B 263 2.60 28.31 -6.70
CA ASN B 263 2.38 28.20 -8.14
C ASN B 263 0.93 27.80 -8.35
N SER B 264 0.20 28.59 -9.14
CA SER B 264 -1.24 28.40 -9.34
C SER B 264 -1.60 27.15 -10.18
N PHE B 265 -0.66 26.69 -11.02
CA PHE B 265 -0.88 25.52 -11.87
C PHE B 265 -0.65 24.25 -11.04
N GLU B 266 0.45 24.21 -10.28
CA GLU B 266 0.75 23.08 -9.39
C GLU B 266 -0.41 22.88 -8.38
N ALA B 267 -0.98 24.00 -7.89
CA ALA B 267 -2.06 23.98 -6.88
C ALA B 267 -3.38 23.37 -7.39
N GLN B 268 -3.55 23.22 -8.70
CA GLN B 268 -4.76 22.65 -9.28
C GLN B 268 -4.50 21.37 -10.07
N ALA B 269 -3.35 21.29 -10.76
CA ALA B 269 -2.98 20.09 -11.53
C ALA B 269 -2.62 18.94 -10.58
N ALA B 270 -2.32 19.28 -9.32
CA ALA B 270 -1.90 18.29 -8.35
C ALA B 270 -2.47 18.58 -6.95
N ARG B 271 -2.51 17.55 -6.12
CA ARG B 271 -2.91 17.60 -4.71
C ARG B 271 -1.76 17.03 -3.88
N ASP B 272 -0.51 17.32 -4.30
CA ASP B 272 0.71 16.78 -3.66
C ASP B 272 0.82 17.17 -2.16
N GLY B 273 0.25 18.31 -1.77
CA GLY B 273 0.21 18.71 -0.35
C GLY B 273 -0.59 17.75 0.50
N LEU B 274 -1.64 17.13 -0.07
CA LEU B 274 -2.45 16.13 0.66
C LEU B 274 -1.67 14.83 0.80
N VAL B 275 -0.96 14.44 -0.26
CA VAL B 275 -0.12 13.23 -0.26
C VAL B 275 0.98 13.40 0.79
N GLU B 276 1.63 14.58 0.81
CA GLU B 276 2.68 14.90 1.79
C GLU B 276 2.13 14.79 3.23
N ALA B 277 1.02 15.47 3.51
CA ALA B 277 0.39 15.46 4.84
C ALA B 277 0.01 14.02 5.25
N SER B 278 -0.54 13.22 4.33
CA SER B 278 -0.91 11.83 4.64
C SER B 278 0.32 11.02 5.09
N GLY B 279 1.48 11.27 4.47
CA GLY B 279 2.75 10.65 4.86
C GLY B 279 3.07 10.91 6.33
N ALA B 280 2.84 12.15 6.82
CA ALA B 280 3.06 12.50 8.23
C ALA B 280 2.09 11.71 9.11
N LEU B 281 0.79 11.60 8.69
CA LEU B 281 -0.24 10.86 9.45
C LEU B 281 0.09 9.37 9.48
N ARG B 282 0.61 8.87 8.36
CA ARG B 282 1.01 7.46 8.22
C ARG B 282 2.20 7.18 9.17
N THR B 283 3.16 8.11 9.29
CA THR B 283 4.31 7.92 10.20
C THR B 283 3.79 7.90 11.65
N ILE B 284 2.81 8.76 11.96
CA ILE B 284 2.19 8.81 13.31
C ILE B 284 1.48 7.45 13.58
N ALA B 285 0.79 6.89 12.56
CA ALA B 285 0.12 5.58 12.69
C ALA B 285 1.16 4.48 13.00
N VAL B 286 2.33 4.58 12.36
CA VAL B 286 3.45 3.64 12.55
C VAL B 286 3.98 3.78 14.00
N SER B 287 4.19 5.02 14.49
CA SER B 287 4.66 5.27 15.85
C SER B 287 3.63 4.76 16.88
N LEU B 288 2.34 5.08 16.66
CA LEU B 288 1.26 4.67 17.56
C LEU B 288 1.12 3.15 17.63
N THR B 289 1.36 2.44 16.51
CA THR B 289 1.29 0.97 16.49
C THR B 289 2.34 0.40 17.44
N LYS B 290 3.57 0.92 17.40
CA LYS B 290 4.66 0.46 18.27
C LYS B 290 4.30 0.70 19.74
N ILE B 291 3.86 1.92 20.06
CA ILE B 291 3.51 2.32 21.43
C ILE B 291 2.36 1.46 21.95
N ALA B 292 1.26 1.34 21.19
CA ALA B 292 0.09 0.56 21.60
C ALA B 292 0.43 -0.94 21.75
N ASN B 293 1.25 -1.50 20.83
CA ASN B 293 1.64 -2.92 20.89
C ASN B 293 2.49 -3.22 22.12
N ASP B 294 3.46 -2.34 22.42
CA ASP B 294 4.29 -2.50 23.62
C ASP B 294 3.43 -2.44 24.88
N ILE B 295 2.46 -1.48 24.92
CA ILE B 295 1.64 -1.30 26.10
C ILE B 295 0.75 -2.53 26.33
N ARG B 296 0.11 -3.09 25.29
CA ARG B 296 -0.73 -4.28 25.51
C ARG B 296 0.13 -5.53 25.83
N TRP B 297 1.38 -5.60 25.30
CA TRP B 297 2.28 -6.71 25.65
C TRP B 297 2.75 -6.55 27.10
N MET B 298 3.01 -5.32 27.54
CA MET B 298 3.38 -5.08 28.94
C MET B 298 2.22 -5.41 29.89
N GLY B 299 0.97 -5.18 29.44
CA GLY B 299 -0.21 -5.50 30.23
C GLY B 299 -0.71 -6.93 30.06
N SER B 300 -0.03 -7.75 29.24
CA SER B 300 -0.44 -9.10 28.91
C SER B 300 -0.50 -10.03 30.12
N GLY B 301 -1.44 -10.96 30.03
CA GLY B 301 -1.61 -11.99 31.03
C GLY B 301 -2.90 -11.81 31.79
N PRO B 302 -2.78 -11.57 33.12
CA PRO B 302 -1.52 -11.35 33.88
C PRO B 302 -0.67 -12.61 34.11
N LEU B 303 -1.33 -13.71 34.48
CA LEU B 303 -0.62 -14.93 34.82
C LEU B 303 0.09 -15.65 33.66
N THR B 304 -0.37 -15.49 32.40
CA THR B 304 0.29 -16.20 31.30
C THR B 304 1.08 -15.26 30.37
N GLY B 305 1.20 -14.00 30.76
CA GLY B 305 1.90 -13.01 29.94
C GLY B 305 3.07 -12.35 30.65
N LEU B 306 3.37 -11.11 30.29
CA LEU B 306 4.51 -10.39 30.85
C LEU B 306 4.15 -9.72 32.17
N ALA B 307 2.88 -9.29 32.33
CA ALA B 307 2.31 -8.68 33.56
C ALA B 307 3.21 -7.59 34.15
N GLU B 308 3.72 -6.72 33.29
CA GLU B 308 4.61 -5.64 33.68
C GLU B 308 3.86 -4.45 34.23
N ILE B 309 2.70 -4.16 33.62
CA ILE B 309 1.89 -3.01 34.00
C ILE B 309 0.42 -3.40 34.04
N GLN B 310 -0.40 -2.55 34.65
CA GLN B 310 -1.84 -2.73 34.69
C GLN B 310 -2.49 -1.59 33.92
N LEU B 311 -3.30 -1.94 32.91
CA LEU B 311 -4.06 -0.94 32.17
C LEU B 311 -5.37 -0.66 32.92
N PRO B 312 -5.87 0.58 32.95
CA PRO B 312 -7.19 0.81 33.59
C PRO B 312 -8.27 -0.05 32.95
N ASP B 313 -9.16 -0.64 33.76
CA ASP B 313 -10.28 -1.45 33.26
C ASP B 313 -11.28 -0.52 32.64
N LEU B 314 -11.70 -0.79 31.40
CA LEU B 314 -12.65 0.10 30.73
C LEU B 314 -14.01 -0.53 30.50
N GLN B 315 -14.06 -1.88 30.43
CA GLN B 315 -15.29 -2.61 30.18
C GLN B 315 -15.07 -4.09 30.38
N PRO B 316 -16.11 -4.91 30.69
CA PRO B 316 -15.89 -6.36 30.79
C PRO B 316 -15.25 -6.88 29.50
N GLY B 317 -14.25 -7.73 29.64
CA GLY B 317 -13.53 -8.15 28.45
C GLY B 317 -14.20 -9.14 27.52
N CYS B 318 -14.98 -10.07 28.08
CA CYS B 318 -15.37 -11.23 27.29
C CYS B 318 -16.76 -11.77 27.61
N SER B 319 -17.55 -12.07 26.56
CA SER B 319 -18.92 -12.55 26.71
C SER B 319 -18.99 -13.99 27.26
N ILE B 320 -17.90 -14.77 27.15
CA ILE B 320 -17.85 -16.19 27.57
C ILE B 320 -16.86 -16.43 28.71
N MET B 321 -15.65 -15.80 28.67
CA MET B 321 -14.61 -15.99 29.70
C MET B 321 -14.80 -14.92 30.77
N PRO B 322 -15.36 -15.30 31.93
CA PRO B 322 -15.68 -14.28 32.94
C PRO B 322 -14.46 -13.73 33.65
N GLY B 323 -14.53 -12.45 34.02
CA GLY B 323 -13.47 -11.78 34.77
C GLY B 323 -12.38 -11.12 33.94
N LYS B 324 -12.05 -11.74 32.81
CA LYS B 324 -11.05 -11.29 31.85
C LYS B 324 -11.32 -9.83 31.40
N VAL B 325 -10.28 -8.96 31.41
CA VAL B 325 -10.34 -7.56 30.97
C VAL B 325 -9.30 -7.39 29.86
N ASN B 326 -9.70 -6.83 28.71
CA ASN B 326 -8.84 -6.73 27.54
C ASN B 326 -8.29 -5.33 27.29
N PRO B 327 -7.10 -5.24 26.63
CA PRO B 327 -6.52 -3.91 26.31
C PRO B 327 -7.24 -3.27 25.11
N VAL B 328 -8.49 -2.85 25.34
CA VAL B 328 -9.36 -2.31 24.27
C VAL B 328 -8.85 -0.99 23.69
N LEU B 329 -8.20 -0.10 24.49
CA LEU B 329 -7.71 1.15 23.90
C LEU B 329 -6.53 0.88 22.98
N PRO B 330 -5.49 0.08 23.35
CA PRO B 330 -4.45 -0.25 22.38
C PRO B 330 -5.01 -0.90 21.09
N GLU B 331 -6.10 -1.72 21.20
CA GLU B 331 -6.74 -2.34 20.03
C GLU B 331 -7.41 -1.27 19.14
N ALA B 332 -8.04 -0.26 19.75
CA ALA B 332 -8.66 0.82 18.98
C ALA B 332 -7.57 1.61 18.27
N VAL B 333 -6.44 1.85 18.96
CA VAL B 333 -5.31 2.58 18.37
C VAL B 333 -4.72 1.82 17.16
N THR B 334 -4.43 0.51 17.32
CA THR B 334 -3.82 -0.28 16.25
C THR B 334 -4.78 -0.44 15.05
N GLN B 335 -6.10 -0.51 15.30
CA GLN B 335 -7.07 -0.58 14.18
C GLN B 335 -7.16 0.76 13.47
N VAL B 336 -7.11 1.87 14.23
CA VAL B 336 -7.10 3.21 13.62
C VAL B 336 -5.85 3.34 12.74
N ALA B 337 -4.69 2.91 13.26
CA ALA B 337 -3.43 2.99 12.51
C ALA B 337 -3.54 2.23 11.20
N ALA B 338 -4.17 1.02 11.20
CA ALA B 338 -4.39 0.24 9.98
C ALA B 338 -5.22 1.03 8.98
N GLN B 339 -6.27 1.72 9.46
CA GLN B 339 -7.13 2.53 8.61
C GLN B 339 -6.37 3.70 7.99
N VAL B 340 -5.51 4.36 8.78
CA VAL B 340 -4.70 5.52 8.32
C VAL B 340 -3.74 5.04 7.20
N ILE B 341 -3.13 3.84 7.36
CA ILE B 341 -2.25 3.23 6.35
C ILE B 341 -3.01 3.01 5.04
N GLY B 342 -4.22 2.46 5.14
CA GLY B 342 -5.07 2.21 3.99
C GLY B 342 -5.48 3.50 3.31
N ASN B 343 -5.95 4.46 4.09
CA ASN B 343 -6.37 5.78 3.59
C ASN B 343 -5.19 6.46 2.88
N ASP B 344 -3.97 6.28 3.42
CA ASP B 344 -2.74 6.85 2.87
C ASP B 344 -2.47 6.30 1.47
N ALA B 345 -2.71 4.98 1.27
CA ALA B 345 -2.52 4.35 -0.04
C ALA B 345 -3.54 4.91 -1.05
N ALA B 346 -4.80 5.12 -0.62
CA ALA B 346 -5.84 5.68 -1.48
C ALA B 346 -5.50 7.11 -1.88
N ILE B 347 -4.97 7.94 -0.93
CA ILE B 347 -4.61 9.36 -1.19
C ILE B 347 -3.49 9.43 -2.25
N ALA B 348 -2.41 8.63 -2.07
CA ALA B 348 -1.29 8.64 -3.02
C ALA B 348 -1.73 8.20 -4.41
N TRP B 349 -2.62 7.19 -4.49
CA TRP B 349 -3.13 6.66 -5.76
C TRP B 349 -3.87 7.80 -6.53
N GLY B 350 -4.73 8.51 -5.83
CA GLY B 350 -5.45 9.63 -6.42
C GLY B 350 -4.51 10.77 -6.80
N GLY B 351 -3.53 11.04 -5.93
CA GLY B 351 -2.57 12.13 -6.13
C GLY B 351 -1.72 12.00 -7.37
N ALA B 352 -1.36 10.76 -7.72
CA ALA B 352 -0.49 10.53 -8.88
C ALA B 352 -1.21 10.61 -10.21
N ASN B 353 -2.55 10.53 -10.21
CA ASN B 353 -3.30 10.38 -11.44
C ASN B 353 -4.00 11.63 -11.96
N GLY B 354 -3.39 12.79 -11.70
CA GLY B 354 -3.88 14.02 -12.30
C GLY B 354 -3.57 14.04 -13.77
N ALA B 355 -4.23 14.93 -14.53
CA ALA B 355 -3.92 15.05 -15.95
C ALA B 355 -3.99 16.51 -16.34
N PHE B 356 -2.93 17.02 -17.00
CA PHE B 356 -2.88 18.39 -17.49
C PHE B 356 -3.25 19.41 -16.38
N GLU B 357 -4.29 20.23 -16.56
CA GLU B 357 -4.57 21.33 -15.66
C GLU B 357 -5.34 20.94 -14.38
N LEU B 358 -5.73 19.65 -14.23
CA LEU B 358 -6.53 19.34 -13.05
C LEU B 358 -6.38 17.92 -12.56
N ASN B 359 -6.21 17.77 -11.24
CA ASN B 359 -6.24 16.43 -10.66
C ASN B 359 -7.70 16.20 -10.27
N VAL B 360 -8.34 15.17 -10.85
CA VAL B 360 -9.77 14.92 -10.59
C VAL B 360 -9.99 13.72 -9.67
N TYR B 361 -9.31 13.73 -8.50
CA TYR B 361 -9.48 12.72 -7.45
C TYR B 361 -9.76 13.42 -6.11
N ILE B 362 -10.10 14.72 -6.17
CA ILE B 362 -10.20 15.53 -4.97
C ILE B 362 -11.27 15.02 -3.96
N PRO B 363 -12.54 14.72 -4.31
CA PRO B 363 -13.49 14.27 -3.27
C PRO B 363 -13.01 13.02 -2.52
N MET B 364 -12.42 12.06 -3.24
CA MET B 364 -11.91 10.83 -2.62
C MET B 364 -10.68 11.15 -1.74
N MET B 365 -9.76 12.00 -2.25
CA MET B 365 -8.57 12.35 -1.46
C MET B 365 -8.99 13.09 -0.18
N ALA B 366 -9.97 14.01 -0.30
CA ALA B 366 -10.51 14.79 0.81
C ALA B 366 -11.12 13.85 1.85
N ARG B 367 -11.94 12.88 1.40
CA ARG B 367 -12.56 11.94 2.33
C ARG B 367 -11.50 11.24 3.20
N ASN B 368 -10.49 10.68 2.54
CA ASN B 368 -9.46 9.89 3.21
C ASN B 368 -8.55 10.71 4.13
N ILE B 369 -8.04 11.88 3.67
CA ILE B 369 -7.14 12.68 4.51
C ILE B 369 -7.89 13.21 5.74
N LEU B 370 -9.12 13.71 5.56
CA LEU B 370 -9.88 14.26 6.67
C LEU B 370 -10.27 13.15 7.65
N GLU B 371 -10.57 11.96 7.15
CA GLU B 371 -10.89 10.86 8.05
C GLU B 371 -9.65 10.47 8.86
N SER B 372 -8.47 10.38 8.21
CA SER B 372 -7.22 10.04 8.91
C SER B 372 -6.95 11.06 10.02
N PHE B 373 -7.13 12.38 9.75
CA PHE B 373 -6.95 13.42 10.79
C PHE B 373 -7.90 13.17 11.97
N LYS B 374 -9.19 12.95 11.67
CA LYS B 374 -10.24 12.73 12.69
C LYS B 374 -9.93 11.51 13.58
N LEU B 375 -9.69 10.35 12.96
CA LEU B 375 -9.42 9.10 13.69
C LEU B 375 -8.21 9.24 14.59
N LEU B 376 -7.11 9.82 14.08
CA LEU B 376 -5.88 9.98 14.86
C LEU B 376 -6.10 10.95 16.02
N THR B 377 -6.83 12.03 15.78
CA THR B 377 -7.12 13.02 16.83
C THR B 377 -7.92 12.37 17.96
N ASN B 378 -9.05 11.74 17.62
CA ASN B 378 -9.96 11.14 18.63
C ASN B 378 -9.31 9.99 19.36
N VAL B 379 -8.60 9.09 18.66
CA VAL B 379 -8.00 7.94 19.34
C VAL B 379 -6.78 8.38 20.19
N SER B 380 -6.03 9.42 19.78
CA SER B 380 -4.86 9.89 20.57
C SER B 380 -5.32 10.41 21.94
N ARG B 381 -6.40 11.21 21.96
CA ARG B 381 -6.95 11.75 23.20
CA ARG B 381 -6.99 11.76 23.18
C ARG B 381 -7.49 10.64 24.10
N LEU B 382 -8.22 9.65 23.53
CA LEU B 382 -8.77 8.53 24.30
C LEU B 382 -7.65 7.67 24.86
N PHE B 383 -6.59 7.47 24.05
CA PHE B 383 -5.43 6.69 24.46
C PHE B 383 -4.72 7.37 25.62
N ALA B 384 -4.56 8.71 25.56
CA ALA B 384 -3.93 9.46 26.64
C ALA B 384 -4.78 9.44 27.94
N GLN B 385 -6.09 9.72 27.83
CA GLN B 385 -7.01 9.84 28.97
CA GLN B 385 -7.01 9.83 28.98
C GLN B 385 -7.46 8.50 29.58
N ARG B 386 -7.87 7.54 28.73
CA ARG B 386 -8.46 6.29 29.21
C ARG B 386 -7.47 5.16 29.34
N CYS B 387 -6.21 5.38 28.92
CA CYS B 387 -5.23 4.32 29.01
C CYS B 387 -3.94 4.79 29.69
N ILE B 388 -3.16 5.69 29.03
CA ILE B 388 -1.83 6.13 29.53
C ILE B 388 -1.90 6.72 30.94
N ALA B 389 -2.78 7.73 31.16
CA ALA B 389 -2.90 8.42 32.45
C ALA B 389 -3.06 7.47 33.65
N GLY B 390 -3.85 6.40 33.49
CA GLY B 390 -4.15 5.47 34.56
C GLY B 390 -3.28 4.24 34.69
N LEU B 391 -2.25 4.08 33.85
CA LEU B 391 -1.36 2.90 33.94
C LEU B 391 -0.67 2.83 35.28
N THR B 392 -0.49 1.61 35.81
CA THR B 392 0.25 1.40 37.06
C THR B 392 1.31 0.36 36.78
N ALA B 393 2.48 0.52 37.37
CA ALA B 393 3.60 -0.41 37.18
C ALA B 393 3.60 -1.50 38.27
N ASN B 394 3.94 -2.74 37.90
CA ASN B 394 4.09 -3.85 38.84
C ASN B 394 5.57 -3.88 39.22
N VAL B 395 5.98 -2.89 40.05
CA VAL B 395 7.37 -2.59 40.41
C VAL B 395 8.14 -3.85 40.88
N GLU B 396 7.52 -4.69 41.72
CA GLU B 396 8.16 -5.91 42.30
C GLU B 396 8.53 -6.91 41.21
N HIS B 397 7.56 -7.22 40.34
CA HIS B 397 7.74 -8.13 39.21
C HIS B 397 8.80 -7.61 38.23
N LEU B 398 8.76 -6.28 37.93
CA LEU B 398 9.71 -5.64 37.03
C LEU B 398 11.14 -5.76 37.55
N ARG B 399 11.32 -5.62 38.87
CA ARG B 399 12.63 -5.76 39.50
C ARG B 399 13.14 -7.19 39.35
N ARG B 400 12.28 -8.20 39.62
CA ARG B 400 12.67 -9.62 39.49
C ARG B 400 13.05 -9.91 38.04
N LEU B 401 12.31 -9.37 37.06
CA LEU B 401 12.61 -9.54 35.64
C LEU B 401 14.00 -8.99 35.31
N ALA B 402 14.32 -7.74 35.74
CA ALA B 402 15.62 -7.10 35.52
C ALA B 402 16.81 -7.95 36.02
N GLU B 403 16.70 -8.47 37.25
CA GLU B 403 17.72 -9.27 37.93
C GLU B 403 17.84 -10.68 37.36
N SER B 404 16.76 -11.21 36.74
CA SER B 404 16.76 -12.58 36.19
C SER B 404 17.44 -12.67 34.81
N SER B 405 17.57 -11.55 34.09
CA SER B 405 18.14 -11.61 32.75
C SER B 405 19.62 -12.06 32.73
N PRO B 406 19.97 -13.17 32.03
CA PRO B 406 21.39 -13.57 31.97
C PRO B 406 22.26 -12.53 31.25
N SER B 407 21.64 -11.62 30.46
CA SER B 407 22.38 -10.57 29.75
C SER B 407 22.97 -9.52 30.72
N ILE B 408 22.66 -9.59 32.03
CA ILE B 408 23.26 -8.69 33.03
C ILE B 408 24.76 -9.00 33.19
N VAL B 409 25.27 -10.04 32.49
CA VAL B 409 26.70 -10.39 32.48
C VAL B 409 27.45 -9.34 31.62
N THR B 410 26.73 -8.62 30.73
CA THR B 410 27.28 -7.65 29.76
C THR B 410 28.32 -6.65 30.34
N PRO B 411 28.10 -5.97 31.50
CA PRO B 411 29.14 -5.01 31.96
C PRO B 411 30.46 -5.67 32.39
N LEU B 412 30.55 -7.01 32.39
CA LEU B 412 31.79 -7.71 32.75
C LEU B 412 32.69 -7.91 31.52
N ASN B 413 32.20 -7.58 30.30
CA ASN B 413 32.97 -7.74 29.06
C ASN B 413 34.37 -7.15 29.15
N SER B 414 34.53 -5.92 29.70
CA SER B 414 35.83 -5.28 29.79
C SER B 414 36.80 -5.99 30.74
N ALA B 415 36.27 -6.76 31.73
CA ALA B 415 37.10 -7.48 32.69
C ALA B 415 37.42 -8.92 32.28
N ILE B 416 36.43 -9.67 31.76
CA ILE B 416 36.65 -11.09 31.44
C ILE B 416 36.60 -11.41 29.94
N GLY B 417 36.19 -10.44 29.11
CA GLY B 417 36.07 -10.62 27.67
C GLY B 417 34.74 -11.21 27.29
N TYR B 418 34.28 -10.92 26.07
CA TYR B 418 33.00 -11.36 25.53
C TYR B 418 32.84 -12.90 25.59
N GLU B 419 33.85 -13.66 25.14
CA GLU B 419 33.80 -15.12 25.08
C GLU B 419 33.57 -15.76 26.45
N GLU B 420 34.30 -15.31 27.48
CA GLU B 420 34.14 -15.82 28.84
C GLU B 420 32.79 -15.38 29.41
N ALA B 421 32.36 -14.14 29.11
CA ALA B 421 31.06 -13.65 29.56
C ALA B 421 29.91 -14.50 28.95
N ALA B 422 30.09 -14.99 27.72
CA ALA B 422 29.11 -15.86 27.06
C ALA B 422 29.02 -17.21 27.76
N ALA B 423 30.17 -17.78 28.12
CA ALA B 423 30.26 -19.05 28.85
C ALA B 423 29.52 -18.93 30.19
N VAL B 424 29.69 -17.78 30.90
CA VAL B 424 29.02 -17.49 32.18
C VAL B 424 27.48 -17.48 31.97
N ALA B 425 26.99 -16.69 31.00
CA ALA B 425 25.54 -16.55 30.72
C ALA B 425 24.86 -17.89 30.40
N LYS B 426 25.49 -18.75 29.56
CA LYS B 426 24.99 -20.08 29.17
C LYS B 426 24.86 -20.99 30.38
N GLN B 427 25.96 -21.13 31.18
CA GLN B 427 26.04 -21.94 32.40
C GLN B 427 25.01 -21.48 33.47
N ALA B 428 24.84 -20.15 33.67
CA ALA B 428 23.90 -19.59 34.64
C ALA B 428 22.47 -20.00 34.30
N LEU B 429 22.09 -19.98 32.99
CA LEU B 429 20.77 -20.37 32.51
C LEU B 429 20.57 -21.88 32.66
N LYS B 430 21.59 -22.68 32.30
CA LYS B 430 21.56 -24.14 32.34
C LYS B 430 21.44 -24.68 33.77
N GLU B 431 22.23 -24.12 34.71
CA GLU B 431 22.26 -24.55 36.11
C GLU B 431 21.22 -23.79 36.97
N ARG B 432 20.40 -22.92 36.35
CA ARG B 432 19.38 -22.07 36.98
C ARG B 432 20.01 -21.29 38.17
N LYS B 433 21.23 -20.78 37.94
CA LYS B 433 22.04 -20.03 38.90
C LYS B 433 22.15 -18.57 38.51
N THR B 434 22.51 -17.71 39.48
CA THR B 434 22.72 -16.28 39.24
C THR B 434 24.02 -16.05 38.48
N ILE B 435 24.17 -14.90 37.79
CA ILE B 435 25.38 -14.53 37.10
C ILE B 435 26.51 -14.41 38.13
N ARG B 436 26.23 -13.77 39.29
CA ARG B 436 27.20 -13.58 40.37
C ARG B 436 27.83 -14.90 40.80
N GLN B 437 26.99 -15.90 41.14
CA GLN B 437 27.49 -17.20 41.61
C GLN B 437 28.20 -17.96 40.51
N THR B 438 27.77 -17.80 39.24
CA THR B 438 28.41 -18.48 38.09
C THR B 438 29.83 -17.92 37.89
N VAL B 439 30.01 -16.57 38.01
CA VAL B 439 31.30 -15.89 37.88
C VAL B 439 32.26 -16.43 38.94
N ILE B 440 31.81 -16.49 40.22
CA ILE B 440 32.62 -17.01 41.33
C ILE B 440 32.93 -18.49 41.12
N ASP B 441 31.91 -19.29 40.80
CA ASP B 441 32.04 -20.75 40.66
C ASP B 441 32.88 -21.15 39.45
N ARG B 442 33.14 -20.21 38.52
CA ARG B 442 34.01 -20.45 37.36
C ARG B 442 35.46 -20.01 37.66
N GLY B 443 35.69 -19.52 38.88
CA GLY B 443 36.99 -19.06 39.37
C GLY B 443 37.47 -17.77 38.74
N LEU B 444 36.55 -16.88 38.36
CA LEU B 444 36.91 -15.64 37.66
C LEU B 444 37.31 -14.48 38.59
N ILE B 445 37.08 -14.60 39.91
CA ILE B 445 37.50 -13.59 40.87
C ILE B 445 39.04 -13.63 40.98
N GLY B 446 39.68 -12.49 40.75
CA GLY B 446 41.13 -12.33 40.78
C GLY B 446 41.58 -10.93 40.43
N ASP B 447 42.76 -10.83 39.82
CA ASP B 447 43.40 -9.57 39.41
C ASP B 447 42.54 -8.77 38.41
N ARG B 448 41.87 -9.44 37.46
CA ARG B 448 41.01 -8.77 36.47
C ARG B 448 39.64 -8.40 37.04
N LEU B 449 39.17 -9.12 38.06
CA LEU B 449 37.85 -8.84 38.62
C LEU B 449 37.78 -9.16 40.10
N SER B 450 37.69 -8.10 40.91
CA SER B 450 37.52 -8.21 42.36
C SER B 450 36.03 -8.42 42.64
N ILE B 451 35.70 -8.96 43.84
CA ILE B 451 34.32 -9.20 44.27
C ILE B 451 33.54 -7.87 44.38
N GLU B 452 34.21 -6.78 44.80
CA GLU B 452 33.57 -5.46 44.89
C GLU B 452 33.20 -5.00 43.47
N ASP B 453 34.10 -5.21 42.50
CA ASP B 453 33.85 -4.84 41.09
C ASP B 453 32.61 -5.57 40.57
N LEU B 454 32.55 -6.88 40.80
CA LEU B 454 31.45 -7.75 40.40
C LEU B 454 30.14 -7.26 40.99
N ASP B 455 30.10 -6.98 42.29
CA ASP B 455 28.88 -6.53 42.98
C ASP B 455 28.44 -5.14 42.50
N ARG B 456 29.41 -4.27 42.19
CA ARG B 456 29.18 -2.92 41.67
C ARG B 456 28.56 -2.97 40.27
N ARG B 457 29.17 -3.75 39.38
CA ARG B 457 28.80 -3.88 37.97
C ARG B 457 27.50 -4.61 37.75
N LEU B 458 27.07 -5.48 38.68
CA LEU B 458 25.83 -6.25 38.49
C LEU B 458 24.58 -5.53 39.00
N ASP B 459 24.71 -4.33 39.62
CA ASP B 459 23.56 -3.59 40.12
C ASP B 459 22.68 -3.18 38.92
N VAL B 460 21.46 -3.76 38.82
CA VAL B 460 20.57 -3.59 37.65
C VAL B 460 20.13 -2.15 37.45
N LEU B 461 19.80 -1.40 38.52
CA LEU B 461 19.36 -0.01 38.32
C LEU B 461 20.53 0.84 37.81
N ALA B 462 21.73 0.67 38.38
CA ALA B 462 22.92 1.39 37.92
C ALA B 462 23.24 1.01 36.46
N MET B 463 22.93 -0.25 36.07
CA MET B 463 23.17 -0.77 34.72
C MET B 463 22.27 -0.09 33.69
N ALA B 464 21.08 0.41 34.12
CA ALA B 464 20.15 1.10 33.22
C ALA B 464 20.63 2.52 32.90
N LYS B 465 21.60 3.04 33.69
CA LYS B 465 22.21 4.36 33.50
C LYS B 465 21.14 5.47 33.32
N ALA B 466 20.15 5.52 34.22
CA ALA B 466 19.11 6.55 34.18
C ALA B 466 19.76 7.92 34.46
N GLU B 467 19.41 8.95 33.66
CA GLU B 467 19.95 10.30 33.82
C GLU B 467 19.63 10.87 35.20
N GLN B 468 20.59 11.61 35.81
CA GLN B 468 20.44 12.21 37.13
C GLN B 468 19.50 13.41 37.06
N ASN C 9 38.31 -1.43 -26.53
CA ASN C 9 38.04 -1.68 -27.95
C ASN C 9 36.54 -1.77 -28.20
N TYR C 10 36.09 -1.15 -29.30
CA TYR C 10 34.69 -1.09 -29.70
C TYR C 10 34.52 -1.48 -31.17
N ARG C 11 33.27 -1.78 -31.55
CA ARG C 11 32.92 -2.05 -32.94
C ARG C 11 31.65 -1.28 -33.26
N ILE C 12 31.41 -1.01 -34.55
CA ILE C 12 30.21 -0.26 -34.96
C ILE C 12 29.08 -1.25 -35.30
N GLU C 13 27.91 -1.02 -34.73
CA GLU C 13 26.68 -1.77 -35.02
C GLU C 13 25.65 -0.75 -35.52
N HIS C 14 24.63 -1.21 -36.25
CA HIS C 14 23.65 -0.28 -36.81
C HIS C 14 22.22 -0.69 -36.50
N ASP C 15 21.33 0.30 -36.43
CA ASP C 15 19.88 0.07 -36.33
C ASP C 15 19.26 1.14 -37.22
N THR C 16 17.92 1.24 -37.26
CA THR C 16 17.27 2.20 -38.14
C THR C 16 17.43 3.66 -37.63
N MET C 17 17.98 3.85 -36.43
CA MET C 17 18.23 5.17 -35.86
C MET C 17 19.67 5.63 -36.16
N GLY C 18 20.55 4.69 -36.54
CA GLY C 18 21.93 5.03 -36.91
C GLY C 18 23.00 4.13 -36.32
N GLU C 19 24.24 4.64 -36.30
CA GLU C 19 25.45 3.95 -35.82
C GLU C 19 25.58 4.01 -34.32
N VAL C 20 26.07 2.92 -33.74
CA VAL C 20 26.24 2.79 -32.28
C VAL C 20 27.56 2.07 -31.99
N ARG C 21 28.39 2.63 -31.10
CA ARG C 21 29.64 1.98 -30.69
C ARG C 21 29.30 0.93 -29.64
N VAL C 22 29.67 -0.31 -29.87
CA VAL C 22 29.37 -1.45 -28.99
C VAL C 22 30.69 -2.08 -28.50
N PRO C 23 30.86 -2.49 -27.21
CA PRO C 23 32.12 -3.16 -26.81
C PRO C 23 32.45 -4.33 -27.76
N ALA C 24 33.71 -4.38 -28.24
CA ALA C 24 34.20 -5.33 -29.24
C ALA C 24 33.72 -6.79 -29.03
N LYS C 25 33.82 -7.30 -27.78
CA LYS C 25 33.49 -8.68 -27.44
C LYS C 25 32.01 -8.93 -27.08
N ALA C 26 31.18 -7.86 -26.94
CA ALA C 26 29.77 -8.03 -26.58
C ALA C 26 28.98 -8.74 -27.69
N LEU C 27 28.12 -9.70 -27.28
CA LEU C 27 27.30 -10.42 -28.28
C LEU C 27 26.04 -9.61 -28.61
N TRP C 28 25.75 -8.58 -27.80
CA TRP C 28 24.60 -7.73 -28.11
C TRP C 28 24.98 -6.74 -29.22
N ARG C 29 23.99 -6.00 -29.76
CA ARG C 29 24.30 -5.09 -30.87
C ARG C 29 23.76 -3.67 -30.58
N ALA C 30 23.38 -2.92 -31.62
CA ALA C 30 23.04 -1.50 -31.49
C ALA C 30 21.90 -1.17 -30.52
N GLN C 31 20.77 -1.89 -30.57
CA GLN C 31 19.61 -1.53 -29.73
C GLN C 31 19.84 -1.84 -28.25
N THR C 32 20.57 -2.92 -27.95
CA THR C 32 20.89 -3.23 -26.55
C THR C 32 21.80 -2.14 -26.01
N GLN C 33 22.80 -1.74 -26.81
CA GLN C 33 23.76 -0.71 -26.39
C GLN C 33 23.07 0.64 -26.11
N ARG C 34 22.10 1.05 -26.96
CA ARG C 34 21.34 2.28 -26.71
C ARG C 34 20.62 2.17 -25.36
N ALA C 35 20.00 0.99 -25.10
CA ALA C 35 19.26 0.75 -23.84
C ALA C 35 20.20 0.77 -22.62
N VAL C 36 21.47 0.37 -22.80
CA VAL C 36 22.46 0.42 -21.71
C VAL C 36 22.69 1.90 -21.32
N GLU C 37 22.73 2.79 -22.31
CA GLU C 37 22.98 4.22 -22.08
C GLU C 37 21.71 4.97 -21.67
N ASN C 38 20.53 4.48 -22.07
CA ASN C 38 19.28 5.18 -21.76
C ASN C 38 18.75 4.88 -20.37
N PHE C 39 18.97 3.65 -19.86
CA PHE C 39 18.38 3.27 -18.57
C PHE C 39 19.39 2.89 -17.44
N PRO C 40 20.49 3.62 -17.14
CA PRO C 40 21.33 3.22 -15.98
C PRO C 40 20.64 3.70 -14.69
N ILE C 41 19.65 2.92 -14.24
CA ILE C 41 18.80 3.32 -13.13
C ILE C 41 18.99 2.49 -11.87
N SER C 42 18.73 1.17 -11.94
CA SER C 42 18.86 0.33 -10.76
C SER C 42 20.21 -0.37 -10.71
N GLY C 43 20.84 -0.52 -11.87
CA GLY C 43 22.10 -1.23 -12.03
C GLY C 43 21.92 -2.73 -12.05
N ARG C 44 20.66 -3.21 -12.15
CA ARG C 44 20.36 -4.65 -12.18
C ARG C 44 19.56 -4.97 -13.43
N GLY C 45 19.93 -6.06 -14.10
CA GLY C 45 19.26 -6.54 -15.31
C GLY C 45 18.31 -7.68 -15.01
N LEU C 46 17.89 -8.39 -16.06
CA LEU C 46 16.97 -9.52 -15.93
C LEU C 46 17.59 -10.65 -15.14
N GLU C 47 16.76 -11.38 -14.37
CA GLU C 47 17.20 -12.49 -13.56
C GLU C 47 17.38 -13.73 -14.43
N ARG C 48 18.11 -14.73 -13.90
CA ARG C 48 18.39 -15.98 -14.57
C ARG C 48 17.09 -16.62 -15.09
N THR C 49 16.03 -16.63 -14.24
CA THR C 49 14.73 -17.21 -14.60
CA THR C 49 14.71 -17.20 -14.56
C THR C 49 14.08 -16.48 -15.77
N GLN C 50 14.27 -15.15 -15.88
CA GLN C 50 13.71 -14.34 -16.96
C GLN C 50 14.43 -14.60 -18.29
N ILE C 51 15.77 -14.69 -18.25
CA ILE C 51 16.58 -14.94 -19.44
C ILE C 51 16.28 -16.37 -19.93
N ARG C 52 16.06 -17.33 -19.01
CA ARG C 52 15.72 -18.71 -19.40
CA ARG C 52 15.71 -18.71 -19.37
C ARG C 52 14.40 -18.74 -20.17
N ALA C 53 13.34 -18.06 -19.65
CA ALA C 53 12.03 -18.02 -20.30
C ALA C 53 12.10 -17.35 -21.66
N LEU C 54 12.90 -16.28 -21.82
CA LEU C 54 13.09 -15.60 -23.09
C LEU C 54 13.78 -16.53 -24.11
N GLY C 55 14.81 -17.28 -23.65
CA GLY C 55 15.53 -18.20 -24.51
C GLY C 55 14.65 -19.35 -24.94
N LEU C 56 13.89 -19.92 -23.98
CA LEU C 56 12.94 -21.01 -24.24
C LEU C 56 11.90 -20.58 -25.28
N LEU C 57 11.33 -19.39 -25.11
CA LEU C 57 10.31 -18.86 -25.99
C LEU C 57 10.86 -18.58 -27.40
N LYS C 58 12.06 -17.97 -27.52
CA LYS C 58 12.65 -17.66 -28.83
C LYS C 58 12.89 -18.93 -29.64
N GLY C 59 13.33 -20.00 -28.97
CA GLY C 59 13.57 -21.29 -29.60
C GLY C 59 12.26 -21.91 -30.07
N ALA C 60 11.20 -21.84 -29.23
CA ALA C 60 9.88 -22.38 -29.58
C ALA C 60 9.30 -21.65 -30.79
N CYS C 61 9.47 -20.31 -30.84
CA CYS C 61 9.00 -19.49 -31.98
C CYS C 61 9.73 -19.89 -33.28
N ALA C 62 11.06 -20.14 -33.20
CA ALA C 62 11.83 -20.55 -34.39
C ALA C 62 11.39 -21.93 -34.84
N GLN C 63 11.12 -22.84 -33.88
CA GLN C 63 10.66 -24.18 -34.22
C GLN C 63 9.31 -24.11 -34.97
N VAL C 64 8.36 -23.29 -34.48
CA VAL C 64 7.06 -23.17 -35.11
C VAL C 64 7.18 -22.50 -36.50
N ASN C 65 8.00 -21.44 -36.64
CA ASN C 65 8.20 -20.81 -37.94
C ASN C 65 8.77 -21.82 -38.94
N SER C 66 9.66 -22.72 -38.46
CA SER C 66 10.24 -23.77 -39.28
C SER C 66 9.18 -24.79 -39.68
N ASP C 67 8.36 -25.26 -38.70
CA ASP C 67 7.30 -26.25 -38.92
C ASP C 67 6.28 -25.75 -39.95
N LEU C 68 6.01 -24.43 -39.95
CA LEU C 68 5.03 -23.84 -40.88
C LEU C 68 5.66 -23.46 -42.24
N GLY C 69 6.94 -23.75 -42.42
CA GLY C 69 7.67 -23.47 -43.67
C GLY C 69 7.92 -22.00 -43.94
N LEU C 70 7.95 -21.18 -42.88
CA LEU C 70 8.17 -19.74 -42.99
C LEU C 70 9.63 -19.34 -42.83
N LEU C 71 10.40 -20.22 -42.18
CA LEU C 71 11.81 -19.97 -41.90
C LEU C 71 12.61 -21.16 -42.35
N ALA C 72 13.67 -20.89 -43.13
CA ALA C 72 14.56 -21.92 -43.67
C ALA C 72 15.11 -22.79 -42.53
N PRO C 73 15.14 -24.13 -42.69
CA PRO C 73 15.61 -25.01 -41.60
C PRO C 73 16.98 -24.65 -41.04
N GLU C 74 17.96 -24.23 -41.89
CA GLU C 74 19.30 -23.82 -41.46
C GLU C 74 19.22 -22.62 -40.48
N LYS C 75 18.38 -21.62 -40.80
CA LYS C 75 18.18 -20.43 -39.96
C LYS C 75 17.50 -20.81 -38.64
N ALA C 76 16.44 -21.63 -38.70
CA ALA C 76 15.70 -22.08 -37.52
C ALA C 76 16.60 -22.90 -36.58
N ASP C 77 17.43 -23.80 -37.16
CA ASP C 77 18.36 -24.63 -36.37
C ASP C 77 19.38 -23.75 -35.62
N ALA C 78 19.87 -22.68 -36.28
CA ALA C 78 20.82 -21.75 -35.65
C ALA C 78 20.14 -20.99 -34.50
N ILE C 79 18.88 -20.53 -34.70
CA ILE C 79 18.16 -19.84 -33.62
C ILE C 79 17.92 -20.80 -32.44
N ILE C 80 17.43 -22.03 -32.73
CA ILE C 80 17.14 -23.05 -31.72
C ILE C 80 18.40 -23.36 -30.90
N ALA C 81 19.57 -23.54 -31.57
CA ALA C 81 20.84 -23.82 -30.88
C ALA C 81 21.26 -22.63 -29.98
N ALA C 82 21.22 -21.40 -30.52
CA ALA C 82 21.57 -20.16 -29.78
C ALA C 82 20.62 -19.90 -28.61
N ALA C 83 19.31 -20.04 -28.85
CA ALA C 83 18.28 -19.84 -27.81
C ALA C 83 18.47 -20.84 -26.64
N ALA C 84 18.85 -22.10 -26.96
CA ALA C 84 19.11 -23.15 -25.96
C ALA C 84 20.32 -22.76 -25.08
N GLU C 85 21.36 -22.16 -25.69
CA GLU C 85 22.53 -21.66 -24.95
C GLU C 85 22.11 -20.52 -23.97
N ILE C 86 21.25 -19.59 -24.45
CA ILE C 86 20.72 -18.47 -23.66
C ILE C 86 19.88 -19.04 -22.51
N ALA C 87 19.01 -20.03 -22.83
CA ALA C 87 18.14 -20.65 -21.84
C ALA C 87 18.95 -21.27 -20.69
N ASP C 88 20.06 -21.93 -21.03
CA ASP C 88 20.93 -22.63 -20.07
C ASP C 88 21.81 -21.70 -19.21
N GLY C 89 21.90 -20.41 -19.56
CA GLY C 89 22.65 -19.44 -18.75
C GLY C 89 24.09 -19.15 -19.12
N GLN C 90 24.53 -19.59 -20.31
CA GLN C 90 25.89 -19.36 -20.80
C GLN C 90 26.13 -17.89 -21.13
N HIS C 91 25.04 -17.16 -21.46
CA HIS C 91 25.14 -15.79 -21.94
C HIS C 91 24.43 -14.75 -21.08
N ASP C 92 24.25 -15.00 -19.76
CA ASP C 92 23.56 -14.01 -18.91
C ASP C 92 24.33 -12.67 -18.85
N ASP C 93 25.66 -12.72 -19.04
CA ASP C 93 26.53 -11.54 -19.09
C ASP C 93 26.28 -10.73 -20.37
N GLN C 94 25.51 -11.27 -21.34
CA GLN C 94 25.18 -10.60 -22.61
C GLN C 94 23.82 -9.90 -22.53
N PHE C 95 23.22 -9.81 -21.32
CA PHE C 95 21.92 -9.16 -21.07
C PHE C 95 22.14 -8.01 -20.05
N PRO C 96 22.79 -6.91 -20.46
CA PRO C 96 23.12 -5.83 -19.49
C PRO C 96 22.02 -4.80 -19.24
N ILE C 97 20.88 -4.91 -19.92
CA ILE C 97 19.83 -3.88 -19.83
C ILE C 97 19.17 -3.88 -18.45
N ASP C 98 18.98 -2.67 -17.91
CA ASP C 98 18.28 -2.46 -16.65
C ASP C 98 16.84 -2.96 -16.69
N VAL C 99 16.31 -3.31 -15.51
CA VAL C 99 14.90 -3.65 -15.34
C VAL C 99 14.05 -2.43 -15.75
N PHE C 100 14.48 -1.21 -15.38
CA PHE C 100 13.72 0.00 -15.59
C PHE C 100 13.98 0.56 -17.00
N GLN C 101 13.59 -0.25 -17.99
CA GLN C 101 13.70 0.05 -19.42
C GLN C 101 12.31 0.42 -19.95
N THR C 102 12.17 0.56 -21.28
CA THR C 102 10.86 0.79 -21.92
C THR C 102 9.89 -0.30 -21.41
N GLY C 103 8.69 0.14 -21.03
CA GLY C 103 7.67 -0.67 -20.37
C GLY C 103 7.12 -1.90 -21.06
N SER C 104 7.40 -2.04 -22.35
CA SER C 104 6.95 -3.23 -23.10
C SER C 104 7.98 -4.35 -23.04
N GLY C 105 9.19 -4.01 -22.62
CA GLY C 105 10.32 -4.93 -22.66
C GLY C 105 10.92 -5.01 -24.06
N THR C 106 10.66 -4.00 -24.95
CA THR C 106 11.23 -3.98 -26.32
C THR C 106 12.75 -4.18 -26.29
N SER C 107 13.44 -3.46 -25.39
CA SER C 107 14.89 -3.51 -25.26
C SER C 107 15.37 -4.94 -24.94
N SER C 108 14.78 -5.61 -23.95
CA SER C 108 15.18 -6.99 -23.61
C SER C 108 14.80 -7.98 -24.71
N ASN C 109 13.70 -7.72 -25.45
CA ASN C 109 13.35 -8.56 -26.61
C ASN C 109 14.44 -8.41 -27.69
N MET C 110 14.84 -7.15 -27.99
CA MET C 110 15.87 -6.90 -29.00
C MET C 110 17.22 -7.42 -28.50
N ASN C 111 17.44 -7.40 -27.17
CA ASN C 111 18.65 -7.97 -26.56
C ASN C 111 18.75 -9.46 -26.92
N THR C 112 17.64 -10.21 -26.80
CA THR C 112 17.63 -11.64 -27.12
C THR C 112 17.86 -11.85 -28.63
N ASN C 113 17.18 -11.08 -29.48
CA ASN C 113 17.30 -11.16 -30.94
C ASN C 113 18.74 -10.89 -31.43
N GLU C 114 19.38 -9.84 -30.88
CA GLU C 114 20.74 -9.43 -31.24
C GLU C 114 21.77 -10.46 -30.78
N VAL C 115 21.65 -10.96 -29.55
CA VAL C 115 22.59 -11.97 -29.01
C VAL C 115 22.45 -13.28 -29.83
N ILE C 116 21.22 -13.70 -30.20
CA ILE C 116 21.03 -14.90 -31.02
C ILE C 116 21.67 -14.68 -32.40
N ALA C 117 21.50 -13.47 -32.99
CA ALA C 117 22.10 -13.16 -34.30
C ALA C 117 23.63 -13.27 -34.22
N SER C 118 24.25 -12.77 -33.12
CA SER C 118 25.71 -12.82 -32.94
C SER C 118 26.18 -14.26 -32.72
N ILE C 119 25.44 -15.08 -31.93
CA ILE C 119 25.83 -16.48 -31.70
C ILE C 119 25.78 -17.26 -33.03
N ALA C 120 24.66 -17.11 -33.79
CA ALA C 120 24.48 -17.75 -35.09
C ALA C 120 25.58 -17.39 -36.08
N ALA C 121 26.03 -16.12 -36.06
CA ALA C 121 27.11 -15.64 -36.94
C ALA C 121 28.41 -16.40 -36.70
N LYS C 122 28.69 -16.78 -35.43
CA LYS C 122 29.88 -17.57 -35.07
C LYS C 122 29.81 -18.98 -35.66
N GLY C 123 28.59 -19.44 -35.91
CA GLY C 123 28.31 -20.73 -36.53
C GLY C 123 28.15 -20.66 -38.04
N GLY C 124 28.47 -19.50 -38.63
CA GLY C 124 28.38 -19.28 -40.07
C GLY C 124 26.98 -19.05 -40.63
N VAL C 125 26.01 -18.71 -39.78
CA VAL C 125 24.64 -18.47 -40.24
C VAL C 125 24.28 -17.00 -40.02
N THR C 126 23.87 -16.30 -41.08
CA THR C 126 23.48 -14.89 -41.00
C THR C 126 21.99 -14.79 -40.71
N LEU C 127 21.64 -14.15 -39.58
CA LEU C 127 20.25 -13.93 -39.17
C LEU C 127 19.99 -12.48 -38.93
N HIS C 128 18.89 -11.97 -39.46
CA HIS C 128 18.50 -10.60 -39.17
C HIS C 128 17.74 -10.62 -37.82
N PRO C 129 18.14 -9.77 -36.84
CA PRO C 129 17.46 -9.80 -35.52
C PRO C 129 15.95 -9.57 -35.59
N ASN C 130 15.48 -8.74 -36.56
CA ASN C 130 14.06 -8.50 -36.72
C ASN C 130 13.42 -9.54 -37.66
N ASP C 131 13.86 -9.58 -38.93
CA ASP C 131 13.25 -10.41 -39.96
C ASP C 131 13.30 -11.91 -39.68
N ASP C 132 14.37 -12.41 -39.04
CA ASP C 132 14.52 -13.85 -38.78
C ASP C 132 14.23 -14.24 -37.32
N VAL C 133 15.01 -13.69 -36.37
CA VAL C 133 14.93 -14.08 -34.95
C VAL C 133 13.58 -13.63 -34.35
N ASN C 134 13.02 -12.54 -34.87
CA ASN C 134 11.77 -11.99 -34.37
C ASN C 134 10.60 -12.29 -35.32
N MET C 135 10.78 -13.21 -36.30
CA MET C 135 9.70 -13.53 -37.24
C MET C 135 8.42 -13.93 -36.50
N SER C 136 7.25 -13.38 -36.91
CA SER C 136 5.91 -13.66 -36.38
C SER C 136 5.74 -13.14 -34.95
N GLN C 137 6.64 -12.26 -34.47
CA GLN C 137 6.62 -11.84 -33.07
C GLN C 137 6.64 -10.34 -32.90
N SER C 138 6.35 -9.94 -31.67
CA SER C 138 6.46 -8.57 -31.17
C SER C 138 7.04 -8.69 -29.77
N SER C 139 7.53 -7.58 -29.22
CA SER C 139 7.92 -7.59 -27.81
C SER C 139 6.65 -7.63 -26.94
N ASN C 140 5.54 -7.10 -27.50
CA ASN C 140 4.27 -6.90 -26.82
C ASN C 140 3.56 -8.20 -26.48
N ASP C 141 3.85 -9.29 -27.21
CA ASP C 141 3.31 -10.58 -26.85
C ASP C 141 4.44 -11.44 -26.26
N THR C 142 5.67 -11.35 -26.80
CA THR C 142 6.76 -12.20 -26.26
C THR C 142 7.23 -11.83 -24.83
N PHE C 143 7.38 -10.53 -24.51
CA PHE C 143 7.89 -10.17 -23.19
C PHE C 143 6.86 -10.54 -22.08
N PRO C 144 5.54 -10.23 -22.19
CA PRO C 144 4.62 -10.72 -21.15
C PRO C 144 4.49 -12.25 -21.19
N THR C 145 4.67 -12.91 -22.35
CA THR C 145 4.63 -14.37 -22.41
C THR C 145 5.78 -14.95 -21.59
N ALA C 146 7.01 -14.42 -21.79
CA ALA C 146 8.19 -14.92 -21.04
C ALA C 146 8.02 -14.62 -19.55
N THR C 147 7.38 -13.48 -19.21
CA THR C 147 7.13 -13.13 -17.81
C THR C 147 6.14 -14.14 -17.17
N HIS C 148 5.04 -14.44 -17.87
CA HIS C 148 4.02 -15.35 -17.37
C HIS C 148 4.55 -16.80 -17.32
N ILE C 149 5.45 -17.20 -18.23
CA ILE C 149 6.09 -18.52 -18.18
C ILE C 149 6.93 -18.63 -16.90
N ALA C 150 7.76 -17.60 -16.65
CA ALA C 150 8.65 -17.56 -15.49
C ALA C 150 7.84 -17.57 -14.20
N ALA C 151 6.73 -16.79 -14.16
CA ALA C 151 5.87 -16.71 -12.97
C ALA C 151 5.15 -18.05 -12.74
N THR C 152 4.66 -18.70 -13.82
CA THR C 152 3.95 -19.98 -13.71
C THR C 152 4.94 -21.06 -13.21
N GLU C 153 6.15 -21.08 -13.77
CA GLU C 153 7.16 -22.05 -13.36
C GLU C 153 7.54 -21.82 -11.88
N ALA C 154 7.73 -20.56 -11.46
CA ALA C 154 8.04 -20.23 -10.07
C ALA C 154 6.93 -20.74 -9.12
N ALA C 155 5.66 -20.60 -9.51
CA ALA C 155 4.52 -21.04 -8.70
C ALA C 155 4.44 -22.57 -8.58
N VAL C 156 4.42 -23.26 -9.72
CA VAL C 156 4.21 -24.70 -9.80
C VAL C 156 5.44 -25.51 -9.33
N ALA C 157 6.62 -25.23 -9.87
CA ALA C 157 7.81 -26.03 -9.63
C ALA C 157 8.59 -25.61 -8.39
N HIS C 158 8.37 -24.39 -7.85
CA HIS C 158 9.19 -23.95 -6.73
C HIS C 158 8.40 -23.52 -5.50
N LEU C 159 7.47 -22.57 -5.62
CA LEU C 159 6.76 -22.11 -4.43
C LEU C 159 5.84 -23.18 -3.82
N ILE C 160 4.94 -23.81 -4.64
CA ILE C 160 4.02 -24.82 -4.10
C ILE C 160 4.81 -25.95 -3.38
N PRO C 161 5.90 -26.55 -3.95
CA PRO C 161 6.64 -27.58 -3.17
C PRO C 161 7.27 -27.04 -1.88
N ALA C 162 7.77 -25.78 -1.87
CA ALA C 162 8.31 -25.14 -0.66
C ALA C 162 7.23 -24.95 0.42
N LEU C 163 6.03 -24.49 0.01
CA LEU C 163 4.91 -24.35 0.94
C LEU C 163 4.46 -25.71 1.43
N GLN C 164 4.49 -26.74 0.57
CA GLN C 164 4.11 -28.10 0.98
C GLN C 164 5.07 -28.60 2.06
N GLN C 165 6.38 -28.31 1.90
CA GLN C 165 7.41 -28.69 2.87
C GLN C 165 7.13 -28.00 4.22
N LEU C 166 6.79 -26.69 4.19
CA LEU C 166 6.48 -25.96 5.43
C LEU C 166 5.21 -26.51 6.05
N HIS C 167 4.17 -26.74 5.24
CA HIS C 167 2.92 -27.30 5.74
C HIS C 167 3.18 -28.62 6.49
N ASP C 168 3.94 -29.52 5.86
CA ASP C 168 4.24 -30.84 6.42
C ASP C 168 5.02 -30.76 7.73
N ALA C 169 5.95 -29.78 7.86
CA ALA C 169 6.72 -29.56 9.10
C ALA C 169 5.79 -29.07 10.20
N LEU C 170 4.85 -28.15 9.87
CA LEU C 170 3.89 -27.62 10.83
C LEU C 170 2.92 -28.71 11.26
N ALA C 171 2.41 -29.51 10.30
CA ALA C 171 1.50 -30.64 10.57
C ALA C 171 2.18 -31.74 11.41
N ALA C 172 3.50 -31.96 11.23
CA ALA C 172 4.26 -32.95 12.02
C ALA C 172 4.28 -32.55 13.51
N LYS C 173 4.49 -31.24 13.77
CA LYS C 173 4.48 -30.66 15.10
C LYS C 173 3.08 -30.67 15.72
N ALA C 174 2.03 -30.41 14.89
CA ALA C 174 0.62 -30.45 15.34
C ALA C 174 0.29 -31.86 15.88
N LEU C 175 0.85 -32.89 15.22
CA LEU C 175 0.64 -34.27 15.64
C LEU C 175 1.47 -34.59 16.89
N ASP C 176 2.79 -34.26 16.87
CA ASP C 176 3.68 -34.53 18.00
C ASP C 176 3.22 -33.84 19.30
N TRP C 177 2.64 -32.63 19.21
CA TRP C 177 2.24 -31.83 20.36
C TRP C 177 0.71 -31.79 20.56
N HIS C 178 0.01 -32.82 20.03
CA HIS C 178 -1.45 -32.92 20.07
C HIS C 178 -2.03 -32.82 21.49
N THR C 179 -1.33 -33.39 22.50
CA THR C 179 -1.86 -33.35 23.86
C THR C 179 -0.93 -32.54 24.79
N VAL C 180 -0.16 -31.59 24.24
CA VAL C 180 0.74 -30.72 25.01
C VAL C 180 -0.11 -29.51 25.40
N VAL C 181 -0.75 -29.57 26.58
CA VAL C 181 -1.67 -28.52 27.03
C VAL C 181 -0.91 -27.23 27.41
N LYS C 182 -1.55 -26.08 27.15
CA LYS C 182 -1.03 -24.76 27.46
C LYS C 182 -2.19 -23.80 27.61
N SER C 183 -1.93 -22.56 28.02
CA SER C 183 -3.03 -21.62 28.08
C SER C 183 -3.20 -20.93 26.75
N GLY C 184 -4.44 -20.85 26.30
CA GLY C 184 -4.77 -20.06 25.12
C GLY C 184 -4.64 -18.61 25.52
N ARG C 185 -4.49 -17.71 24.54
CA ARG C 185 -4.42 -16.26 24.77
C ARG C 185 -5.26 -15.55 23.74
N THR C 186 -6.18 -14.67 24.16
CA THR C 186 -6.97 -13.85 23.27
C THR C 186 -6.77 -12.42 23.74
N HIS C 187 -6.51 -11.47 22.82
CA HIS C 187 -6.22 -10.07 23.16
C HIS C 187 -4.91 -9.96 23.97
N LEU C 188 -4.07 -11.04 23.97
CA LEU C 188 -2.82 -11.23 24.73
C LEU C 188 -3.11 -11.56 26.21
N MET C 189 -4.38 -11.79 26.53
CA MET C 189 -4.80 -12.04 27.92
C MET C 189 -5.12 -13.52 28.15
N ASP C 190 -5.03 -13.95 29.42
CA ASP C 190 -5.27 -15.31 29.87
C ASP C 190 -6.58 -15.86 29.36
N ALA C 191 -6.54 -16.92 28.55
CA ALA C 191 -7.76 -17.50 28.04
C ALA C 191 -7.87 -18.96 28.48
N VAL C 192 -8.78 -19.73 27.90
CA VAL C 192 -8.98 -21.12 28.23
C VAL C 192 -7.89 -22.00 27.57
N PRO C 193 -7.68 -23.25 28.04
CA PRO C 193 -6.62 -24.08 27.47
C PRO C 193 -6.79 -24.46 26.00
N VAL C 194 -5.66 -24.63 25.35
CA VAL C 194 -5.46 -25.13 23.99
C VAL C 194 -4.30 -26.09 24.08
N THR C 195 -4.01 -26.83 23.01
CA THR C 195 -2.79 -27.62 22.97
C THR C 195 -1.87 -26.94 21.95
N LEU C 196 -0.57 -27.11 22.10
CA LEU C 196 0.43 -26.60 21.17
C LEU C 196 0.13 -27.20 19.78
N GLY C 197 -0.35 -28.45 19.77
CA GLY C 197 -0.74 -29.14 18.55
C GLY C 197 -1.88 -28.46 17.83
N GLN C 198 -2.88 -27.99 18.59
CA GLN C 198 -4.03 -27.30 18.00
C GLN C 198 -3.59 -26.00 17.32
N GLU C 199 -2.70 -25.23 17.97
CA GLU C 199 -2.18 -23.98 17.36
C GLU C 199 -1.43 -24.26 16.07
N PHE C 200 -0.57 -25.29 16.09
CA PHE C 200 0.22 -25.67 14.93
C PHE C 200 -0.67 -26.22 13.84
N SER C 201 -1.84 -26.83 14.17
CA SER C 201 -2.78 -27.29 13.13
C SER C 201 -3.36 -26.06 12.42
N GLY C 202 -3.50 -24.95 13.16
CA GLY C 202 -3.98 -23.68 12.61
C GLY C 202 -2.99 -23.12 11.63
N TYR C 203 -1.70 -23.09 12.02
CA TYR C 203 -0.60 -22.63 11.15
C TYR C 203 -0.53 -23.49 9.89
N ALA C 204 -0.62 -24.83 10.06
CA ALA C 204 -0.62 -25.79 8.96
C ALA C 204 -1.72 -25.46 7.98
N ARG C 205 -2.95 -25.22 8.49
CA ARG C 205 -4.07 -24.89 7.62
C ARG C 205 -3.82 -23.56 6.88
N GLN C 206 -3.19 -22.54 7.52
CA GLN C 206 -2.92 -21.26 6.83
C GLN C 206 -2.01 -21.49 5.61
N ILE C 207 -1.02 -22.39 5.74
CA ILE C 207 -0.10 -22.68 4.65
C ILE C 207 -0.83 -23.52 3.60
N GLU C 208 -1.66 -24.49 4.03
CA GLU C 208 -2.44 -25.32 3.10
C GLU C 208 -3.37 -24.42 2.26
N ALA C 209 -4.02 -23.44 2.94
CA ALA C 209 -4.89 -22.47 2.26
C ALA C 209 -4.06 -21.59 1.32
N GLY C 210 -2.81 -21.31 1.68
CA GLY C 210 -1.90 -20.55 0.83
C GLY C 210 -1.62 -21.29 -0.47
N ILE C 211 -1.42 -22.61 -0.40
CA ILE C 211 -1.22 -23.45 -1.59
C ILE C 211 -2.52 -23.40 -2.46
N GLU C 212 -3.70 -23.53 -1.81
CA GLU C 212 -4.98 -23.45 -2.52
C GLU C 212 -5.11 -22.11 -3.26
N ARG C 213 -4.68 -21.00 -2.62
CA ARG C 213 -4.72 -19.65 -3.20
C ARG C 213 -3.81 -19.55 -4.44
N VAL C 214 -2.60 -20.12 -4.38
CA VAL C 214 -1.69 -20.12 -5.54
C VAL C 214 -2.31 -20.97 -6.66
N ARG C 215 -2.83 -22.17 -6.31
CA ARG C 215 -3.42 -23.04 -7.33
C ARG C 215 -4.64 -22.36 -8.02
N ALA C 216 -5.45 -21.62 -7.25
CA ALA C 216 -6.63 -20.94 -7.79
C ALA C 216 -6.28 -19.83 -8.81
N CYS C 217 -5.07 -19.26 -8.73
CA CYS C 217 -4.68 -18.19 -9.65
C CYS C 217 -4.02 -18.75 -10.95
N LEU C 218 -3.61 -20.03 -10.96
CA LEU C 218 -2.94 -20.64 -12.11
C LEU C 218 -3.73 -20.60 -13.45
N PRO C 219 -5.08 -20.78 -13.52
CA PRO C 219 -5.76 -20.68 -14.83
C PRO C 219 -5.52 -19.33 -15.52
N ARG C 220 -5.30 -18.23 -14.76
CA ARG C 220 -5.08 -16.91 -15.38
C ARG C 220 -3.61 -16.53 -15.37
N LEU C 221 -2.81 -17.03 -14.39
CA LEU C 221 -1.38 -16.75 -14.38
C LEU C 221 -0.70 -17.41 -15.59
N GLY C 222 -1.15 -18.61 -15.96
CA GLY C 222 -0.59 -19.39 -17.06
C GLY C 222 -1.02 -18.94 -18.45
N GLU C 223 -1.93 -17.93 -18.54
CA GLU C 223 -2.36 -17.43 -19.85
C GLU C 223 -1.24 -16.69 -20.52
N LEU C 224 -0.96 -17.03 -21.78
CA LEU C 224 0.12 -16.42 -22.55
C LEU C 224 -0.42 -15.57 -23.71
N ALA C 225 0.20 -14.41 -23.94
CA ALA C 225 -0.15 -13.48 -25.00
C ALA C 225 0.40 -13.91 -26.37
N ILE C 226 1.35 -14.88 -26.42
CA ILE C 226 2.05 -15.28 -27.66
C ILE C 226 1.09 -15.50 -28.85
N GLY C 227 1.38 -14.85 -29.97
CA GLY C 227 0.55 -14.91 -31.17
C GLY C 227 -0.25 -13.63 -31.42
N GLY C 228 -0.42 -12.80 -30.39
CA GLY C 228 -1.18 -11.55 -30.52
C GLY C 228 -0.41 -10.43 -31.20
N THR C 229 0.92 -10.58 -31.29
CA THR C 229 1.91 -9.67 -31.87
C THR C 229 1.75 -8.22 -31.32
N ALA C 230 1.74 -7.22 -32.20
CA ALA C 230 1.80 -5.79 -31.85
C ALA C 230 0.69 -5.28 -30.93
N VAL C 231 -0.58 -5.59 -31.23
CA VAL C 231 -1.73 -5.01 -30.50
C VAL C 231 -2.76 -6.04 -30.04
N GLY C 232 -2.53 -7.31 -30.35
CA GLY C 232 -3.44 -8.40 -29.99
C GLY C 232 -4.18 -9.00 -31.17
N THR C 233 -4.08 -8.37 -32.35
CA THR C 233 -4.74 -8.80 -33.59
C THR C 233 -4.03 -9.96 -34.29
N GLY C 234 -2.78 -10.23 -33.92
CA GLY C 234 -2.03 -11.34 -34.51
C GLY C 234 -1.44 -11.02 -35.88
N LEU C 235 -1.46 -9.73 -36.25
CA LEU C 235 -0.90 -9.22 -37.51
C LEU C 235 0.56 -9.67 -37.64
N ASN C 236 0.93 -10.18 -38.84
CA ASN C 236 2.28 -10.64 -39.22
C ASN C 236 2.65 -11.98 -38.58
N ALA C 237 1.67 -12.65 -37.99
CA ALA C 237 1.88 -14.01 -37.48
C ALA C 237 0.87 -14.95 -38.13
N PRO C 238 1.22 -16.23 -38.36
CA PRO C 238 0.19 -17.19 -38.81
C PRO C 238 -0.95 -17.25 -37.80
N ASP C 239 -2.20 -17.55 -38.27
CA ASP C 239 -3.37 -17.59 -37.39
C ASP C 239 -3.24 -18.64 -36.27
N ASP C 240 -2.47 -19.71 -36.48
CA ASP C 240 -2.29 -20.74 -35.45
C ASP C 240 -0.90 -20.66 -34.79
N PHE C 241 -0.18 -19.52 -34.96
CA PHE C 241 1.15 -19.36 -34.35
C PHE C 241 1.14 -19.57 -32.83
N GLY C 242 0.24 -18.86 -32.14
CA GLY C 242 0.11 -18.92 -30.69
C GLY C 242 -0.13 -20.32 -30.17
N VAL C 243 -1.15 -21.00 -30.71
CA VAL C 243 -1.51 -22.35 -30.24
C VAL C 243 -0.35 -23.34 -30.49
N ARG C 244 0.41 -23.18 -31.60
CA ARG C 244 1.54 -24.05 -31.92
C ARG C 244 2.71 -23.81 -30.96
N VAL C 245 3.02 -22.54 -30.67
CA VAL C 245 4.11 -22.19 -29.75
C VAL C 245 3.78 -22.70 -28.34
N VAL C 246 2.53 -22.46 -27.88
CA VAL C 246 2.10 -22.91 -26.53
C VAL C 246 2.24 -24.44 -26.42
N ALA C 247 1.83 -25.19 -27.46
CA ALA C 247 1.91 -26.66 -27.41
C ALA C 247 3.36 -27.13 -27.27
N VAL C 248 4.31 -26.41 -27.93
CA VAL C 248 5.74 -26.72 -27.86
C VAL C 248 6.24 -26.38 -26.46
N LEU C 249 5.82 -25.24 -25.90
CA LEU C 249 6.24 -24.88 -24.54
C LEU C 249 5.74 -25.90 -23.52
N VAL C 250 4.52 -26.36 -23.68
CA VAL C 250 3.93 -27.36 -22.78
C VAL C 250 4.70 -28.67 -22.89
N ALA C 251 5.02 -29.11 -24.14
CA ALA C 251 5.75 -30.36 -24.36
C ALA C 251 7.16 -30.28 -23.81
N GLN C 252 7.78 -29.10 -23.88
CA GLN C 252 9.17 -28.94 -23.43
C GLN C 252 9.31 -28.70 -21.91
N THR C 253 8.39 -27.96 -21.30
CA THR C 253 8.50 -27.63 -19.87
C THR C 253 7.75 -28.59 -18.97
N GLY C 254 6.75 -29.27 -19.51
CA GLY C 254 5.87 -30.11 -18.70
C GLY C 254 4.85 -29.28 -17.96
N LEU C 255 4.81 -27.94 -18.21
CA LEU C 255 3.86 -27.07 -17.51
C LEU C 255 2.54 -27.02 -18.26
N SER C 256 1.59 -27.88 -17.87
CA SER C 256 0.26 -27.92 -18.52
C SER C 256 -0.54 -26.63 -18.25
N GLU C 257 -0.15 -25.83 -17.24
CA GLU C 257 -0.82 -24.57 -16.89
C GLU C 257 -0.62 -23.49 -17.96
N LEU C 258 0.36 -23.66 -18.85
CA LEU C 258 0.60 -22.66 -19.89
C LEU C 258 -0.45 -22.85 -20.99
N ARG C 259 -1.21 -21.80 -21.29
CA ARG C 259 -2.30 -21.84 -22.28
C ARG C 259 -2.37 -20.52 -23.03
N THR C 260 -2.99 -20.50 -24.24
CA THR C 260 -3.18 -19.24 -24.96
C THR C 260 -4.22 -18.44 -24.18
N ALA C 261 -4.06 -17.12 -24.11
CA ALA C 261 -5.02 -16.29 -23.38
C ALA C 261 -6.44 -16.42 -23.93
N ALA C 262 -7.46 -16.31 -23.06
CA ALA C 262 -8.87 -16.36 -23.47
C ALA C 262 -9.17 -15.19 -24.42
N ASN C 263 -8.59 -14.01 -24.17
CA ASN C 263 -8.80 -12.83 -25.01
C ASN C 263 -7.44 -12.20 -25.27
N SER C 264 -7.07 -12.05 -26.56
CA SER C 264 -5.74 -11.58 -26.96
C SER C 264 -5.50 -10.09 -26.64
N PHE C 265 -6.57 -9.29 -26.55
CA PHE C 265 -6.45 -7.86 -26.23
C PHE C 265 -6.23 -7.69 -24.72
N GLU C 266 -7.03 -8.37 -23.90
CA GLU C 266 -6.88 -8.34 -22.43
C GLU C 266 -5.45 -8.81 -22.04
N ALA C 267 -4.92 -9.80 -22.78
CA ALA C 267 -3.61 -10.40 -22.48
C ALA C 267 -2.42 -9.44 -22.75
N GLN C 268 -2.64 -8.33 -23.46
CA GLN C 268 -1.57 -7.37 -23.75
C GLN C 268 -1.87 -5.98 -23.20
N ALA C 269 -3.16 -5.57 -23.22
CA ALA C 269 -3.59 -4.28 -22.68
C ALA C 269 -3.48 -4.27 -21.16
N ALA C 270 -3.44 -5.46 -20.54
CA ALA C 270 -3.38 -5.60 -19.09
C ALA C 270 -2.46 -6.74 -18.66
N ARG C 271 -2.03 -6.68 -17.39
CA ARG C 271 -1.22 -7.71 -16.72
C ARG C 271 -1.96 -8.13 -15.44
N ASP C 272 -3.30 -8.17 -15.51
CA ASP C 272 -4.16 -8.48 -14.37
C ASP C 272 -3.87 -9.86 -13.74
N GLY C 273 -3.35 -10.81 -14.50
CA GLY C 273 -2.97 -12.12 -13.96
C GLY C 273 -1.81 -12.03 -12.98
N LEU C 274 -0.90 -11.03 -13.19
CA LEU C 274 0.22 -10.82 -12.28
C LEU C 274 -0.29 -10.17 -10.98
N VAL C 275 -1.22 -9.23 -11.11
CA VAL C 275 -1.86 -8.55 -9.94
C VAL C 275 -2.58 -9.60 -9.10
N GLU C 276 -3.34 -10.49 -9.76
CA GLU C 276 -4.08 -11.56 -9.10
C GLU C 276 -3.12 -12.48 -8.33
N ALA C 277 -2.06 -12.95 -9.00
CA ALA C 277 -1.08 -13.86 -8.39
C ALA C 277 -0.39 -13.19 -7.20
N SER C 278 -0.04 -11.89 -7.33
CA SER C 278 0.60 -11.14 -6.23
C SER C 278 -0.30 -11.13 -4.99
N GLY C 279 -1.62 -10.98 -5.18
CA GLY C 279 -2.60 -11.06 -4.10
C GLY C 279 -2.51 -12.37 -3.31
N ALA C 280 -2.30 -13.49 -4.02
CA ALA C 280 -2.13 -14.80 -3.34
C ALA C 280 -0.82 -14.80 -2.53
N LEU C 281 0.26 -14.25 -3.10
CA LEU C 281 1.58 -14.17 -2.43
C LEU C 281 1.49 -13.25 -1.21
N ARG C 282 0.72 -12.16 -1.35
CA ARG C 282 0.50 -11.19 -0.28
C ARG C 282 -0.28 -11.86 0.87
N THR C 283 -1.29 -12.72 0.55
CA THR C 283 -2.05 -13.43 1.59
C THR C 283 -1.11 -14.40 2.32
N ILE C 284 -0.21 -15.06 1.59
CA ILE C 284 0.77 -15.99 2.18
C ILE C 284 1.70 -15.20 3.12
N ALA C 285 2.12 -13.98 2.71
CA ALA C 285 2.96 -13.11 3.54
C ALA C 285 2.24 -12.75 4.86
N VAL C 286 0.92 -12.49 4.77
CA VAL C 286 0.05 -12.19 5.91
C VAL C 286 -0.01 -13.41 6.85
N SER C 287 -0.22 -14.63 6.28
CA SER C 287 -0.28 -15.87 7.07
C SER C 287 1.07 -16.14 7.74
N LEU C 288 2.18 -16.02 6.97
CA LEU C 288 3.53 -16.26 7.47
C LEU C 288 3.90 -15.29 8.60
N THR C 289 3.41 -14.03 8.54
CA THR C 289 3.71 -13.05 9.58
C THR C 289 3.10 -13.52 10.90
N LYS C 290 1.84 -13.98 10.86
CA LYS C 290 1.16 -14.48 12.07
C LYS C 290 1.92 -15.69 12.65
N ILE C 291 2.29 -16.67 11.79
CA ILE C 291 2.98 -17.89 12.22
C ILE C 291 4.34 -17.56 12.82
N ALA C 292 5.14 -16.74 12.11
CA ALA C 292 6.49 -16.38 12.59
C ALA C 292 6.43 -15.54 13.88
N ASN C 293 5.45 -14.62 13.99
CA ASN C 293 5.29 -13.78 15.20
C ASN C 293 4.93 -14.61 16.41
N ASP C 294 3.97 -15.56 16.25
CA ASP C 294 3.60 -16.46 17.35
C ASP C 294 4.79 -17.31 17.80
N ILE C 295 5.57 -17.81 16.82
CA ILE C 295 6.69 -18.69 17.13
C ILE C 295 7.78 -17.92 17.92
N ARG C 296 8.14 -16.70 17.49
CA ARG C 296 9.16 -15.96 18.24
C ARG C 296 8.62 -15.51 19.63
N TRP C 297 7.30 -15.22 19.76
CA TRP C 297 6.72 -14.90 21.06
C TRP C 297 6.73 -16.15 21.96
N MET C 298 6.46 -17.34 21.39
CA MET C 298 6.51 -18.57 22.18
C MET C 298 7.94 -18.88 22.63
N GLY C 299 8.93 -18.51 21.81
CA GLY C 299 10.33 -18.72 22.18
C GLY C 299 10.93 -17.57 22.97
N SER C 300 10.13 -16.52 23.26
CA SER C 300 10.62 -15.31 23.94
C SER C 300 11.19 -15.55 25.32
N GLY C 301 12.17 -14.72 25.66
CA GLY C 301 12.83 -14.75 26.95
C GLY C 301 14.23 -15.27 26.88
N PRO C 302 14.49 -16.42 27.53
CA PRO C 302 13.53 -17.30 28.24
C PRO C 302 13.00 -16.75 29.57
N LEU C 303 13.88 -16.20 30.39
CA LEU C 303 13.51 -15.72 31.72
C LEU C 303 12.59 -14.49 31.75
N THR C 304 12.60 -13.62 30.72
CA THR C 304 11.75 -12.42 30.77
C THR C 304 10.57 -12.49 29.79
N GLY C 305 10.37 -13.65 29.17
CA GLY C 305 9.30 -13.81 28.19
C GLY C 305 8.36 -14.94 28.49
N LEU C 306 7.78 -15.55 27.44
CA LEU C 306 6.80 -16.63 27.61
C LEU C 306 7.47 -17.98 27.78
N ALA C 307 8.65 -18.20 27.17
CA ALA C 307 9.48 -19.42 27.28
C ALA C 307 8.67 -20.71 27.10
N GLU C 308 7.78 -20.73 26.11
CA GLU C 308 6.90 -21.86 25.83
C GLU C 308 7.61 -22.96 25.06
N ILE C 309 8.45 -22.56 24.10
CA ILE C 309 9.17 -23.49 23.24
C ILE C 309 10.61 -23.03 23.09
N GLN C 310 11.43 -23.92 22.56
CA GLN C 310 12.83 -23.61 22.28
C GLN C 310 13.05 -23.70 20.78
N LEU C 311 13.53 -22.60 20.19
CA LEU C 311 13.90 -22.56 18.76
C LEU C 311 15.32 -23.08 18.62
N PRO C 312 15.64 -23.87 17.57
CA PRO C 312 17.06 -24.28 17.37
C PRO C 312 17.98 -23.05 17.30
N ASP C 313 19.14 -23.10 17.97
CA ASP C 313 20.17 -22.06 17.92
C ASP C 313 20.80 -22.07 16.55
N LEU C 314 20.86 -20.92 15.87
CA LEU C 314 21.43 -20.90 14.51
C LEU C 314 22.72 -20.10 14.43
N GLN C 315 22.91 -19.13 15.34
CA GLN C 315 24.09 -18.27 15.36
C GLN C 315 24.14 -17.46 16.64
N PRO C 316 25.33 -16.98 17.11
CA PRO C 316 25.34 -16.14 18.31
C PRO C 316 24.43 -14.92 18.09
N GLY C 317 23.66 -14.61 19.11
CA GLY C 317 22.67 -13.56 18.93
C GLY C 317 23.15 -12.14 18.89
N CYS C 318 24.20 -11.82 19.66
CA CYS C 318 24.50 -10.43 19.91
C CYS C 318 25.99 -10.13 20.08
N SER C 319 26.44 -9.06 19.40
CA SER C 319 27.85 -8.62 19.44
C SER C 319 28.28 -8.06 20.80
N ILE C 320 27.32 -7.61 21.65
CA ILE C 320 27.61 -7.00 22.96
C ILE C 320 27.06 -7.83 24.14
N MET C 321 25.82 -8.38 24.03
CA MET C 321 25.20 -9.17 25.11
C MET C 321 25.53 -10.63 24.92
N PRO C 322 26.46 -11.16 25.73
CA PRO C 322 26.94 -12.53 25.51
C PRO C 322 25.93 -13.60 25.92
N GLY C 323 25.94 -14.72 25.19
CA GLY C 323 25.06 -15.86 25.49
C GLY C 323 23.72 -15.84 24.78
N LYS C 324 23.13 -14.66 24.68
CA LYS C 324 21.83 -14.40 24.06
C LYS C 324 21.75 -14.98 22.63
N VAL C 325 20.68 -15.75 22.31
CA VAL C 325 20.42 -16.33 20.98
C VAL C 325 19.06 -15.80 20.51
N ASN C 326 19.01 -15.27 19.27
CA ASN C 326 17.80 -14.61 18.77
C ASN C 326 16.99 -15.44 17.76
N PRO C 327 15.65 -15.21 17.67
CA PRO C 327 14.82 -15.94 16.68
C PRO C 327 15.04 -15.38 15.26
N VAL C 328 16.21 -15.65 14.70
CA VAL C 328 16.63 -15.11 13.39
C VAL C 328 15.78 -15.63 12.22
N LEU C 329 15.29 -16.89 12.25
CA LEU C 329 14.47 -17.36 11.14
C LEU C 329 13.11 -16.66 11.15
N PRO C 330 12.36 -16.56 12.28
CA PRO C 330 11.12 -15.76 12.25
C PRO C 330 11.36 -14.32 11.79
N GLU C 331 12.53 -13.70 12.14
CA GLU C 331 12.86 -12.33 11.69
C GLU C 331 13.07 -12.29 10.17
N ALA C 332 13.73 -13.32 9.62
CA ALA C 332 13.95 -13.40 8.17
C ALA C 332 12.57 -13.51 7.46
N VAL C 333 11.67 -14.34 8.02
CA VAL C 333 10.30 -14.56 7.48
C VAL C 333 9.48 -13.27 7.50
N THR C 334 9.42 -12.57 8.65
CA THR C 334 8.62 -11.35 8.77
C THR C 334 9.16 -10.24 7.87
N GLN C 335 10.50 -10.17 7.66
CA GLN C 335 11.08 -9.17 6.75
C GLN C 335 10.77 -9.51 5.30
N VAL C 336 10.81 -10.82 4.93
CA VAL C 336 10.41 -11.26 3.59
C VAL C 336 8.93 -10.87 3.37
N ALA C 337 8.06 -11.14 4.36
CA ALA C 337 6.63 -10.80 4.26
C ALA C 337 6.45 -9.31 3.99
N ALA C 338 7.22 -8.44 4.69
CA ALA C 338 7.16 -6.99 4.48
C ALA C 338 7.52 -6.65 3.04
N GLN C 339 8.56 -7.33 2.49
CA GLN C 339 8.98 -7.10 1.11
C GLN C 339 7.90 -7.51 0.11
N VAL C 340 7.25 -8.66 0.34
CA VAL C 340 6.18 -9.19 -0.53
C VAL C 340 5.00 -8.18 -0.55
N ILE C 341 4.66 -7.61 0.63
CA ILE C 341 3.60 -6.60 0.75
C ILE C 341 3.96 -5.36 -0.12
N GLY C 342 5.20 -4.90 0.00
CA GLY C 342 5.68 -3.76 -0.77
C GLY C 342 5.67 -4.04 -2.26
N ASN C 343 6.21 -5.20 -2.67
CA ASN C 343 6.25 -5.64 -4.07
C ASN C 343 4.84 -5.72 -4.63
N ASP C 344 3.88 -6.16 -3.79
CA ASP C 344 2.48 -6.29 -4.16
C ASP C 344 1.87 -4.93 -4.51
N ALA C 345 2.23 -3.88 -3.75
CA ALA C 345 1.73 -2.53 -4.01
C ALA C 345 2.31 -2.00 -5.34
N ALA C 346 3.60 -2.28 -5.60
CA ALA C 346 4.24 -1.86 -6.86
C ALA C 346 3.59 -2.56 -8.07
N ILE C 347 3.25 -3.88 -7.92
CA ILE C 347 2.64 -4.67 -9.01
C ILE C 347 1.26 -4.10 -9.36
N ALA C 348 0.42 -3.87 -8.35
CA ALA C 348 -0.94 -3.34 -8.57
C ALA C 348 -0.90 -1.96 -9.22
N TRP C 349 0.05 -1.10 -8.79
CA TRP C 349 0.20 0.26 -9.33
C TRP C 349 0.50 0.19 -10.84
N GLY C 350 1.45 -0.66 -11.22
CA GLY C 350 1.79 -0.88 -12.63
C GLY C 350 0.62 -1.48 -13.40
N GLY C 351 -0.06 -2.44 -12.78
CA GLY C 351 -1.19 -3.15 -13.40
C GLY C 351 -2.35 -2.26 -13.80
N ALA C 352 -2.64 -1.23 -12.97
CA ALA C 352 -3.77 -0.33 -13.23
C ALA C 352 -3.50 0.68 -14.32
N ASN C 353 -2.22 0.93 -14.64
CA ASN C 353 -1.90 2.06 -15.50
C ASN C 353 -1.57 1.73 -16.96
N GLY C 354 -2.20 0.68 -17.49
CA GLY C 354 -2.07 0.40 -18.92
C GLY C 354 -2.83 1.47 -19.72
N ALA C 355 -2.56 1.55 -21.01
CA ALA C 355 -3.26 2.49 -21.88
C ALA C 355 -3.51 1.83 -23.22
N PHE C 356 -4.77 1.83 -23.66
CA PHE C 356 -5.22 1.27 -24.93
C PHE C 356 -4.69 -0.17 -25.13
N GLU C 357 -3.89 -0.43 -26.17
CA GLU C 357 -3.50 -1.80 -26.54
C GLU C 357 -2.34 -2.36 -25.74
N LEU C 358 -1.74 -1.59 -24.82
CA LEU C 358 -0.59 -2.15 -24.12
C LEU C 358 -0.37 -1.60 -22.72
N ASN C 359 -0.10 -2.50 -21.78
CA ASN C 359 0.29 -2.07 -20.44
C ASN C 359 1.80 -2.01 -20.48
N VAL C 360 2.38 -0.80 -20.26
CA VAL C 360 3.83 -0.63 -20.36
C VAL C 360 4.49 -0.51 -18.96
N TYR C 361 4.21 -1.48 -18.07
CA TYR C 361 4.84 -1.57 -16.77
C TYR C 361 5.39 -2.98 -16.57
N ILE C 362 5.52 -3.75 -17.67
CA ILE C 362 5.87 -5.18 -17.58
C ILE C 362 7.24 -5.43 -16.91
N PRO C 363 8.38 -4.79 -17.29
CA PRO C 363 9.64 -5.15 -16.62
C PRO C 363 9.60 -4.93 -15.10
N MET C 364 8.96 -3.84 -14.65
CA MET C 364 8.83 -3.55 -13.21
C MET C 364 7.91 -4.60 -12.55
N MET C 365 6.75 -4.89 -13.17
CA MET C 365 5.83 -5.90 -12.61
C MET C 365 6.50 -7.27 -12.53
N ALA C 366 7.25 -7.65 -13.57
CA ALA C 366 7.99 -8.90 -13.65
C ALA C 366 9.03 -8.98 -12.53
N ARG C 367 9.79 -7.90 -12.31
CA ARG C 367 10.81 -7.88 -11.25
C ARG C 367 10.16 -8.20 -9.89
N ASN C 368 9.09 -7.49 -9.57
CA ASN C 368 8.44 -7.62 -8.27
C ASN C 368 7.75 -8.98 -8.06
N ILE C 369 6.99 -9.48 -9.03
CA ILE C 369 6.28 -10.77 -8.84
C ILE C 369 7.29 -11.92 -8.74
N LEU C 370 8.33 -11.93 -9.59
CA LEU C 370 9.31 -13.01 -9.57
C LEU C 370 10.13 -12.94 -8.29
N GLU C 371 10.45 -11.73 -7.81
CA GLU C 371 11.17 -11.63 -6.54
C GLU C 371 10.29 -12.16 -5.39
N SER C 372 8.99 -11.80 -5.36
CA SER C 372 8.09 -12.28 -4.30
C SER C 372 8.03 -13.81 -4.30
N PHE C 373 7.94 -14.45 -5.49
CA PHE C 373 7.96 -15.92 -5.58
C PHE C 373 9.25 -16.48 -4.99
N LYS C 374 10.42 -15.91 -5.38
CA LYS C 374 11.74 -16.39 -4.93
C LYS C 374 11.90 -16.27 -3.40
N LEU C 375 11.63 -15.07 -2.84
CA LEU C 375 11.78 -14.84 -1.42
C LEU C 375 10.91 -15.78 -0.61
N LEU C 376 9.63 -15.93 -0.99
CA LEU C 376 8.69 -16.80 -0.27
C LEU C 376 9.12 -18.26 -0.35
N THR C 377 9.59 -18.70 -1.53
CA THR C 377 10.06 -20.08 -1.72
C THR C 377 11.24 -20.37 -0.80
N ASN C 378 12.29 -19.54 -0.88
CA ASN C 378 13.54 -19.74 -0.13
C ASN C 378 13.32 -19.59 1.38
N VAL C 379 12.55 -18.59 1.83
CA VAL C 379 12.38 -18.43 3.27
C VAL C 379 11.44 -19.51 3.85
N SER C 380 10.45 -20.03 3.06
CA SER C 380 9.56 -21.09 3.56
C SER C 380 10.35 -22.38 3.84
N ARG C 381 11.27 -22.77 2.94
CA ARG C 381 12.11 -23.96 3.13
C ARG C 381 13.03 -23.79 4.32
N LEU C 382 13.68 -22.61 4.44
CA LEU C 382 14.59 -22.34 5.58
C LEU C 382 13.83 -22.35 6.90
N PHE C 383 12.62 -21.78 6.91
CA PHE C 383 11.75 -21.74 8.08
C PHE C 383 11.36 -23.15 8.49
N ALA C 384 11.00 -23.99 7.50
CA ALA C 384 10.62 -25.37 7.81
C ALA C 384 11.81 -26.20 8.35
N GLN C 385 12.98 -26.12 7.68
CA GLN C 385 14.15 -26.93 8.02
C GLN C 385 14.98 -26.43 9.20
N ARG C 386 15.24 -25.12 9.27
CA ARG C 386 16.14 -24.55 10.27
C ARG C 386 15.41 -24.04 11.51
N CYS C 387 14.06 -24.04 11.48
CA CYS C 387 13.32 -23.56 12.62
C CYS C 387 12.24 -24.56 13.09
N ILE C 388 11.17 -24.77 12.29
CA ILE C 388 10.02 -25.62 12.66
C ILE C 388 10.44 -27.04 13.05
N ALA C 389 11.19 -27.74 12.18
CA ALA C 389 11.58 -29.13 12.41
C ALA C 389 12.24 -29.37 13.77
N GLY C 390 13.09 -28.45 14.23
CA GLY C 390 13.85 -28.58 15.47
C GLY C 390 13.25 -27.98 16.72
N LEU C 391 12.03 -27.40 16.65
CA LEU C 391 11.38 -26.82 17.85
C LEU C 391 11.16 -27.88 18.93
N THR C 392 11.31 -27.51 20.21
CA THR C 392 11.03 -28.40 21.34
C THR C 392 10.11 -27.66 22.28
N ALA C 393 9.19 -28.39 22.91
CA ALA C 393 8.21 -27.79 23.82
C ALA C 393 8.67 -27.87 25.28
N ASN C 394 8.42 -26.80 26.05
CA ASN C 394 8.73 -26.78 27.50
C ASN C 394 7.44 -27.24 28.20
N VAL C 395 7.17 -28.55 28.13
CA VAL C 395 5.94 -29.23 28.55
C VAL C 395 5.48 -28.83 29.98
N GLU C 396 6.34 -28.88 31.00
CA GLU C 396 5.93 -28.55 32.37
C GLU C 396 5.51 -27.08 32.52
N HIS C 397 6.33 -26.16 31.96
CA HIS C 397 6.02 -24.72 31.99
C HIS C 397 4.67 -24.46 31.33
N LEU C 398 4.42 -25.11 30.17
CA LEU C 398 3.16 -24.98 29.42
C LEU C 398 1.97 -25.47 30.26
N ARG C 399 2.16 -26.58 31.00
CA ARG C 399 1.11 -27.13 31.87
C ARG C 399 0.81 -26.15 33.01
N ARG C 400 1.87 -25.55 33.63
CA ARG C 400 1.68 -24.57 34.73
C ARG C 400 0.95 -23.33 34.21
N LEU C 401 1.27 -22.90 32.96
CA LEU C 401 0.59 -21.76 32.35
C LEU C 401 -0.92 -22.03 32.17
N ALA C 402 -1.30 -23.22 31.63
CA ALA C 402 -2.71 -23.62 31.45
C ALA C 402 -3.48 -23.58 32.77
N GLU C 403 -2.90 -24.19 33.82
CA GLU C 403 -3.52 -24.30 35.13
C GLU C 403 -3.60 -22.95 35.87
N SER C 404 -2.72 -21.99 35.55
CA SER C 404 -2.69 -20.69 36.21
C SER C 404 -3.73 -19.70 35.64
N SER C 405 -4.25 -19.94 34.43
CA SER C 405 -5.19 -19.00 33.83
C SER C 405 -6.51 -18.90 34.62
N PRO C 406 -6.90 -17.69 35.11
CA PRO C 406 -8.19 -17.57 35.81
C PRO C 406 -9.37 -17.88 34.90
N SER C 407 -9.19 -17.81 33.56
CA SER C 407 -10.25 -18.11 32.60
C SER C 407 -10.64 -19.60 32.60
N ILE C 408 -9.92 -20.47 33.35
CA ILE C 408 -10.31 -21.88 33.48
C ILE C 408 -11.64 -22.00 34.29
N VAL C 409 -12.17 -20.87 34.81
CA VAL C 409 -13.46 -20.84 35.49
C VAL C 409 -14.61 -20.99 34.45
N THR C 410 -14.32 -20.70 33.15
CA THR C 410 -15.28 -20.68 32.03
C THR C 410 -16.20 -21.94 31.95
N PRO C 411 -15.72 -23.21 32.04
CA PRO C 411 -16.67 -24.34 31.91
C PRO C 411 -17.70 -24.43 33.06
N LEU C 412 -17.59 -23.58 34.07
CA LEU C 412 -18.54 -23.58 35.18
C LEU C 412 -19.75 -22.68 34.89
N ASN C 413 -19.73 -21.92 33.76
CA ASN C 413 -20.83 -21.01 33.39
C ASN C 413 -22.21 -21.69 33.47
N SER C 414 -22.35 -22.92 32.94
CA SER C 414 -23.64 -23.62 32.92
C SER C 414 -24.11 -24.00 34.32
N ALA C 415 -23.20 -24.14 35.29
CA ALA C 415 -23.54 -24.53 36.66
C ALA C 415 -23.79 -23.34 37.59
N ILE C 416 -22.94 -22.29 37.53
CA ILE C 416 -23.04 -21.16 38.46
C ILE C 416 -23.42 -19.82 37.78
N GLY C 417 -23.43 -19.78 36.46
CA GLY C 417 -23.74 -18.56 35.72
C GLY C 417 -22.51 -17.69 35.51
N TYR C 418 -22.52 -16.90 34.44
CA TYR C 418 -21.41 -16.01 34.06
C TYR C 418 -21.03 -15.03 35.20
N GLU C 419 -22.02 -14.36 35.81
CA GLU C 419 -21.78 -13.34 36.85
C GLU C 419 -21.05 -13.93 38.07
N GLU C 420 -21.47 -15.11 38.55
CA GLU C 420 -20.82 -15.76 39.68
C GLU C 420 -19.43 -16.26 39.26
N ALA C 421 -19.29 -16.76 38.02
CA ALA C 421 -17.99 -17.22 37.53
C ALA C 421 -17.00 -16.04 37.50
N ALA C 422 -17.49 -14.83 37.16
CA ALA C 422 -16.65 -13.63 37.14
C ALA C 422 -16.20 -13.26 38.57
N ALA C 423 -17.10 -13.41 39.55
CA ALA C 423 -16.80 -13.14 40.97
C ALA C 423 -15.77 -14.15 41.49
N VAL C 424 -15.82 -15.41 41.00
CA VAL C 424 -14.88 -16.49 41.36
C VAL C 424 -13.49 -16.14 40.80
N ALA C 425 -13.43 -15.81 39.49
CA ALA C 425 -12.18 -15.46 38.81
C ALA C 425 -11.52 -14.23 39.45
N LYS C 426 -12.30 -13.18 39.75
CA LYS C 426 -11.76 -11.97 40.36
C LYS C 426 -11.23 -12.26 41.78
N GLN C 427 -12.00 -13.00 42.62
CA GLN C 427 -11.60 -13.35 43.98
C GLN C 427 -10.35 -14.24 43.99
N ALA C 428 -10.27 -15.20 43.06
CA ALA C 428 -9.13 -16.12 42.91
C ALA C 428 -7.85 -15.33 42.69
N LEU C 429 -7.88 -14.36 41.75
CA LEU C 429 -6.75 -13.51 41.38
C LEU C 429 -6.34 -12.58 42.53
N LYS C 430 -7.33 -12.00 43.26
CA LYS C 430 -7.10 -11.08 44.37
C LYS C 430 -6.43 -11.76 45.56
N GLU C 431 -6.91 -12.96 45.93
CA GLU C 431 -6.41 -13.73 47.06
C GLU C 431 -5.26 -14.69 46.66
N ARG C 432 -4.81 -14.62 45.38
CA ARG C 432 -3.76 -15.46 44.78
C ARG C 432 -4.04 -16.95 45.08
N LYS C 433 -5.34 -17.34 44.96
CA LYS C 433 -5.84 -18.69 45.20
C LYS C 433 -6.28 -19.34 43.90
N THR C 434 -6.34 -20.69 43.86
CA THR C 434 -6.79 -21.43 42.67
C THR C 434 -8.30 -21.22 42.44
N ILE C 435 -8.78 -21.48 41.22
CA ILE C 435 -10.21 -21.40 40.88
C ILE C 435 -10.95 -22.44 41.74
N ARG C 436 -10.41 -23.68 41.83
CA ARG C 436 -10.99 -24.77 42.61
C ARG C 436 -11.25 -24.35 44.05
N GLN C 437 -10.23 -23.82 44.75
CA GLN C 437 -10.39 -23.43 46.15
C GLN C 437 -11.31 -22.22 46.29
N THR C 438 -11.35 -21.30 45.30
CA THR C 438 -12.23 -20.13 45.35
C THR C 438 -13.70 -20.57 45.20
N VAL C 439 -13.98 -21.59 44.35
CA VAL C 439 -15.33 -22.15 44.16
C VAL C 439 -15.82 -22.78 45.49
N ILE C 440 -14.98 -23.59 46.14
CA ILE C 440 -15.30 -24.24 47.42
C ILE C 440 -15.50 -23.16 48.52
N ASP C 441 -14.58 -22.17 48.59
CA ASP C 441 -14.59 -21.06 49.57
C ASP C 441 -15.83 -20.17 49.46
N ARG C 442 -16.39 -20.02 48.25
CA ARG C 442 -17.59 -19.21 48.02
C ARG C 442 -18.87 -20.04 48.30
N GLY C 443 -18.70 -21.28 48.77
CA GLY C 443 -19.79 -22.19 49.10
C GLY C 443 -20.63 -22.60 47.89
N LEU C 444 -19.97 -22.76 46.73
CA LEU C 444 -20.68 -23.07 45.50
C LEU C 444 -20.92 -24.57 45.29
N ILE C 445 -20.26 -25.44 46.08
CA ILE C 445 -20.50 -26.88 46.02
C ILE C 445 -21.90 -27.16 46.60
N GLY C 446 -22.74 -27.82 45.79
CA GLY C 446 -24.11 -28.17 46.15
C GLY C 446 -24.85 -28.87 45.03
N ASP C 447 -26.17 -28.62 44.95
CA ASP C 447 -27.09 -29.20 43.95
C ASP C 447 -26.67 -28.89 42.51
N ARG C 448 -26.20 -27.66 42.25
CA ARG C 448 -25.82 -27.27 40.89
C ARG C 448 -24.39 -27.70 40.53
N LEU C 449 -23.53 -27.96 41.53
CA LEU C 449 -22.15 -28.35 41.25
C LEU C 449 -21.56 -29.24 42.33
N SER C 450 -21.18 -30.47 41.96
CA SER C 450 -20.52 -31.42 42.89
C SER C 450 -19.00 -31.28 42.76
N ILE C 451 -18.27 -31.71 43.79
CA ILE C 451 -16.80 -31.63 43.80
C ILE C 451 -16.22 -32.49 42.64
N GLU C 452 -16.86 -33.64 42.33
CA GLU C 452 -16.50 -34.57 41.25
C GLU C 452 -16.66 -33.87 39.89
N ASP C 453 -17.82 -33.18 39.68
CA ASP C 453 -18.14 -32.45 38.46
C ASP C 453 -17.15 -31.30 38.27
N LEU C 454 -16.88 -30.53 39.36
CA LEU C 454 -15.92 -29.43 39.37
C LEU C 454 -14.52 -29.90 38.92
N ASP C 455 -14.00 -31.02 39.51
CA ASP C 455 -12.67 -31.52 39.16
C ASP C 455 -12.60 -31.99 37.71
N ARG C 456 -13.69 -32.58 37.17
CA ARG C 456 -13.75 -33.00 35.76
C ARG C 456 -13.69 -31.79 34.84
N ARG C 457 -14.45 -30.74 35.18
CA ARG C 457 -14.59 -29.50 34.42
C ARG C 457 -13.32 -28.67 34.43
N LEU C 458 -12.54 -28.73 35.53
CA LEU C 458 -11.34 -27.91 35.67
C LEU C 458 -10.09 -28.57 35.10
N ASP C 459 -10.16 -29.85 34.69
CA ASP C 459 -9.00 -30.54 34.10
C ASP C 459 -8.62 -29.81 32.79
N VAL C 460 -7.44 -29.17 32.77
CA VAL C 460 -7.02 -28.30 31.66
C VAL C 460 -6.86 -29.05 30.34
N LEU C 461 -6.33 -30.29 30.33
CA LEU C 461 -6.21 -31.04 29.08
C LEU C 461 -7.60 -31.41 28.53
N ALA C 462 -8.52 -31.86 29.41
CA ALA C 462 -9.89 -32.18 28.99
C ALA C 462 -10.58 -30.91 28.46
N MET C 463 -10.25 -29.75 29.05
CA MET C 463 -10.79 -28.44 28.68
C MET C 463 -10.38 -28.02 27.27
N ALA C 464 -9.21 -28.49 26.78
CA ALA C 464 -8.72 -28.17 25.44
C ALA C 464 -9.49 -28.94 24.37
N LYS C 465 -10.22 -30.01 24.76
CA LYS C 465 -11.07 -30.82 23.87
C LYS C 465 -10.32 -31.24 22.61
N ALA C 466 -9.12 -31.80 22.79
CA ALA C 466 -8.30 -32.30 21.68
C ALA C 466 -9.00 -33.50 21.03
N GLU C 467 -9.07 -33.50 19.70
CA GLU C 467 -9.71 -34.56 18.90
C GLU C 467 -9.05 -35.93 19.17
N GLN C 468 -9.82 -37.00 19.10
CA GLN C 468 -9.31 -38.36 19.27
C GLN C 468 -8.59 -38.82 18.00
N ASN D 9 -33.32 11.81 30.66
CA ASN D 9 -33.67 10.72 31.58
C ASN D 9 -32.82 9.49 31.32
N TYR D 10 -32.37 8.86 32.41
CA TYR D 10 -31.52 7.68 32.37
C TYR D 10 -32.08 6.56 33.24
N ARG D 11 -31.57 5.34 33.05
CA ARG D 11 -31.91 4.20 33.90
C ARG D 11 -30.62 3.46 34.24
N ILE D 12 -30.61 2.68 35.31
CA ILE D 12 -29.44 1.94 35.74
C ILE D 12 -29.47 0.53 35.15
N GLU D 13 -28.32 0.11 34.60
CA GLU D 13 -28.07 -1.25 34.13
C GLU D 13 -26.77 -1.71 34.76
N HIS D 14 -26.49 -3.02 34.78
CA HIS D 14 -25.23 -3.45 35.38
C HIS D 14 -24.56 -4.55 34.57
N ASP D 15 -23.25 -4.71 34.81
CA ASP D 15 -22.43 -5.78 34.27
C ASP D 15 -21.49 -6.21 35.40
N THR D 16 -20.54 -7.09 35.12
CA THR D 16 -19.62 -7.59 36.15
C THR D 16 -18.61 -6.50 36.60
N MET D 17 -18.57 -5.35 35.91
CA MET D 17 -17.69 -4.25 36.27
C MET D 17 -18.42 -3.21 37.16
N GLY D 18 -19.75 -3.24 37.16
CA GLY D 18 -20.55 -2.36 38.01
C GLY D 18 -21.80 -1.81 37.35
N GLU D 19 -22.35 -0.75 37.95
CA GLU D 19 -23.56 -0.08 37.48
C GLU D 19 -23.23 0.98 36.47
N VAL D 20 -24.10 1.12 35.45
CA VAL D 20 -23.92 2.07 34.34
C VAL D 20 -25.23 2.80 34.07
N ARG D 21 -25.17 4.13 33.94
CA ARG D 21 -26.32 4.95 33.59
C ARG D 21 -26.51 4.85 32.05
N VAL D 22 -27.69 4.42 31.63
CA VAL D 22 -28.03 4.19 30.21
C VAL D 22 -29.22 5.11 29.83
N PRO D 23 -29.25 5.76 28.62
CA PRO D 23 -30.44 6.57 28.26
C PRO D 23 -31.73 5.76 28.43
N ALA D 24 -32.73 6.35 29.10
CA ALA D 24 -34.00 5.70 29.47
C ALA D 24 -34.64 4.84 28.35
N LYS D 25 -34.70 5.37 27.11
CA LYS D 25 -35.35 4.71 25.99
C LYS D 25 -34.45 3.75 25.19
N ALA D 26 -33.13 3.73 25.42
CA ALA D 26 -32.24 2.87 24.66
C ALA D 26 -32.53 1.41 24.98
N LEU D 27 -32.46 0.54 23.96
CA LEU D 27 -32.69 -0.90 24.16
C LEU D 27 -31.39 -1.60 24.54
N TRP D 28 -30.25 -0.91 24.40
CA TRP D 28 -28.97 -1.49 24.79
C TRP D 28 -28.82 -1.37 26.32
N ARG D 29 -27.79 -2.02 26.89
CA ARG D 29 -27.64 -1.99 28.34
C ARG D 29 -26.21 -1.56 28.74
N ALA D 30 -25.69 -2.04 29.89
CA ALA D 30 -24.42 -1.60 30.49
C ALA D 30 -23.20 -1.68 29.57
N GLN D 31 -22.94 -2.83 28.91
CA GLN D 31 -21.71 -3.00 28.12
C GLN D 31 -21.72 -2.19 26.84
N THR D 32 -22.88 -2.02 26.21
CA THR D 32 -22.97 -1.17 25.02
C THR D 32 -22.68 0.28 25.43
N GLN D 33 -23.26 0.71 26.57
CA GLN D 33 -23.07 2.08 27.05
C GLN D 33 -21.60 2.37 27.37
N ARG D 34 -20.89 1.42 28.01
CA ARG D 34 -19.46 1.59 28.27
C ARG D 34 -18.71 1.76 26.93
N ALA D 35 -19.05 0.95 25.92
CA ALA D 35 -18.41 1.00 24.58
C ALA D 35 -18.71 2.32 23.87
N VAL D 36 -19.89 2.92 24.11
CA VAL D 36 -20.24 4.24 23.56
C VAL D 36 -19.24 5.29 24.09
N GLU D 37 -18.90 5.20 25.39
CA GLU D 37 -18.00 6.15 26.04
C GLU D 37 -16.53 5.85 25.77
N ASN D 38 -16.18 4.57 25.54
CA ASN D 38 -14.79 4.18 25.33
C ASN D 38 -14.28 4.42 23.92
N PHE D 39 -15.16 4.30 22.90
CA PHE D 39 -14.68 4.39 21.52
C PHE D 39 -15.33 5.53 20.66
N PRO D 40 -15.47 6.82 21.11
CA PRO D 40 -16.00 7.84 20.18
C PRO D 40 -14.88 8.27 19.22
N ILE D 41 -14.67 7.45 18.18
CA ILE D 41 -13.53 7.64 17.27
C ILE D 41 -13.93 8.06 15.87
N SER D 42 -14.70 7.22 15.15
CA SER D 42 -15.10 7.55 13.78
C SER D 42 -16.50 8.19 13.76
N GLY D 43 -17.31 7.91 14.78
CA GLY D 43 -18.69 8.37 14.85
C GLY D 43 -19.62 7.54 13.99
N ARG D 44 -19.16 6.38 13.50
CA ARG D 44 -19.98 5.49 12.68
C ARG D 44 -19.97 4.10 13.27
N GLY D 45 -21.14 3.47 13.28
CA GLY D 45 -21.31 2.13 13.83
C GLY D 45 -21.41 1.09 12.72
N LEU D 46 -21.86 -0.13 13.08
CA LEU D 46 -22.03 -1.21 12.10
C LEU D 46 -23.02 -0.85 11.00
N GLU D 47 -22.82 -1.36 9.79
CA GLU D 47 -23.71 -1.13 8.65
C GLU D 47 -24.92 -2.05 8.72
N ARG D 48 -25.97 -1.71 7.96
CA ARG D 48 -27.21 -2.47 7.88
C ARG D 48 -26.93 -3.97 7.65
N THR D 49 -26.04 -4.28 6.71
CA THR D 49 -25.69 -5.65 6.36
C THR D 49 -25.03 -6.40 7.53
N GLN D 50 -24.23 -5.69 8.34
CA GLN D 50 -23.56 -6.29 9.50
C GLN D 50 -24.55 -6.60 10.61
N ILE D 51 -25.46 -5.67 10.87
CA ILE D 51 -26.49 -5.84 11.91
C ILE D 51 -27.42 -7.00 11.50
N ARG D 52 -27.77 -7.09 10.20
CA ARG D 52 -28.61 -8.17 9.66
C ARG D 52 -27.96 -9.54 9.94
N ALA D 53 -26.67 -9.71 9.60
CA ALA D 53 -25.94 -10.97 9.79
C ALA D 53 -25.86 -11.34 11.27
N LEU D 54 -25.67 -10.34 12.17
CA LEU D 54 -25.63 -10.58 13.61
C LEU D 54 -26.99 -11.06 14.13
N GLY D 55 -28.07 -10.44 13.65
CA GLY D 55 -29.44 -10.81 14.03
C GLY D 55 -29.78 -12.22 13.52
N LEU D 56 -29.46 -12.50 12.25
CA LEU D 56 -29.69 -13.81 11.66
C LEU D 56 -28.94 -14.89 12.47
N LEU D 57 -27.67 -14.66 12.78
CA LEU D 57 -26.84 -15.61 13.52
C LEU D 57 -27.35 -15.84 14.95
N LYS D 58 -27.73 -14.77 15.68
CA LYS D 58 -28.24 -14.88 17.05
C LYS D 58 -29.48 -15.75 17.12
N GLY D 59 -30.38 -15.58 16.15
CA GLY D 59 -31.60 -16.36 16.06
C GLY D 59 -31.31 -17.83 15.81
N ALA D 60 -30.39 -18.11 14.89
CA ALA D 60 -30.01 -19.47 14.55
C ALA D 60 -29.40 -20.18 15.77
N CYS D 61 -28.56 -19.46 16.55
CA CYS D 61 -27.93 -19.98 17.78
C CYS D 61 -29.00 -20.34 18.82
N ALA D 62 -30.02 -19.47 18.98
CA ALA D 62 -31.11 -19.74 19.93
C ALA D 62 -31.91 -20.95 19.51
N GLN D 63 -32.17 -21.07 18.19
CA GLN D 63 -32.91 -22.23 17.67
C GLN D 63 -32.18 -23.54 17.98
N VAL D 64 -30.85 -23.57 17.77
CA VAL D 64 -30.06 -24.78 17.99
C VAL D 64 -30.01 -25.09 19.50
N ASN D 65 -29.80 -24.06 20.36
CA ASN D 65 -29.79 -24.29 21.81
C ASN D 65 -31.13 -24.88 22.30
N SER D 66 -32.23 -24.42 21.69
CA SER D 66 -33.58 -24.93 21.97
C SER D 66 -33.70 -26.39 21.52
N ASP D 67 -33.30 -26.70 20.27
CA ASP D 67 -33.36 -28.05 19.69
C ASP D 67 -32.58 -29.05 20.53
N LEU D 68 -31.45 -28.62 21.11
CA LEU D 68 -30.59 -29.50 21.91
C LEU D 68 -31.01 -29.58 23.38
N GLY D 69 -32.12 -28.92 23.74
CA GLY D 69 -32.67 -28.92 25.08
C GLY D 69 -31.85 -28.16 26.10
N LEU D 70 -31.03 -27.20 25.63
CA LEU D 70 -30.15 -26.40 26.50
C LEU D 70 -30.80 -25.09 26.94
N LEU D 71 -31.80 -24.63 26.19
CA LEU D 71 -32.50 -23.39 26.46
C LEU D 71 -33.99 -23.63 26.41
N ALA D 72 -34.74 -23.20 27.43
CA ALA D 72 -36.20 -23.38 27.48
C ALA D 72 -36.85 -22.81 26.21
N PRO D 73 -37.81 -23.55 25.60
CA PRO D 73 -38.43 -23.07 24.33
C PRO D 73 -39.01 -21.65 24.39
N GLU D 74 -39.59 -21.23 25.52
CA GLU D 74 -40.14 -19.87 25.68
C GLU D 74 -39.02 -18.82 25.55
N LYS D 75 -37.83 -19.11 26.11
CA LYS D 75 -36.68 -18.19 26.07
C LYS D 75 -36.10 -18.13 24.68
N ALA D 76 -35.99 -19.29 24.01
CA ALA D 76 -35.48 -19.39 22.65
C ALA D 76 -36.42 -18.68 21.66
N ASP D 77 -37.74 -18.84 21.82
CA ASP D 77 -38.75 -18.18 20.96
C ASP D 77 -38.64 -16.67 21.07
N ALA D 78 -38.40 -16.14 22.29
CA ALA D 78 -38.23 -14.70 22.50
C ALA D 78 -36.96 -14.20 21.80
N ILE D 79 -35.84 -14.95 21.87
CA ILE D 79 -34.61 -14.57 21.18
C ILE D 79 -34.83 -14.58 19.66
N ILE D 80 -35.45 -15.66 19.14
CA ILE D 80 -35.72 -15.83 17.70
C ILE D 80 -36.58 -14.65 17.18
N ALA D 81 -37.64 -14.28 17.91
CA ALA D 81 -38.51 -13.17 17.53
C ALA D 81 -37.74 -11.83 17.55
N ALA D 82 -36.97 -11.55 18.62
CA ALA D 82 -36.18 -10.31 18.77
C ALA D 82 -35.07 -10.23 17.72
N ALA D 83 -34.32 -11.35 17.50
CA ALA D 83 -33.25 -11.42 16.51
C ALA D 83 -33.78 -11.14 15.09
N ALA D 84 -34.99 -11.62 14.76
CA ALA D 84 -35.64 -11.41 13.46
C ALA D 84 -35.94 -9.92 13.25
N GLU D 85 -36.33 -9.20 14.32
CA GLU D 85 -36.58 -7.75 14.27
C GLU D 85 -35.29 -7.00 13.96
N ILE D 86 -34.20 -7.40 14.64
CA ILE D 86 -32.86 -6.85 14.47
C ILE D 86 -32.40 -7.09 13.02
N ALA D 87 -32.59 -8.32 12.50
CA ALA D 87 -32.18 -8.68 11.15
C ALA D 87 -32.91 -7.84 10.09
N ASP D 88 -34.23 -7.57 10.31
CA ASP D 88 -35.04 -6.80 9.35
C ASP D 88 -34.73 -5.28 9.37
N GLY D 89 -33.98 -4.79 10.36
CA GLY D 89 -33.62 -3.38 10.43
C GLY D 89 -34.43 -2.45 11.32
N GLN D 90 -35.36 -3.00 12.13
CA GLN D 90 -36.21 -2.21 13.04
C GLN D 90 -35.42 -1.52 14.17
N HIS D 91 -34.22 -2.04 14.49
CA HIS D 91 -33.44 -1.57 15.63
C HIS D 91 -32.01 -1.11 15.31
N ASP D 92 -31.71 -0.65 14.08
CA ASP D 92 -30.33 -0.22 13.76
C ASP D 92 -29.90 0.96 14.64
N ASP D 93 -30.85 1.79 15.09
CA ASP D 93 -30.61 2.92 15.99
C ASP D 93 -30.20 2.43 17.40
N GLN D 94 -30.33 1.12 17.67
CA GLN D 94 -29.96 0.52 18.97
C GLN D 94 -28.54 -0.07 18.94
N PHE D 95 -27.78 0.18 17.86
CA PHE D 95 -26.39 -0.28 17.68
C PHE D 95 -25.47 0.95 17.53
N PRO D 96 -25.22 1.71 18.64
CA PRO D 96 -24.44 2.97 18.51
C PRO D 96 -22.92 2.81 18.60
N ILE D 97 -22.43 1.60 18.82
CA ILE D 97 -20.99 1.38 19.03
C ILE D 97 -20.19 1.63 17.75
N ASP D 98 -19.08 2.35 17.92
CA ASP D 98 -18.13 2.66 16.85
C ASP D 98 -17.55 1.40 16.24
N VAL D 99 -17.15 1.50 14.97
CA VAL D 99 -16.40 0.45 14.27
C VAL D 99 -15.08 0.20 15.04
N PHE D 100 -14.41 1.28 15.49
CA PHE D 100 -13.11 1.19 16.13
C PHE D 100 -13.25 0.87 17.62
N GLN D 101 -13.83 -0.31 17.88
CA GLN D 101 -14.06 -0.88 19.22
C GLN D 101 -13.01 -1.95 19.48
N THR D 102 -13.17 -2.70 20.58
CA THR D 102 -12.32 -3.87 20.87
C THR D 102 -12.29 -4.79 19.62
N GLY D 103 -11.09 -5.21 19.24
CA GLY D 103 -10.81 -5.95 18.02
C GLY D 103 -11.49 -7.28 17.76
N SER D 104 -12.10 -7.86 18.79
CA SER D 104 -12.84 -9.13 18.63
C SER D 104 -14.30 -8.88 18.25
N GLY D 105 -14.74 -7.64 18.41
CA GLY D 105 -16.15 -7.30 18.22
C GLY D 105 -16.97 -7.67 19.46
N THR D 106 -16.32 -7.87 20.65
CA THR D 106 -17.02 -8.20 21.92
C THR D 106 -18.16 -7.20 22.17
N SER D 107 -17.87 -5.91 22.01
CA SER D 107 -18.84 -4.84 22.26
C SER D 107 -20.10 -4.98 21.37
N SER D 108 -19.93 -5.19 20.04
CA SER D 108 -21.08 -5.35 19.16
C SER D 108 -21.81 -6.67 19.42
N ASN D 109 -21.07 -7.73 19.86
CA ASN D 109 -21.73 -8.98 20.25
C ASN D 109 -22.62 -8.73 21.49
N MET D 110 -22.08 -8.01 22.50
CA MET D 110 -22.84 -7.71 23.70
C MET D 110 -23.97 -6.73 23.37
N ASN D 111 -23.77 -5.87 22.37
CA ASN D 111 -24.82 -4.95 21.90
C ASN D 111 -26.03 -5.76 21.43
N THR D 112 -25.79 -6.84 20.64
CA THR D 112 -26.86 -7.70 20.13
C THR D 112 -27.56 -8.42 21.28
N ASN D 113 -26.78 -8.99 22.22
CA ASN D 113 -27.29 -9.71 23.40
C ASN D 113 -28.17 -8.83 24.29
N GLU D 114 -27.72 -7.60 24.55
CA GLU D 114 -28.44 -6.67 25.42
C GLU D 114 -29.74 -6.17 24.77
N VAL D 115 -29.68 -5.84 23.48
CA VAL D 115 -30.87 -5.34 22.74
C VAL D 115 -31.92 -6.47 22.68
N ILE D 116 -31.50 -7.73 22.43
CA ILE D 116 -32.42 -8.88 22.41
C ILE D 116 -33.07 -9.03 23.80
N ALA D 117 -32.28 -8.93 24.87
CA ALA D 117 -32.76 -9.04 26.24
C ALA D 117 -33.83 -7.96 26.54
N SER D 118 -33.63 -6.72 26.06
CA SER D 118 -34.57 -5.61 26.25
C SER D 118 -35.84 -5.82 25.43
N ILE D 119 -35.73 -6.29 24.17
CA ILE D 119 -36.89 -6.58 23.32
C ILE D 119 -37.74 -7.69 23.97
N ALA D 120 -37.09 -8.79 24.40
CA ALA D 120 -37.75 -9.93 25.06
C ALA D 120 -38.49 -9.51 26.32
N ALA D 121 -37.91 -8.59 27.11
CA ALA D 121 -38.53 -8.05 28.33
C ALA D 121 -39.89 -7.37 28.01
N LYS D 122 -40.00 -6.72 26.84
CA LYS D 122 -41.26 -6.06 26.40
C LYS D 122 -42.33 -7.12 26.07
N GLY D 123 -41.89 -8.35 25.82
CA GLY D 123 -42.78 -9.49 25.58
C GLY D 123 -43.01 -10.32 26.83
N GLY D 124 -42.52 -9.85 27.97
CA GLY D 124 -42.67 -10.55 29.25
C GLY D 124 -41.73 -11.73 29.47
N VAL D 125 -40.61 -11.80 28.74
CA VAL D 125 -39.65 -12.89 28.89
C VAL D 125 -38.32 -12.31 29.41
N THR D 126 -37.81 -12.86 30.51
CA THR D 126 -36.54 -12.42 31.11
C THR D 126 -35.40 -13.26 30.54
N LEU D 127 -34.46 -12.60 29.88
CA LEU D 127 -33.26 -13.24 29.32
C LEU D 127 -32.01 -12.58 29.84
N HIS D 128 -31.05 -13.39 30.30
CA HIS D 128 -29.74 -12.87 30.68
C HIS D 128 -28.91 -12.72 29.40
N PRO D 129 -28.32 -11.53 29.14
CA PRO D 129 -27.56 -11.33 27.88
C PRO D 129 -26.40 -12.33 27.69
N ASN D 130 -25.76 -12.78 28.78
CA ASN D 130 -24.68 -13.76 28.69
C ASN D 130 -25.22 -15.19 28.75
N ASP D 131 -25.87 -15.56 29.87
CA ASP D 131 -26.32 -16.93 30.13
C ASP D 131 -27.34 -17.45 29.11
N ASP D 132 -28.24 -16.58 28.60
CA ASP D 132 -29.27 -17.03 27.67
C ASP D 132 -29.00 -16.65 26.22
N VAL D 133 -28.90 -15.36 25.92
CA VAL D 133 -28.75 -14.86 24.56
C VAL D 133 -27.41 -15.27 23.96
N ASN D 134 -26.36 -15.41 24.82
CA ASN D 134 -25.03 -15.79 24.38
C ASN D 134 -24.70 -17.24 24.69
N MET D 135 -25.69 -18.06 25.06
CA MET D 135 -25.44 -19.47 25.37
C MET D 135 -24.73 -20.18 24.21
N SER D 136 -23.65 -20.96 24.51
CA SER D 136 -22.83 -21.75 23.56
C SER D 136 -22.02 -20.89 22.62
N GLN D 137 -21.88 -19.58 22.92
CA GLN D 137 -21.21 -18.67 22.00
C GLN D 137 -20.11 -17.85 22.62
N SER D 138 -19.33 -17.24 21.74
CA SER D 138 -18.32 -16.26 22.08
C SER D 138 -18.42 -15.18 21.04
N SER D 139 -17.81 -14.02 21.28
CA SER D 139 -17.74 -12.99 20.25
C SER D 139 -16.70 -13.44 19.23
N ASN D 140 -15.73 -14.27 19.68
CA ASN D 140 -14.58 -14.72 18.90
C ASN D 140 -14.96 -15.65 17.77
N ASP D 141 -16.13 -16.32 17.85
CA ASP D 141 -16.59 -17.14 16.71
C ASP D 141 -17.79 -16.42 16.08
N THR D 142 -18.68 -15.80 16.85
CA THR D 142 -19.84 -15.15 16.25
C THR D 142 -19.52 -13.90 15.45
N PHE D 143 -18.64 -12.99 15.95
CA PHE D 143 -18.37 -11.75 15.20
C PHE D 143 -17.66 -12.05 13.85
N PRO D 144 -16.61 -12.89 13.76
CA PRO D 144 -16.08 -13.22 12.43
C PRO D 144 -17.09 -14.03 11.60
N THR D 145 -17.98 -14.84 12.23
CA THR D 145 -19.01 -15.59 11.48
C THR D 145 -19.95 -14.59 10.81
N ALA D 146 -20.48 -13.61 11.56
CA ALA D 146 -21.39 -12.60 11.02
C ALA D 146 -20.69 -11.78 9.94
N THR D 147 -19.37 -11.52 10.10
CA THR D 147 -18.58 -10.78 9.09
C THR D 147 -18.48 -11.58 7.80
N HIS D 148 -18.16 -12.88 7.91
CA HIS D 148 -18.00 -13.76 6.75
C HIS D 148 -19.36 -14.01 6.07
N ILE D 149 -20.47 -14.07 6.83
CA ILE D 149 -21.81 -14.19 6.24
C ILE D 149 -22.09 -12.95 5.36
N ALA D 150 -21.85 -11.76 5.94
CA ALA D 150 -22.10 -10.48 5.26
C ALA D 150 -21.22 -10.36 4.01
N ALA D 151 -19.94 -10.77 4.11
CA ALA D 151 -19.02 -10.70 2.97
C ALA D 151 -19.43 -11.67 1.88
N THR D 152 -19.84 -12.91 2.26
CA THR D 152 -20.25 -13.92 1.30
C THR D 152 -21.52 -13.45 0.57
N GLU D 153 -22.50 -12.91 1.32
CA GLU D 153 -23.73 -12.41 0.74
C GLU D 153 -23.43 -11.23 -0.21
N ALA D 154 -22.52 -10.32 0.18
CA ALA D 154 -22.15 -9.16 -0.67
C ALA D 154 -21.53 -9.65 -2.00
N ALA D 155 -20.70 -10.70 -1.94
CA ALA D 155 -20.04 -11.26 -3.13
C ALA D 155 -21.02 -11.94 -4.07
N VAL D 156 -21.81 -12.87 -3.54
CA VAL D 156 -22.70 -13.73 -4.33
C VAL D 156 -23.96 -12.98 -4.80
N ALA D 157 -24.68 -12.34 -3.88
CA ALA D 157 -25.97 -11.73 -4.21
C ALA D 157 -25.87 -10.31 -4.79
N HIS D 158 -24.72 -9.63 -4.61
CA HIS D 158 -24.67 -8.25 -5.08
C HIS D 158 -23.53 -7.96 -6.05
N LEU D 159 -22.27 -8.23 -5.67
CA LEU D 159 -21.16 -7.88 -6.56
C LEU D 159 -21.16 -8.70 -7.86
N ILE D 160 -21.23 -10.04 -7.78
CA ILE D 160 -21.17 -10.88 -8.98
C ILE D 160 -22.30 -10.45 -9.98
N PRO D 161 -23.60 -10.30 -9.59
CA PRO D 161 -24.60 -9.82 -10.57
C PRO D 161 -24.29 -8.43 -11.15
N ALA D 162 -23.72 -7.51 -10.35
CA ALA D 162 -23.35 -6.16 -10.83
C ALA D 162 -22.22 -6.25 -11.86
N LEU D 163 -21.20 -7.09 -11.58
CA LEU D 163 -20.12 -7.30 -12.54
C LEU D 163 -20.64 -7.98 -13.81
N GLN D 164 -21.60 -8.92 -13.67
CA GLN D 164 -22.18 -9.61 -14.83
C GLN D 164 -22.90 -8.57 -15.72
N GLN D 165 -23.61 -7.61 -15.09
CA GLN D 165 -24.31 -6.55 -15.81
C GLN D 165 -23.29 -5.69 -16.58
N LEU D 166 -22.16 -5.33 -15.94
CA LEU D 166 -21.12 -4.52 -16.59
C LEU D 166 -20.48 -5.31 -17.72
N HIS D 167 -20.17 -6.60 -17.48
CA HIS D 167 -19.60 -7.46 -18.51
C HIS D 167 -20.51 -7.50 -19.75
N ASP D 168 -21.82 -7.71 -19.54
CA ASP D 168 -22.79 -7.81 -20.63
C ASP D 168 -22.90 -6.52 -21.43
N ALA D 169 -22.81 -5.35 -20.75
CA ALA D 169 -22.84 -4.05 -21.43
C ALA D 169 -21.59 -3.87 -22.29
N LEU D 170 -20.41 -4.28 -21.76
CA LEU D 170 -19.16 -4.18 -22.49
C LEU D 170 -19.16 -5.13 -23.70
N ALA D 171 -19.65 -6.37 -23.49
CA ALA D 171 -19.73 -7.39 -24.55
C ALA D 171 -20.71 -6.98 -25.66
N ALA D 172 -21.82 -6.29 -25.32
CA ALA D 172 -22.78 -5.80 -26.31
C ALA D 172 -22.10 -4.75 -27.21
N LYS D 173 -21.20 -3.89 -26.64
CA LYS D 173 -20.44 -2.91 -27.45
C LYS D 173 -19.39 -3.60 -28.30
N ALA D 174 -18.69 -4.59 -27.72
CA ALA D 174 -17.68 -5.37 -28.46
C ALA D 174 -18.33 -5.98 -29.73
N LEU D 175 -19.59 -6.44 -29.62
CA LEU D 175 -20.32 -7.00 -30.75
C LEU D 175 -20.77 -5.89 -31.71
N ASP D 176 -21.40 -4.84 -31.17
CA ASP D 176 -21.90 -3.71 -31.97
C ASP D 176 -20.77 -3.06 -32.80
N TRP D 177 -19.55 -2.96 -32.23
CA TRP D 177 -18.43 -2.28 -32.88
C TRP D 177 -17.35 -3.22 -33.38
N HIS D 178 -17.73 -4.48 -33.62
CA HIS D 178 -16.82 -5.53 -34.06
C HIS D 178 -15.99 -5.14 -35.31
N THR D 179 -16.59 -4.39 -36.25
CA THR D 179 -15.87 -4.02 -37.46
C THR D 179 -15.71 -2.48 -37.59
N VAL D 180 -15.72 -1.76 -36.46
CA VAL D 180 -15.53 -0.30 -36.48
C VAL D 180 -14.02 -0.11 -36.30
N VAL D 181 -13.30 0.08 -37.41
CA VAL D 181 -11.83 0.18 -37.42
C VAL D 181 -11.35 1.51 -36.82
N LYS D 182 -10.20 1.44 -36.14
CA LYS D 182 -9.53 2.60 -35.54
C LYS D 182 -8.04 2.33 -35.47
N SER D 183 -7.24 3.31 -35.05
CA SER D 183 -5.82 3.01 -34.91
C SER D 183 -5.56 2.49 -33.51
N GLY D 184 -4.80 1.40 -33.43
CA GLY D 184 -4.33 0.91 -32.15
C GLY D 184 -3.30 1.91 -31.65
N ARG D 185 -3.03 1.92 -30.34
CA ARG D 185 -2.02 2.75 -29.73
C ARG D 185 -1.23 1.92 -28.73
N THR D 186 0.09 1.95 -28.83
CA THR D 186 0.97 1.25 -27.86
C THR D 186 1.96 2.31 -27.41
N HIS D 187 2.22 2.43 -26.08
CA HIS D 187 3.11 3.47 -25.51
C HIS D 187 2.53 4.87 -25.79
N LEU D 188 1.21 4.95 -26.15
CA LEU D 188 0.47 6.19 -26.53
C LEU D 188 0.80 6.61 -27.97
N MET D 189 1.55 5.77 -28.70
CA MET D 189 2.01 6.11 -30.06
C MET D 189 1.27 5.32 -31.13
N ASP D 190 1.25 5.88 -32.36
CA ASP D 190 0.56 5.32 -33.54
C ASP D 190 0.92 3.87 -33.74
N ALA D 191 -0.06 2.99 -33.65
CA ALA D 191 0.21 1.56 -33.87
C ALA D 191 -0.62 1.06 -35.06
N VAL D 192 -0.69 -0.26 -35.23
CA VAL D 192 -1.46 -0.85 -36.32
C VAL D 192 -2.99 -0.85 -35.98
N PRO D 193 -3.87 -1.05 -36.96
CA PRO D 193 -5.31 -0.99 -36.68
C PRO D 193 -5.84 -2.08 -35.76
N VAL D 194 -6.89 -1.71 -35.03
CA VAL D 194 -7.70 -2.55 -34.15
C VAL D 194 -9.11 -2.13 -34.44
N THR D 195 -10.09 -2.85 -33.93
CA THR D 195 -11.45 -2.36 -34.03
C THR D 195 -11.81 -1.94 -32.62
N LEU D 196 -12.80 -1.05 -32.50
CA LEU D 196 -13.29 -0.60 -31.19
C LEU D 196 -13.89 -1.79 -30.47
N GLY D 197 -14.50 -2.70 -31.23
CA GLY D 197 -15.10 -3.90 -30.69
C GLY D 197 -14.07 -4.80 -30.02
N GLN D 198 -12.88 -4.93 -30.64
CA GLN D 198 -11.79 -5.73 -30.09
C GLN D 198 -11.34 -5.17 -28.74
N GLU D 199 -11.23 -3.83 -28.62
CA GLU D 199 -10.83 -3.23 -27.34
C GLU D 199 -11.86 -3.52 -26.25
N PHE D 200 -13.16 -3.38 -26.61
CA PHE D 200 -14.26 -3.65 -25.68
C PHE D 200 -14.36 -5.12 -25.36
N SER D 201 -13.90 -6.01 -26.26
CA SER D 201 -13.88 -7.43 -25.95
C SER D 201 -12.82 -7.69 -24.84
N GLY D 202 -11.73 -6.88 -24.87
CA GLY D 202 -10.68 -6.92 -23.85
C GLY D 202 -11.22 -6.48 -22.49
N TYR D 203 -11.94 -5.36 -22.46
CA TYR D 203 -12.58 -4.85 -21.22
C TYR D 203 -13.56 -5.86 -20.67
N ALA D 204 -14.40 -6.44 -21.54
CA ALA D 204 -15.39 -7.44 -21.10
C ALA D 204 -14.66 -8.63 -20.46
N ARG D 205 -13.56 -9.12 -21.09
CA ARG D 205 -12.79 -10.24 -20.51
C ARG D 205 -12.23 -9.86 -19.14
N GLN D 206 -11.75 -8.60 -18.94
CA GLN D 206 -11.22 -8.19 -17.62
C GLN D 206 -12.30 -8.31 -16.55
N ILE D 207 -13.54 -7.98 -16.89
CA ILE D 207 -14.64 -8.06 -15.91
C ILE D 207 -15.04 -9.53 -15.71
N GLU D 208 -15.06 -10.31 -16.80
CA GLU D 208 -15.37 -11.75 -16.71
C GLU D 208 -14.33 -12.44 -15.80
N ALA D 209 -13.04 -12.07 -15.97
CA ALA D 209 -11.94 -12.60 -15.14
C ALA D 209 -12.12 -12.11 -13.68
N GLY D 210 -12.67 -10.91 -13.50
CA GLY D 210 -12.97 -10.39 -12.17
C GLY D 210 -14.00 -11.24 -11.46
N ILE D 211 -15.05 -11.67 -12.19
CA ILE D 211 -16.09 -12.57 -11.64
C ILE D 211 -15.42 -13.92 -11.25
N GLU D 212 -14.56 -14.47 -12.13
CA GLU D 212 -13.83 -15.72 -11.87
C GLU D 212 -12.98 -15.58 -10.59
N ARG D 213 -12.35 -14.41 -10.39
CA ARG D 213 -11.52 -14.13 -9.20
C ARG D 213 -12.36 -14.13 -7.92
N VAL D 214 -13.54 -13.50 -7.97
CA VAL D 214 -14.45 -13.49 -6.80
C VAL D 214 -14.91 -14.92 -6.52
N ARG D 215 -15.34 -15.66 -7.56
CA ARG D 215 -15.81 -17.03 -7.37
C ARG D 215 -14.72 -17.93 -6.78
N ALA D 216 -13.45 -17.75 -7.20
CA ALA D 216 -12.32 -18.57 -6.71
C ALA D 216 -12.03 -18.37 -5.20
N CYS D 217 -12.40 -17.21 -4.63
CA CYS D 217 -12.18 -16.90 -3.20
C CYS D 217 -13.31 -17.46 -2.31
N LEU D 218 -14.50 -17.74 -2.89
CA LEU D 218 -15.69 -18.20 -2.14
C LEU D 218 -15.49 -19.47 -1.27
N PRO D 219 -14.74 -20.53 -1.67
CA PRO D 219 -14.57 -21.68 -0.75
C PRO D 219 -13.96 -21.30 0.62
N ARG D 220 -13.15 -20.22 0.68
CA ARG D 220 -12.54 -19.80 1.95
C ARG D 220 -13.27 -18.58 2.54
N LEU D 221 -13.89 -17.73 1.69
CA LEU D 221 -14.66 -16.60 2.22
C LEU D 221 -15.90 -17.10 2.99
N GLY D 222 -16.53 -18.19 2.51
CA GLY D 222 -17.72 -18.77 3.12
C GLY D 222 -17.49 -19.61 4.36
N GLU D 223 -16.22 -19.84 4.72
CA GLU D 223 -15.91 -20.60 5.94
C GLU D 223 -16.28 -19.79 7.19
N LEU D 224 -17.03 -20.41 8.08
CA LEU D 224 -17.51 -19.78 9.32
C LEU D 224 -16.89 -20.38 10.57
N ALA D 225 -16.53 -19.53 11.53
CA ALA D 225 -15.90 -19.91 12.80
C ALA D 225 -16.91 -20.48 13.81
N ILE D 226 -18.23 -20.28 13.60
CA ILE D 226 -19.29 -20.65 14.56
C ILE D 226 -19.11 -22.06 15.15
N GLY D 227 -19.13 -22.14 16.48
CA GLY D 227 -18.96 -23.38 17.21
C GLY D 227 -17.58 -23.51 17.87
N GLY D 228 -16.61 -22.70 17.44
CA GLY D 228 -15.25 -22.70 17.99
C GLY D 228 -15.14 -22.02 19.35
N THR D 229 -16.14 -21.19 19.68
CA THR D 229 -16.29 -20.39 20.90
C THR D 229 -15.03 -19.54 21.17
N ALA D 230 -14.54 -19.53 22.42
CA ALA D 230 -13.48 -18.66 22.91
C ALA D 230 -12.16 -18.73 22.16
N VAL D 231 -11.61 -19.93 21.92
CA VAL D 231 -10.26 -20.07 21.35
C VAL D 231 -10.20 -21.03 20.14
N GLY D 232 -11.32 -21.63 19.77
CA GLY D 232 -11.42 -22.57 18.67
C GLY D 232 -11.64 -24.01 19.10
N THR D 233 -11.56 -24.26 20.43
CA THR D 233 -11.73 -25.61 21.01
C THR D 233 -13.20 -26.04 21.12
N GLY D 234 -14.13 -25.08 20.99
CA GLY D 234 -15.55 -25.34 21.09
C GLY D 234 -16.05 -25.54 22.51
N LEU D 235 -15.22 -25.16 23.49
CA LEU D 235 -15.55 -25.21 24.92
C LEU D 235 -16.87 -24.48 25.18
N ASN D 236 -17.76 -25.09 25.99
CA ASN D 236 -19.06 -24.54 26.41
C ASN D 236 -20.11 -24.55 25.28
N ALA D 237 -19.85 -25.28 24.21
CA ALA D 237 -20.77 -25.48 23.11
C ALA D 237 -20.90 -26.96 22.86
N PRO D 238 -22.09 -27.45 22.44
CA PRO D 238 -22.19 -28.87 22.05
C PRO D 238 -21.26 -29.14 20.87
N ASP D 239 -20.77 -30.38 20.73
CA ASP D 239 -19.82 -30.73 19.66
C ASP D 239 -20.37 -30.49 18.25
N ASP D 240 -21.68 -30.58 18.06
CA ASP D 240 -22.30 -30.33 16.76
C ASP D 240 -22.98 -28.95 16.67
N PHE D 241 -22.67 -28.02 17.59
CA PHE D 241 -23.27 -26.68 17.57
C PHE D 241 -23.06 -25.96 16.23
N GLY D 242 -21.81 -25.93 15.77
CA GLY D 242 -21.41 -25.28 14.52
C GLY D 242 -22.16 -25.79 13.31
N VAL D 243 -22.16 -27.11 13.10
CA VAL D 243 -22.81 -27.71 11.93
C VAL D 243 -24.33 -27.49 11.97
N ARG D 244 -24.95 -27.49 13.17
CA ARG D 244 -26.39 -27.26 13.33
C ARG D 244 -26.76 -25.80 13.01
N VAL D 245 -25.95 -24.85 13.49
CA VAL D 245 -26.17 -23.42 13.21
C VAL D 245 -26.00 -23.16 11.67
N VAL D 246 -24.93 -23.68 11.07
CA VAL D 246 -24.68 -23.49 9.63
C VAL D 246 -25.84 -24.09 8.82
N ALA D 247 -26.38 -25.26 9.25
CA ALA D 247 -27.54 -25.89 8.59
C ALA D 247 -28.69 -24.88 8.45
N VAL D 248 -29.01 -24.17 9.53
CA VAL D 248 -30.07 -23.15 9.59
C VAL D 248 -29.70 -21.95 8.69
N LEU D 249 -28.47 -21.44 8.80
CA LEU D 249 -28.01 -20.29 7.99
C LEU D 249 -28.12 -20.58 6.48
N VAL D 250 -27.69 -21.78 6.05
CA VAL D 250 -27.75 -22.17 4.63
C VAL D 250 -29.22 -22.22 4.16
N ALA D 251 -30.09 -22.87 4.95
CA ALA D 251 -31.50 -22.99 4.64
C ALA D 251 -32.20 -21.62 4.56
N GLN D 252 -31.85 -20.69 5.44
CA GLN D 252 -32.51 -19.37 5.49
C GLN D 252 -31.91 -18.37 4.50
N THR D 253 -30.60 -18.45 4.21
CA THR D 253 -29.96 -17.48 3.30
C THR D 253 -29.95 -17.95 1.87
N GLY D 254 -30.00 -19.27 1.66
CA GLY D 254 -29.86 -19.83 0.30
C GLY D 254 -28.41 -19.78 -0.16
N LEU D 255 -27.48 -19.42 0.74
CA LEU D 255 -26.06 -19.33 0.43
C LEU D 255 -25.37 -20.66 0.67
N SER D 256 -25.13 -21.44 -0.40
CA SER D 256 -24.50 -22.75 -0.34
C SER D 256 -22.99 -22.63 -0.05
N GLU D 257 -22.44 -21.40 -0.15
CA GLU D 257 -21.02 -21.15 0.15
C GLU D 257 -20.73 -21.21 1.64
N LEU D 258 -21.73 -21.03 2.50
CA LEU D 258 -21.56 -21.05 3.96
C LEU D 258 -21.30 -22.45 4.44
N ARG D 259 -20.20 -22.61 5.18
CA ARG D 259 -19.82 -23.90 5.73
C ARG D 259 -18.94 -23.72 6.98
N THR D 260 -18.88 -24.74 7.84
CA THR D 260 -18.01 -24.70 9.01
C THR D 260 -16.58 -24.66 8.50
N ALA D 261 -15.70 -23.91 9.16
CA ALA D 261 -14.30 -23.79 8.73
C ALA D 261 -13.61 -25.15 8.76
N ALA D 262 -12.63 -25.33 7.86
CA ALA D 262 -11.84 -26.57 7.78
C ALA D 262 -11.03 -26.75 9.08
N ASN D 263 -10.50 -25.65 9.64
CA ASN D 263 -9.73 -25.69 10.88
C ASN D 263 -10.24 -24.59 11.79
N SER D 264 -10.70 -24.96 13.00
CA SER D 264 -11.34 -24.02 13.93
C SER D 264 -10.37 -23.00 14.55
N PHE D 265 -9.08 -23.32 14.61
CA PHE D 265 -8.07 -22.41 15.14
C PHE D 265 -7.70 -21.36 14.08
N GLU D 266 -7.45 -21.80 12.84
CA GLU D 266 -7.16 -20.88 11.73
C GLU D 266 -8.34 -19.89 11.54
N ALA D 267 -9.59 -20.37 11.73
CA ALA D 267 -10.80 -19.56 11.53
C ALA D 267 -10.96 -18.42 12.55
N GLN D 268 -10.21 -18.46 13.67
CA GLN D 268 -10.32 -17.42 14.70
C GLN D 268 -9.00 -16.70 14.91
N ALA D 269 -7.86 -17.41 14.82
CA ALA D 269 -6.53 -16.82 14.97
C ALA D 269 -6.19 -15.92 13.78
N ALA D 270 -6.94 -16.11 12.65
CA ALA D 270 -6.69 -15.35 11.43
C ALA D 270 -7.98 -14.99 10.72
N ARG D 271 -7.90 -13.99 9.84
CA ARG D 271 -8.99 -13.53 8.96
C ARG D 271 -8.45 -13.55 7.51
N ASP D 272 -7.63 -14.58 7.19
CA ASP D 272 -6.96 -14.71 5.89
C ASP D 272 -7.95 -14.76 4.72
N GLY D 273 -9.17 -15.26 4.95
CA GLY D 273 -10.23 -15.31 3.94
C GLY D 273 -10.65 -13.92 3.50
N LEU D 274 -10.61 -12.94 4.43
CA LEU D 274 -10.95 -11.55 4.10
C LEU D 274 -9.83 -10.91 3.28
N VAL D 275 -8.56 -11.19 3.65
CA VAL D 275 -7.39 -10.69 2.92
C VAL D 275 -7.43 -11.24 1.49
N GLU D 276 -7.72 -12.55 1.34
CA GLU D 276 -7.82 -13.21 0.04
C GLU D 276 -8.90 -12.54 -0.82
N ALA D 277 -10.11 -12.38 -0.27
CA ALA D 277 -11.24 -11.75 -0.98
C ALA D 277 -10.90 -10.32 -1.39
N SER D 278 -10.24 -9.55 -0.49
CA SER D 278 -9.88 -8.15 -0.81
C SER D 278 -8.95 -8.11 -2.02
N GLY D 279 -8.03 -9.08 -2.13
CA GLY D 279 -7.14 -9.22 -3.28
C GLY D 279 -7.91 -9.31 -4.59
N ALA D 280 -9.02 -10.06 -4.59
CA ALA D 280 -9.87 -10.18 -5.79
C ALA D 280 -10.54 -8.82 -6.10
N LEU D 281 -11.01 -8.11 -5.07
CA LEU D 281 -11.64 -6.79 -5.23
C LEU D 281 -10.63 -5.78 -5.73
N ARG D 282 -9.40 -5.87 -5.22
CA ARG D 282 -8.31 -5.00 -5.61
C ARG D 282 -7.96 -5.25 -7.09
N THR D 283 -7.97 -6.51 -7.55
CA THR D 283 -7.66 -6.81 -8.96
C THR D 283 -8.77 -6.21 -9.85
N ILE D 284 -10.04 -6.31 -9.41
CA ILE D 284 -11.18 -5.71 -10.11
C ILE D 284 -11.00 -4.19 -10.19
N ALA D 285 -10.52 -3.56 -9.10
CA ALA D 285 -10.26 -2.09 -9.07
C ALA D 285 -9.20 -1.73 -10.12
N VAL D 286 -8.15 -2.59 -10.25
CA VAL D 286 -7.06 -2.42 -11.21
C VAL D 286 -7.63 -2.53 -12.64
N SER D 287 -8.48 -3.55 -12.92
CA SER D 287 -9.13 -3.73 -14.22
C SER D 287 -10.06 -2.54 -14.54
N LEU D 288 -10.87 -2.12 -13.57
CA LEU D 288 -11.81 -1.00 -13.75
C LEU D 288 -11.10 0.31 -14.03
N THR D 289 -9.91 0.51 -13.44
CA THR D 289 -9.13 1.73 -13.67
C THR D 289 -8.71 1.80 -15.15
N LYS D 290 -8.23 0.67 -15.69
CA LYS D 290 -7.81 0.61 -17.10
C LYS D 290 -9.00 0.91 -18.03
N ILE D 291 -10.15 0.25 -17.79
CA ILE D 291 -11.36 0.40 -18.61
C ILE D 291 -11.86 1.84 -18.56
N ALA D 292 -12.01 2.41 -17.34
CA ALA D 292 -12.51 3.77 -17.18
C ALA D 292 -11.54 4.81 -17.79
N ASN D 293 -10.22 4.61 -17.64
CA ASN D 293 -9.22 5.55 -18.18
C ASN D 293 -9.22 5.56 -19.70
N ASP D 294 -9.31 4.37 -20.31
CA ASP D 294 -9.39 4.29 -21.77
C ASP D 294 -10.67 4.97 -22.28
N ILE D 295 -11.78 4.75 -21.59
CA ILE D 295 -13.06 5.31 -22.03
C ILE D 295 -13.05 6.84 -21.95
N ARG D 296 -12.54 7.43 -20.87
CA ARG D 296 -12.50 8.90 -20.80
C ARG D 296 -11.46 9.48 -21.78
N TRP D 297 -10.36 8.75 -22.06
CA TRP D 297 -9.40 9.23 -23.08
C TRP D 297 -10.04 9.13 -24.48
N MET D 298 -10.84 8.09 -24.74
CA MET D 298 -11.53 7.98 -26.04
C MET D 298 -12.58 9.09 -26.18
N GLY D 299 -13.19 9.50 -25.07
CA GLY D 299 -14.17 10.58 -25.10
C GLY D 299 -13.56 11.97 -24.93
N SER D 300 -12.22 12.07 -24.83
CA SER D 300 -11.51 13.33 -24.59
C SER D 300 -11.70 14.36 -25.68
N GLY D 301 -11.69 15.61 -25.24
CA GLY D 301 -11.77 16.76 -26.12
C GLY D 301 -13.10 17.46 -25.97
N PRO D 302 -13.93 17.45 -27.03
CA PRO D 302 -13.72 16.75 -28.32
C PRO D 302 -12.64 17.37 -29.23
N LEU D 303 -12.63 18.70 -29.34
CA LEU D 303 -11.72 19.38 -30.24
C LEU D 303 -10.22 19.31 -29.88
N THR D 304 -9.87 19.15 -28.59
CA THR D 304 -8.44 19.13 -28.22
C THR D 304 -7.96 17.74 -27.81
N GLY D 305 -8.82 16.74 -27.96
CA GLY D 305 -8.50 15.38 -27.54
C GLY D 305 -8.59 14.36 -28.65
N LEU D 306 -8.89 13.12 -28.28
CA LEU D 306 -8.94 12.02 -29.24
C LEU D 306 -10.29 11.95 -29.95
N ALA D 307 -11.39 12.34 -29.24
CA ALA D 307 -12.77 12.42 -29.78
C ALA D 307 -13.18 11.16 -30.56
N GLU D 308 -12.85 9.99 -30.01
CA GLU D 308 -13.14 8.70 -30.63
C GLU D 308 -14.59 8.28 -30.41
N ILE D 309 -15.11 8.55 -29.22
CA ILE D 309 -16.44 8.15 -28.83
C ILE D 309 -17.14 9.28 -28.09
N GLN D 310 -18.46 9.17 -27.95
CA GLN D 310 -19.26 10.14 -27.20
C GLN D 310 -19.86 9.44 -26.00
N LEU D 311 -19.55 9.96 -24.81
CA LEU D 311 -20.14 9.45 -23.57
C LEU D 311 -21.50 10.12 -23.36
N PRO D 312 -22.52 9.40 -22.86
CA PRO D 312 -23.80 10.09 -22.54
C PRO D 312 -23.58 11.26 -21.58
N ASP D 313 -24.21 12.40 -21.84
CA ASP D 313 -24.16 13.58 -20.98
C ASP D 313 -24.94 13.28 -19.72
N LEU D 314 -24.37 13.48 -18.55
CA LEU D 314 -25.10 13.18 -17.30
C LEU D 314 -25.39 14.41 -16.49
N GLN D 315 -24.59 15.48 -16.65
CA GLN D 315 -24.80 16.73 -15.91
C GLN D 315 -23.93 17.83 -16.49
N PRO D 316 -24.29 19.13 -16.30
CA PRO D 316 -23.40 20.21 -16.80
C PRO D 316 -22.00 20.00 -16.25
N GLY D 317 -20.99 20.16 -17.10
CA GLY D 317 -19.65 19.85 -16.65
C GLY D 317 -18.99 20.83 -15.71
N CYS D 318 -19.28 22.14 -15.87
CA CYS D 318 -18.43 23.13 -15.22
C CYS D 318 -19.13 24.40 -14.80
N SER D 319 -18.85 24.85 -13.57
CA SER D 319 -19.46 26.06 -12.99
C SER D 319 -19.02 27.36 -13.68
N ILE D 320 -17.85 27.35 -14.36
CA ILE D 320 -17.29 28.55 -15.01
C ILE D 320 -17.22 28.41 -16.55
N MET D 321 -16.82 27.23 -17.09
CA MET D 321 -16.69 26.99 -18.54
C MET D 321 -18.01 26.44 -19.08
N PRO D 322 -18.79 27.30 -19.76
CA PRO D 322 -20.11 26.86 -20.24
C PRO D 322 -20.04 25.87 -21.41
N GLY D 323 -21.01 24.96 -21.48
CA GLY D 323 -21.11 23.98 -22.56
C GLY D 323 -20.41 22.68 -22.32
N LYS D 324 -19.21 22.74 -21.74
CA LYS D 324 -18.33 21.62 -21.41
C LYS D 324 -19.07 20.52 -20.60
N VAL D 325 -18.93 19.24 -21.03
CA VAL D 325 -19.52 18.07 -20.34
C VAL D 325 -18.37 17.10 -20.02
N ASN D 326 -18.26 16.67 -18.77
CA ASN D 326 -17.12 15.86 -18.32
C ASN D 326 -17.44 14.36 -18.15
N PRO D 327 -16.41 13.48 -18.28
CA PRO D 327 -16.63 12.03 -18.09
C PRO D 327 -16.77 11.68 -16.60
N VAL D 328 -17.89 12.08 -16.00
CA VAL D 328 -18.13 11.93 -14.56
C VAL D 328 -18.24 10.45 -14.10
N LEU D 329 -18.78 9.55 -14.92
CA LEU D 329 -18.88 8.16 -14.45
C LEU D 329 -17.49 7.53 -14.43
N PRO D 330 -16.63 7.64 -15.49
CA PRO D 330 -15.25 7.12 -15.37
C PRO D 330 -14.51 7.72 -14.16
N GLU D 331 -14.76 9.01 -13.81
CA GLU D 331 -14.14 9.64 -12.62
C GLU D 331 -14.62 8.99 -11.32
N ALA D 332 -15.92 8.70 -11.21
CA ALA D 332 -16.43 8.02 -10.02
C ALA D 332 -15.82 6.59 -9.91
N VAL D 333 -15.68 5.89 -11.08
CA VAL D 333 -15.10 4.54 -11.12
C VAL D 333 -13.64 4.56 -10.66
N THR D 334 -12.81 5.48 -11.22
CA THR D 334 -11.38 5.54 -10.86
C THR D 334 -11.19 5.95 -9.40
N GLN D 335 -12.08 6.82 -8.83
CA GLN D 335 -12.01 7.19 -7.41
C GLN D 335 -12.43 6.02 -6.53
N VAL D 336 -13.47 5.25 -6.93
CA VAL D 336 -13.87 4.04 -6.19
C VAL D 336 -12.69 3.08 -6.19
N ALA D 337 -12.02 2.88 -7.36
CA ALA D 337 -10.88 1.96 -7.45
C ALA D 337 -9.78 2.36 -6.47
N ALA D 338 -9.47 3.66 -6.39
CA ALA D 338 -8.47 4.17 -5.43
C ALA D 338 -8.87 3.80 -4.00
N GLN D 339 -10.16 3.96 -3.67
CA GLN D 339 -10.66 3.61 -2.32
C GLN D 339 -10.50 2.11 -2.02
N VAL D 340 -10.81 1.25 -3.01
CA VAL D 340 -10.71 -0.21 -2.86
C VAL D 340 -9.23 -0.58 -2.61
N ILE D 341 -8.28 0.09 -3.31
CA ILE D 341 -6.84 -0.13 -3.13
C ILE D 341 -6.42 0.21 -1.68
N GLY D 342 -6.90 1.35 -1.20
CA GLY D 342 -6.63 1.80 0.17
C GLY D 342 -7.21 0.84 1.19
N ASN D 343 -8.49 0.50 1.00
CA ASN D 343 -9.19 -0.44 1.91
C ASN D 343 -8.45 -1.78 1.95
N ASP D 344 -7.91 -2.20 0.81
CA ASP D 344 -7.17 -3.47 0.65
C ASP D 344 -5.90 -3.46 1.50
N ALA D 345 -5.21 -2.31 1.55
CA ALA D 345 -3.99 -2.15 2.36
C ALA D 345 -4.35 -2.25 3.86
N ALA D 346 -5.46 -1.62 4.28
CA ALA D 346 -5.92 -1.67 5.66
C ALA D 346 -6.30 -3.10 6.06
N ILE D 347 -6.97 -3.86 5.17
CA ILE D 347 -7.40 -5.24 5.46
C ILE D 347 -6.17 -6.14 5.69
N ALA D 348 -5.18 -6.09 4.77
CA ALA D 348 -3.96 -6.91 4.88
C ALA D 348 -3.18 -6.58 6.15
N TRP D 349 -3.09 -5.28 6.51
CA TRP D 349 -2.41 -4.83 7.71
C TRP D 349 -3.03 -5.47 8.97
N GLY D 350 -4.36 -5.41 9.06
CA GLY D 350 -5.10 -6.04 10.15
C GLY D 350 -4.94 -7.55 10.15
N GLY D 351 -5.01 -8.14 8.97
CA GLY D 351 -4.91 -9.59 8.80
C GLY D 351 -3.63 -10.21 9.29
N ALA D 352 -2.53 -9.51 9.11
CA ALA D 352 -1.22 -10.03 9.48
C ALA D 352 -0.93 -9.95 10.96
N ASN D 353 -1.67 -9.11 11.70
CA ASN D 353 -1.32 -8.83 13.07
C ASN D 353 -2.16 -9.55 14.14
N GLY D 354 -2.57 -10.77 13.85
CA GLY D 354 -3.25 -11.57 14.85
C GLY D 354 -2.23 -12.03 15.87
N ALA D 355 -2.69 -12.48 17.04
CA ALA D 355 -1.77 -13.02 18.04
C ALA D 355 -2.41 -14.23 18.69
N PHE D 356 -1.68 -15.36 18.69
CA PHE D 356 -2.12 -16.60 19.32
C PHE D 356 -3.53 -17.01 18.84
N GLU D 357 -4.50 -17.15 19.75
CA GLU D 357 -5.82 -17.70 19.40
C GLU D 357 -6.79 -16.71 18.76
N LEU D 358 -6.40 -15.44 18.57
CA LEU D 358 -7.37 -14.49 18.03
C LEU D 358 -6.76 -13.35 17.25
N ASN D 359 -7.33 -13.06 16.08
CA ASN D 359 -6.95 -11.87 15.35
C ASN D 359 -7.92 -10.78 15.83
N VAL D 360 -7.39 -9.68 16.44
CA VAL D 360 -8.23 -8.64 17.00
C VAL D 360 -8.24 -7.35 16.12
N TYR D 361 -8.50 -7.53 14.83
CA TYR D 361 -8.65 -6.42 13.87
C TYR D 361 -9.96 -6.59 13.10
N ILE D 362 -10.87 -7.45 13.60
CA ILE D 362 -12.09 -7.81 12.86
C ILE D 362 -12.99 -6.62 12.55
N PRO D 363 -13.39 -5.72 13.50
CA PRO D 363 -14.30 -4.63 13.11
C PRO D 363 -13.74 -3.75 11.98
N MET D 364 -12.44 -3.45 12.01
CA MET D 364 -11.77 -2.62 11.00
C MET D 364 -11.72 -3.40 9.66
N MET D 365 -11.34 -4.69 9.71
CA MET D 365 -11.30 -5.48 8.47
C MET D 365 -12.69 -5.60 7.86
N ALA D 366 -13.71 -5.82 8.69
CA ALA D 366 -15.11 -5.94 8.27
C ALA D 366 -15.56 -4.64 7.61
N ARG D 367 -15.26 -3.47 8.24
CA ARG D 367 -15.64 -2.19 7.66
C ARG D 367 -15.11 -2.06 6.21
N ASN D 368 -13.81 -2.30 6.04
CA ASN D 368 -13.13 -2.10 4.77
C ASN D 368 -13.57 -3.08 3.69
N ILE D 369 -13.67 -4.38 4.00
CA ILE D 369 -14.04 -5.38 2.98
C ILE D 369 -15.50 -5.14 2.53
N LEU D 370 -16.40 -4.88 3.47
CA LEU D 370 -17.80 -4.68 3.13
C LEU D 370 -17.98 -3.38 2.35
N GLU D 371 -17.22 -2.33 2.69
CA GLU D 371 -17.29 -1.09 1.93
C GLU D 371 -16.78 -1.33 0.48
N SER D 372 -15.66 -2.05 0.33
CA SER D 372 -15.12 -2.34 -1.01
C SER D 372 -16.16 -3.08 -1.85
N PHE D 373 -16.85 -4.09 -1.27
CA PHE D 373 -17.91 -4.81 -1.99
C PHE D 373 -19.03 -3.84 -2.43
N LYS D 374 -19.49 -2.99 -1.52
CA LYS D 374 -20.57 -2.02 -1.78
C LYS D 374 -20.21 -1.05 -2.89
N LEU D 375 -19.04 -0.38 -2.77
CA LEU D 375 -18.61 0.62 -3.76
C LEU D 375 -18.48 0.02 -5.15
N LEU D 376 -17.85 -1.16 -5.24
CA LEU D 376 -17.65 -1.83 -6.54
C LEU D 376 -18.98 -2.24 -7.14
N THR D 377 -19.92 -2.74 -6.31
CA THR D 377 -21.25 -3.16 -6.79
C THR D 377 -21.99 -1.95 -7.38
N ASN D 378 -22.12 -0.88 -6.57
CA ASN D 378 -22.89 0.31 -6.97
C ASN D 378 -22.27 1.02 -8.15
N VAL D 379 -20.93 1.20 -8.17
CA VAL D 379 -20.32 1.93 -9.29
C VAL D 379 -20.33 1.08 -10.58
N SER D 380 -20.26 -0.27 -10.48
CA SER D 380 -20.25 -1.12 -11.68
C SER D 380 -21.61 -1.00 -12.42
N ARG D 381 -22.73 -1.02 -11.67
CA ARG D 381 -24.08 -0.88 -12.25
C ARG D 381 -24.26 0.50 -12.87
N LEU D 382 -23.83 1.57 -12.16
CA LEU D 382 -23.94 2.94 -12.67
C LEU D 382 -23.09 3.10 -13.93
N PHE D 383 -21.88 2.51 -13.93
CA PHE D 383 -20.97 2.57 -15.09
C PHE D 383 -21.59 1.87 -16.30
N ALA D 384 -22.19 0.68 -16.06
CA ALA D 384 -22.83 -0.06 -17.13
C ALA D 384 -24.05 0.70 -17.71
N GLN D 385 -24.95 1.17 -16.84
CA GLN D 385 -26.22 1.81 -17.24
C GLN D 385 -26.11 3.25 -17.70
N ARG D 386 -25.33 4.08 -16.97
CA ARG D 386 -25.25 5.51 -17.25
C ARG D 386 -24.09 5.90 -18.14
N CYS D 387 -23.22 4.96 -18.47
CA CYS D 387 -22.08 5.29 -19.32
C CYS D 387 -21.94 4.31 -20.51
N ILE D 388 -21.59 3.04 -20.25
CA ILE D 388 -21.32 2.03 -21.30
C ILE D 388 -22.50 1.88 -22.28
N ALA D 389 -23.71 1.61 -21.77
CA ALA D 389 -24.89 1.36 -22.59
C ALA D 389 -25.13 2.44 -23.67
N GLY D 390 -24.92 3.71 -23.32
CA GLY D 390 -25.19 4.83 -24.21
C GLY D 390 -24.04 5.37 -25.03
N LEU D 391 -22.82 4.74 -24.96
CA LEU D 391 -21.68 5.22 -25.76
C LEU D 391 -21.99 5.17 -27.25
N THR D 392 -21.50 6.15 -28.02
CA THR D 392 -21.62 6.11 -29.49
C THR D 392 -20.24 6.31 -30.07
N ALA D 393 -19.96 5.64 -31.17
CA ALA D 393 -18.67 5.73 -31.85
C ALA D 393 -18.67 6.81 -32.92
N ASN D 394 -17.57 7.57 -33.06
CA ASN D 394 -17.40 8.58 -34.12
C ASN D 394 -16.69 7.83 -35.25
N VAL D 395 -17.47 6.99 -35.98
CA VAL D 395 -17.00 6.03 -36.99
C VAL D 395 -16.05 6.66 -38.03
N GLU D 396 -16.42 7.77 -38.65
CA GLU D 396 -15.58 8.40 -39.68
C GLU D 396 -14.20 8.87 -39.13
N HIS D 397 -14.20 9.55 -37.96
CA HIS D 397 -12.97 10.01 -37.32
C HIS D 397 -12.08 8.81 -36.97
N LEU D 398 -12.67 7.73 -36.43
CA LEU D 398 -11.94 6.51 -36.09
C LEU D 398 -11.29 5.88 -37.36
N ARG D 399 -12.02 5.85 -38.49
CA ARG D 399 -11.48 5.32 -39.76
C ARG D 399 -10.28 6.17 -40.22
N ARG D 400 -10.42 7.51 -40.15
CA ARG D 400 -9.34 8.43 -40.55
C ARG D 400 -8.12 8.20 -39.70
N LEU D 401 -8.31 8.03 -38.36
CA LEU D 401 -7.22 7.77 -37.43
C LEU D 401 -6.48 6.50 -37.84
N ALA D 402 -7.24 5.40 -38.11
CA ALA D 402 -6.66 4.13 -38.55
C ALA D 402 -5.77 4.32 -39.77
N GLU D 403 -6.31 5.02 -40.77
CA GLU D 403 -5.63 5.25 -42.06
C GLU D 403 -4.44 6.20 -41.95
N SER D 404 -4.42 7.11 -40.97
CA SER D 404 -3.33 8.08 -40.81
C SER D 404 -2.10 7.46 -40.11
N SER D 405 -2.24 6.30 -39.45
CA SER D 405 -1.09 5.76 -38.71
C SER D 405 0.06 5.32 -39.64
N PRO D 406 1.28 5.88 -39.50
CA PRO D 406 2.41 5.41 -40.35
C PRO D 406 2.76 3.95 -40.07
N SER D 407 2.32 3.39 -38.91
CA SER D 407 2.60 2.00 -38.57
C SER D 407 1.83 1.02 -39.46
N ILE D 408 0.94 1.51 -40.34
CA ILE D 408 0.24 0.64 -41.29
C ILE D 408 1.25 0.08 -42.34
N VAL D 409 2.53 0.51 -42.28
CA VAL D 409 3.58 -0.05 -43.16
C VAL D 409 3.94 -1.49 -42.69
N THR D 410 3.64 -1.82 -41.41
CA THR D 410 3.98 -3.08 -40.75
C THR D 410 3.66 -4.37 -41.55
N PRO D 411 2.47 -4.58 -42.18
CA PRO D 411 2.25 -5.85 -42.90
C PRO D 411 3.15 -6.04 -44.14
N LEU D 412 3.97 -5.03 -44.48
CA LEU D 412 4.90 -5.15 -45.61
C LEU D 412 6.24 -5.77 -45.19
N ASN D 413 6.46 -5.98 -43.88
CA ASN D 413 7.71 -6.56 -43.35
C ASN D 413 8.10 -7.85 -44.07
N SER D 414 7.17 -8.78 -44.32
CA SER D 414 7.52 -10.06 -44.97
C SER D 414 7.93 -9.87 -46.44
N ALA D 415 7.46 -8.79 -47.08
CA ALA D 415 7.76 -8.53 -48.48
C ALA D 415 9.04 -7.70 -48.68
N ILE D 416 9.27 -6.65 -47.85
CA ILE D 416 10.40 -5.75 -48.07
C ILE D 416 11.42 -5.75 -46.93
N GLY D 417 11.09 -6.40 -45.82
CA GLY D 417 11.96 -6.45 -44.66
C GLY D 417 11.74 -5.24 -43.76
N TYR D 418 12.00 -5.41 -42.46
CA TYR D 418 11.83 -4.38 -41.43
C TYR D 418 12.60 -3.07 -41.75
N GLU D 419 13.88 -3.20 -42.17
CA GLU D 419 14.73 -2.03 -42.47
C GLU D 419 14.16 -1.18 -43.60
N GLU D 420 13.72 -1.82 -44.68
CA GLU D 420 13.13 -1.08 -45.80
C GLU D 420 11.73 -0.53 -45.40
N ALA D 421 10.93 -1.26 -44.58
CA ALA D 421 9.63 -0.71 -44.13
C ALA D 421 9.87 0.55 -43.28
N ALA D 422 10.96 0.58 -42.49
CA ALA D 422 11.33 1.76 -41.68
C ALA D 422 11.76 2.92 -42.57
N ALA D 423 12.49 2.63 -43.69
CA ALA D 423 12.88 3.66 -44.66
C ALA D 423 11.63 4.22 -45.35
N VAL D 424 10.61 3.38 -45.58
CA VAL D 424 9.33 3.78 -46.18
C VAL D 424 8.60 4.71 -45.22
N ALA D 425 8.43 4.32 -43.93
CA ALA D 425 7.74 5.11 -42.91
C ALA D 425 8.41 6.50 -42.66
N LYS D 426 9.75 6.58 -42.82
CA LYS D 426 10.57 7.79 -42.67
C LYS D 426 10.39 8.77 -43.83
N GLN D 427 10.52 8.28 -45.09
CA GLN D 427 10.38 9.06 -46.32
C GLN D 427 8.94 9.59 -46.48
N ALA D 428 7.96 8.96 -45.80
CA ALA D 428 6.55 9.33 -45.86
C ALA D 428 6.16 10.43 -44.84
N LEU D 429 6.47 10.22 -43.53
CA LEU D 429 6.16 11.12 -42.41
C LEU D 429 6.86 12.45 -42.55
N LYS D 430 8.08 12.45 -43.11
CA LYS D 430 8.86 13.65 -43.34
C LYS D 430 8.26 14.50 -44.48
N GLU D 431 7.85 13.83 -45.59
CA GLU D 431 7.28 14.48 -46.78
C GLU D 431 5.75 14.67 -46.67
N ARG D 432 5.15 14.28 -45.51
CA ARG D 432 3.71 14.33 -45.23
C ARG D 432 2.91 13.62 -46.37
N LYS D 433 3.48 12.50 -46.87
CA LYS D 433 2.94 11.66 -47.95
C LYS D 433 2.49 10.29 -47.41
N THR D 434 1.71 9.55 -48.21
CA THR D 434 1.15 8.27 -47.79
C THR D 434 2.16 7.14 -47.88
N ILE D 435 1.92 6.08 -47.10
CA ILE D 435 2.74 4.88 -47.11
C ILE D 435 2.70 4.29 -48.54
N ARG D 436 1.50 4.16 -49.13
CA ARG D 436 1.27 3.65 -50.49
C ARG D 436 2.14 4.39 -51.54
N GLN D 437 2.08 5.74 -51.55
CA GLN D 437 2.84 6.60 -52.48
C GLN D 437 4.33 6.30 -52.39
N THR D 438 4.86 6.28 -51.14
CA THR D 438 6.27 6.07 -50.79
C THR D 438 6.73 4.69 -51.27
N VAL D 439 5.93 3.62 -51.02
CA VAL D 439 6.27 2.26 -51.45
C VAL D 439 6.51 2.25 -52.98
N ILE D 440 5.59 2.86 -53.74
CA ILE D 440 5.69 2.96 -55.20
C ILE D 440 6.95 3.76 -55.59
N ASP D 441 7.14 4.96 -54.97
CA ASP D 441 8.25 5.89 -55.21
C ASP D 441 9.64 5.29 -54.96
N ARG D 442 9.74 4.32 -54.05
CA ARG D 442 11.00 3.67 -53.70
C ARG D 442 11.26 2.42 -54.57
N GLY D 443 10.48 2.28 -55.65
CA GLY D 443 10.55 1.18 -56.61
C GLY D 443 10.44 -0.20 -56.00
N LEU D 444 9.48 -0.37 -55.07
CA LEU D 444 9.30 -1.62 -54.35
C LEU D 444 8.29 -2.56 -55.04
N ILE D 445 7.53 -2.05 -56.03
CA ILE D 445 6.58 -2.85 -56.80
C ILE D 445 7.36 -3.76 -57.77
N GLY D 446 7.13 -5.07 -57.67
CA GLY D 446 7.78 -6.09 -58.47
C GLY D 446 7.49 -7.51 -58.01
N ASP D 447 8.51 -8.39 -58.10
CA ASP D 447 8.44 -9.81 -57.71
C ASP D 447 8.06 -10.01 -56.22
N ARG D 448 8.60 -9.16 -55.33
CA ARG D 448 8.32 -9.22 -53.90
C ARG D 448 6.92 -8.66 -53.52
N LEU D 449 6.37 -7.72 -54.34
CA LEU D 449 5.11 -7.04 -54.01
C LEU D 449 4.40 -6.39 -55.22
N SER D 450 3.23 -6.92 -55.60
CA SER D 450 2.45 -6.33 -56.69
C SER D 450 1.57 -5.20 -56.16
N ILE D 451 0.98 -4.40 -57.06
CA ILE D 451 0.07 -3.33 -56.68
C ILE D 451 -1.16 -3.89 -55.93
N GLU D 452 -1.72 -5.03 -56.39
CA GLU D 452 -2.87 -5.69 -55.78
C GLU D 452 -2.50 -6.17 -54.38
N ASP D 453 -1.27 -6.72 -54.21
CA ASP D 453 -0.74 -7.14 -52.90
C ASP D 453 -0.67 -5.93 -51.94
N LEU D 454 -0.14 -4.80 -52.44
CA LEU D 454 0.05 -3.59 -51.63
C LEU D 454 -1.29 -3.09 -51.08
N ASP D 455 -2.29 -2.89 -51.95
CA ASP D 455 -3.61 -2.41 -51.52
C ASP D 455 -4.33 -3.43 -50.62
N ARG D 456 -4.10 -4.75 -50.82
CA ARG D 456 -4.69 -5.74 -49.92
C ARG D 456 -4.07 -5.64 -48.51
N ARG D 457 -2.73 -5.51 -48.46
CA ARG D 457 -2.01 -5.44 -47.18
C ARG D 457 -2.25 -4.14 -46.46
N LEU D 458 -2.48 -3.02 -47.19
CA LEU D 458 -2.68 -1.71 -46.56
C LEU D 458 -4.14 -1.47 -46.11
N ASP D 459 -5.08 -2.38 -46.44
CA ASP D 459 -6.49 -2.19 -46.06
C ASP D 459 -6.60 -2.24 -44.54
N VAL D 460 -6.95 -1.10 -43.89
CA VAL D 460 -6.93 -1.00 -42.43
C VAL D 460 -7.89 -1.96 -41.74
N LEU D 461 -9.12 -2.15 -42.25
CA LEU D 461 -10.04 -3.08 -41.58
C LEU D 461 -9.52 -4.53 -41.68
N ALA D 462 -9.01 -4.93 -42.86
CA ALA D 462 -8.44 -6.28 -43.03
C ALA D 462 -7.22 -6.44 -42.12
N MET D 463 -6.47 -5.35 -41.89
CA MET D 463 -5.29 -5.33 -41.03
C MET D 463 -5.63 -5.59 -39.56
N ALA D 464 -6.86 -5.25 -39.13
CA ALA D 464 -7.31 -5.47 -37.75
C ALA D 464 -7.65 -6.95 -37.50
N LYS D 465 -7.78 -7.75 -38.59
CA LYS D 465 -8.04 -9.20 -38.53
C LYS D 465 -9.18 -9.53 -37.56
N ALA D 466 -10.32 -8.84 -37.70
CA ALA D 466 -11.47 -9.11 -36.84
C ALA D 466 -12.03 -10.50 -37.17
N GLU D 467 -12.34 -11.32 -36.15
CA GLU D 467 -12.87 -12.67 -36.34
C GLU D 467 -14.16 -12.63 -37.19
N GLN D 468 -14.32 -13.62 -38.10
CA GLN D 468 -15.50 -13.69 -38.96
C GLN D 468 -16.69 -14.16 -38.13
N LEU D 469 -17.76 -13.36 -38.12
CA LEU D 469 -18.96 -13.69 -37.36
C LEU D 469 -20.04 -14.23 -38.30
N ASP D 470 -20.71 -15.32 -37.88
CA ASP D 470 -21.76 -15.99 -38.67
C ASP D 470 -23.02 -15.13 -38.77
OXT FUM E . 6.01 0.24 -29.65
C FUM E . 5.62 -0.94 -29.63
O FUM E . 4.42 -1.29 -29.52
C4 FUM E . 6.66 -2.01 -29.67
C5 FUM E . 6.56 -3.31 -29.95
C6 FUM E . 7.73 -4.22 -30.09
O7 FUM E . 7.55 -5.36 -30.59
O8 FUM E . 8.84 -3.83 -29.66
CA CA F . 26.22 21.52 5.54
OXT FUM G . -16.68 -13.75 23.61
C FUM G . -15.88 -12.84 23.90
O FUM G . -16.21 -11.63 23.99
C4 FUM G . -14.44 -13.18 23.99
C5 FUM G . -13.49 -12.39 24.47
C6 FUM G . -12.02 -12.60 24.71
O7 FUM G . -11.42 -11.74 25.39
O8 FUM G . -11.48 -13.57 24.14
CA CA H . -36.51 41.83 -2.95
OXT FUM I . 20.13 -9.34 20.38
C FUM I . 20.64 -8.19 20.35
O FUM I . 20.10 -7.17 20.84
C4 FUM I . 21.91 -8.00 19.58
C5 FUM I . 22.73 -6.98 19.60
C6 FUM I . 24.04 -6.91 18.89
O7 FUM I . 24.81 -5.96 19.15
O8 FUM I . 24.26 -7.78 18.01
OXT FUM J . -15.66 25.09 -11.98
C FUM J . -15.89 23.98 -12.53
O FUM J . -16.88 23.27 -12.26
C4 FUM J . -14.86 23.44 -13.48
C5 FUM J . -15.04 22.41 -14.29
C6 FUM J . -14.16 21.83 -15.36
O7 FUM J . -14.65 21.03 -16.18
O8 FUM J . -12.96 22.14 -15.32
CA CA K . -25.72 -21.78 -4.57
#